data_2MA3
#
_entry.id   2MA3
#
_entity_poly.entity_id   1
_entity_poly.type   'polypeptide(L)'
_entity_poly.pdbx_seq_one_letter_code
;GAMGETGKIDIDKVEGRTPKSERDKFRLLLELIKEYEDDYGGRAPTNILITEMMDRYNVSEEKVEELIRILKDKGAIFEP
ARGYLKIV
;
_entity_poly.pdbx_strand_id   A
#
# COMPACT_ATOMS: atom_id res chain seq x y z
N GLY A 1 -15.42 -28.78 -41.14
CA GLY A 1 -14.12 -28.13 -40.94
C GLY A 1 -14.31 -27.13 -39.82
N ALA A 2 -14.39 -25.84 -40.16
CA ALA A 2 -15.30 -24.95 -39.45
C ALA A 2 -16.76 -25.42 -39.68
N MET A 3 -17.70 -24.76 -39.01
CA MET A 3 -19.15 -24.91 -39.16
C MET A 3 -19.78 -23.53 -38.99
N GLY A 4 -21.09 -23.41 -39.21
CA GLY A 4 -21.85 -22.22 -38.85
C GLY A 4 -22.17 -22.20 -37.35
N GLU A 5 -22.70 -21.07 -36.88
CA GLU A 5 -23.16 -20.89 -35.51
C GLU A 5 -24.28 -19.83 -35.53
N THR A 6 -24.76 -19.46 -34.35
CA THR A 6 -26.02 -18.81 -34.05
C THR A 6 -25.78 -17.46 -33.35
N GLY A 7 -26.85 -16.80 -32.90
CA GLY A 7 -26.80 -15.59 -32.07
C GLY A 7 -25.95 -14.48 -32.67
N LYS A 8 -26.30 -14.10 -33.90
CA LYS A 8 -25.60 -13.05 -34.61
C LYS A 8 -25.67 -11.72 -33.83
N ILE A 9 -24.66 -10.86 -34.05
CA ILE A 9 -24.55 -9.52 -33.50
C ILE A 9 -24.06 -8.59 -34.63
N ASP A 10 -23.92 -7.30 -34.33
CA ASP A 10 -23.27 -6.31 -35.18
C ASP A 10 -22.49 -5.36 -34.25
N ILE A 11 -21.64 -4.49 -34.82
CA ILE A 11 -20.73 -3.61 -34.10
C ILE A 11 -21.11 -2.18 -34.42
N ASP A 12 -21.96 -1.62 -33.56
CA ASP A 12 -22.21 -0.19 -33.45
C ASP A 12 -21.22 0.32 -32.40
N LYS A 13 -21.66 0.64 -31.19
CA LYS A 13 -20.85 1.31 -30.16
C LYS A 13 -19.85 0.39 -29.46
N VAL A 14 -19.77 -0.89 -29.83
CA VAL A 14 -19.15 -2.01 -29.10
C VAL A 14 -17.61 -2.00 -29.12
N GLU A 15 -16.99 -0.81 -29.17
CA GLU A 15 -15.57 -0.62 -28.97
C GLU A 15 -15.24 -0.71 -27.46
N GLY A 16 -13.98 -0.45 -27.11
CA GLY A 16 -13.53 -0.23 -25.72
C GLY A 16 -13.67 -1.44 -24.79
N ARG A 17 -14.02 -2.61 -25.34
CA ARG A 17 -14.35 -3.84 -24.61
C ARG A 17 -13.10 -4.51 -24.02
N THR A 18 -12.58 -3.87 -22.99
CA THR A 18 -11.38 -4.25 -22.24
C THR A 18 -11.59 -3.98 -20.75
N PRO A 19 -10.90 -4.69 -19.85
CA PRO A 19 -10.92 -4.43 -18.42
C PRO A 19 -10.12 -3.16 -18.08
N LYS A 20 -10.18 -2.74 -16.82
CA LYS A 20 -9.38 -1.64 -16.28
C LYS A 20 -9.05 -1.96 -14.82
N SER A 21 -7.82 -1.66 -14.38
CA SER A 21 -7.42 -1.51 -12.99
C SER A 21 -6.05 -0.84 -13.02
N GLU A 22 -5.79 0.08 -12.10
CA GLU A 22 -4.67 1.01 -12.14
C GLU A 22 -4.12 1.27 -10.73
N ARG A 23 -3.26 2.29 -10.59
CA ARG A 23 -2.74 2.78 -9.33
C ARG A 23 -2.87 4.30 -9.26
N ASP A 24 -2.64 4.81 -8.05
CA ASP A 24 -2.66 6.21 -7.69
C ASP A 24 -1.64 6.41 -6.57
N LYS A 25 -1.21 7.64 -6.34
CA LYS A 25 -0.42 8.04 -5.19
C LYS A 25 -0.99 7.48 -3.87
N PHE A 26 -2.30 7.62 -3.61
CA PHE A 26 -2.94 7.08 -2.41
C PHE A 26 -2.73 5.57 -2.32
N ARG A 27 -2.98 4.89 -3.44
CA ARG A 27 -2.80 3.46 -3.61
C ARG A 27 -1.33 3.10 -3.38
N LEU A 28 -0.39 3.83 -3.98
CA LEU A 28 1.04 3.52 -3.94
C LEU A 28 1.58 3.69 -2.53
N LEU A 29 1.14 4.71 -1.79
CA LEU A 29 1.47 4.79 -0.37
C LEU A 29 0.91 3.56 0.36
N LEU A 30 -0.38 3.25 0.17
CA LEU A 30 -1.04 2.20 0.93
C LEU A 30 -0.40 0.84 0.64
N GLU A 31 0.02 0.62 -0.61
CA GLU A 31 0.73 -0.57 -1.04
C GLU A 31 2.02 -0.75 -0.23
N LEU A 32 2.80 0.33 -0.03
CA LEU A 32 4.00 0.24 0.80
C LEU A 32 3.68 -0.14 2.23
N ILE A 33 2.55 0.35 2.77
CA ILE A 33 2.20 0.05 4.15
C ILE A 33 2.03 -1.48 4.28
N LYS A 34 1.32 -2.12 3.35
CA LYS A 34 1.04 -3.55 3.48
C LYS A 34 2.27 -4.37 3.10
N GLU A 35 3.06 -3.90 2.14
CA GLU A 35 4.27 -4.57 1.69
C GLU A 35 5.45 -4.35 2.65
N TYR A 36 5.24 -3.63 3.75
CA TYR A 36 6.16 -3.55 4.88
C TYR A 36 5.57 -4.14 6.15
N GLU A 37 4.25 -4.10 6.35
CA GLU A 37 3.58 -4.71 7.48
C GLU A 37 4.08 -6.15 7.68
N ASP A 38 3.91 -7.01 6.68
CA ASP A 38 4.24 -8.43 6.79
C ASP A 38 5.73 -8.65 7.06
N ASP A 39 6.56 -7.76 6.53
CA ASP A 39 8.02 -7.79 6.66
C ASP A 39 8.47 -7.41 8.06
N TYR A 40 7.80 -6.43 8.66
CA TYR A 40 8.06 -5.95 10.01
C TYR A 40 7.22 -6.72 11.03
N GLY A 41 6.36 -7.63 10.56
CA GLY A 41 5.48 -8.41 11.45
C GLY A 41 4.39 -7.52 12.05
N GLY A 42 4.01 -6.50 11.29
CA GLY A 42 2.88 -5.61 11.48
C GLY A 42 3.29 -4.16 11.70
N ARG A 43 4.38 -3.68 11.07
CA ARG A 43 4.73 -2.26 11.06
C ARG A 43 4.99 -1.80 9.63
N ALA A 44 4.82 -0.50 9.39
CA ALA A 44 5.32 0.16 8.20
C ALA A 44 5.96 1.47 8.67
N PRO A 45 7.28 1.52 8.88
CA PRO A 45 7.95 2.68 9.44
C PRO A 45 7.81 3.89 8.50
N THR A 46 7.26 4.99 9.02
CA THR A 46 6.75 6.12 8.25
C THR A 46 7.89 6.79 7.48
N ASN A 47 9.07 6.86 8.10
CA ASN A 47 10.24 7.42 7.43
C ASN A 47 10.65 6.57 6.23
N ILE A 48 10.56 5.24 6.33
CA ILE A 48 10.91 4.36 5.23
C ILE A 48 9.85 4.51 4.14
N LEU A 49 8.55 4.56 4.46
CA LEU A 49 7.50 4.85 3.49
C LEU A 49 7.82 6.10 2.69
N ILE A 50 8.24 7.19 3.36
CA ILE A 50 8.63 8.43 2.70
C ILE A 50 9.79 8.15 1.73
N THR A 51 10.95 7.72 2.27
CA THR A 51 12.16 7.49 1.50
C THR A 51 11.87 6.56 0.31
N GLU A 52 11.21 5.43 0.56
CA GLU A 52 10.88 4.44 -0.45
C GLU A 52 9.85 4.98 -1.44
N MET A 53 8.87 5.79 -1.06
CA MET A 53 7.98 6.42 -2.04
C MET A 53 8.77 7.36 -2.97
N MET A 54 9.78 8.09 -2.48
CA MET A 54 10.61 8.91 -3.38
C MET A 54 11.50 8.03 -4.27
N ASP A 55 11.75 6.78 -3.86
CA ASP A 55 12.64 5.87 -4.56
C ASP A 55 11.85 5.14 -5.65
N ARG A 56 10.75 4.52 -5.23
CA ARG A 56 9.94 3.63 -6.01
C ARG A 56 9.06 4.43 -6.96
N TYR A 57 8.59 5.62 -6.54
CA TYR A 57 7.53 6.34 -7.24
C TYR A 57 7.80 7.85 -7.37
N ASN A 58 8.99 8.31 -6.99
CA ASN A 58 9.47 9.70 -7.12
C ASN A 58 8.58 10.73 -6.40
N VAL A 59 7.82 10.31 -5.39
CA VAL A 59 6.89 11.20 -4.68
C VAL A 59 7.69 11.97 -3.62
N SER A 60 7.64 13.31 -3.66
CA SER A 60 8.34 14.20 -2.77
C SER A 60 7.81 14.05 -1.34
N GLU A 61 8.67 14.25 -0.33
CA GLU A 61 8.37 14.00 1.07
C GLU A 61 7.11 14.73 1.54
N GLU A 62 6.89 15.96 1.04
CA GLU A 62 5.73 16.76 1.39
C GLU A 62 4.46 16.03 0.95
N LYS A 63 4.50 15.51 -0.28
CA LYS A 63 3.38 14.82 -0.88
C LYS A 63 3.20 13.48 -0.19
N VAL A 64 4.26 12.74 0.11
CA VAL A 64 4.08 11.48 0.83
C VAL A 64 3.43 11.79 2.17
N GLU A 65 3.92 12.78 2.92
CA GLU A 65 3.30 13.16 4.17
C GLU A 65 1.82 13.52 3.99
N GLU A 66 1.46 14.18 2.90
CA GLU A 66 0.05 14.49 2.65
C GLU A 66 -0.77 13.21 2.40
N LEU A 67 -0.25 12.28 1.61
CA LEU A 67 -0.88 10.96 1.40
C LEU A 67 -1.10 10.31 2.76
N ILE A 68 -0.09 10.36 3.62
CA ILE A 68 -0.13 9.82 4.96
C ILE A 68 -1.28 10.48 5.73
N ARG A 69 -1.45 11.80 5.69
CA ARG A 69 -2.51 12.43 6.48
C ARG A 69 -3.86 12.06 5.93
N ILE A 70 -4.02 12.18 4.62
CA ILE A 70 -5.28 11.92 3.94
C ILE A 70 -5.77 10.52 4.31
N LEU A 71 -4.97 9.47 4.04
CA LEU A 71 -5.45 8.13 4.33
C LEU A 71 -5.65 7.90 5.84
N LYS A 72 -4.94 8.63 6.71
CA LYS A 72 -5.10 8.56 8.18
C LYS A 72 -6.45 9.12 8.58
N ASP A 73 -6.78 10.25 7.97
CA ASP A 73 -7.97 11.07 8.19
C ASP A 73 -9.22 10.31 7.77
N LYS A 74 -9.09 9.59 6.66
CA LYS A 74 -10.11 8.69 6.15
C LYS A 74 -10.30 7.46 7.03
N GLY A 75 -9.39 7.21 7.99
CA GLY A 75 -9.36 5.95 8.72
C GLY A 75 -9.12 4.77 7.78
N ALA A 76 -8.46 5.00 6.63
CA ALA A 76 -7.96 3.91 5.80
C ALA A 76 -6.68 3.35 6.42
N ILE A 77 -5.89 4.22 7.05
CA ILE A 77 -4.67 3.83 7.75
C ILE A 77 -4.64 4.55 9.09
N PHE A 78 -3.56 4.32 9.84
CA PHE A 78 -3.31 4.94 11.11
C PHE A 78 -1.81 5.00 11.37
N GLU A 79 -1.43 5.70 12.44
CA GLU A 79 -0.06 5.79 12.92
C GLU A 79 -0.07 5.35 14.39
N PRO A 80 -0.06 4.02 14.66
CA PRO A 80 -0.17 3.48 16.02
C PRO A 80 1.02 3.79 16.93
N ALA A 81 2.17 4.18 16.36
CA ALA A 81 3.35 4.60 17.12
C ALA A 81 4.07 5.76 16.44
N ARG A 82 5.23 6.14 16.96
CA ARG A 82 5.92 7.43 16.76
C ARG A 82 6.56 7.61 15.37
N GLY A 83 6.13 6.80 14.41
CA GLY A 83 6.72 6.68 13.08
C GLY A 83 6.54 5.27 12.54
N TYR A 84 5.39 4.65 12.84
CA TYR A 84 4.97 3.34 12.36
C TYR A 84 3.52 3.54 11.90
N LEU A 85 3.25 3.36 10.60
CA LEU A 85 1.91 3.32 10.02
C LEU A 85 1.35 1.91 9.99
N LYS A 86 0.02 1.81 10.00
CA LYS A 86 -0.76 0.58 9.98
C LYS A 86 -1.95 0.77 9.05
N ILE A 87 -2.32 -0.27 8.31
CA ILE A 87 -3.59 -0.30 7.59
C ILE A 87 -4.69 -0.60 8.61
N VAL A 88 -5.72 0.26 8.58
CA VAL A 88 -6.68 0.53 9.65
C VAL A 88 -6.67 -0.46 10.83
N GLY A 1 -33.11 -17.78 -0.67
CA GLY A 1 -33.38 -17.80 0.77
C GLY A 1 -32.14 -17.36 1.54
N ALA A 2 -32.07 -17.70 2.84
CA ALA A 2 -30.93 -17.53 3.74
C ALA A 2 -30.24 -16.14 3.71
N MET A 3 -30.97 -15.08 3.34
CA MET A 3 -30.47 -13.76 2.92
C MET A 3 -29.64 -13.82 1.62
N GLY A 4 -28.72 -14.78 1.49
CA GLY A 4 -28.08 -15.15 0.24
C GLY A 4 -27.62 -16.60 0.33
N GLU A 5 -27.30 -17.21 -0.81
CA GLU A 5 -26.89 -18.61 -0.89
C GLU A 5 -25.69 -18.72 -1.85
N THR A 6 -24.78 -19.66 -1.57
CA THR A 6 -23.52 -19.83 -2.27
C THR A 6 -23.75 -20.59 -3.58
N GLY A 7 -24.38 -19.94 -4.56
CA GLY A 7 -24.72 -20.55 -5.83
C GLY A 7 -24.84 -19.53 -6.95
N LYS A 8 -23.71 -18.96 -7.40
CA LYS A 8 -23.61 -18.16 -8.61
C LYS A 8 -22.19 -18.26 -9.18
N ILE A 9 -22.02 -17.79 -10.42
CA ILE A 9 -20.74 -17.55 -11.10
C ILE A 9 -20.93 -16.26 -11.92
N ASP A 10 -19.87 -15.78 -12.58
CA ASP A 10 -19.95 -14.69 -13.56
C ASP A 10 -18.95 -14.97 -14.68
N ILE A 11 -19.26 -14.47 -15.88
CA ILE A 11 -18.61 -14.71 -17.16
C ILE A 11 -18.21 -13.38 -17.82
N ASP A 12 -18.35 -12.25 -17.11
CA ASP A 12 -17.92 -10.88 -17.38
C ASP A 12 -16.74 -10.77 -18.35
N LYS A 13 -15.61 -11.40 -18.00
CA LYS A 13 -14.36 -11.55 -18.73
C LYS A 13 -14.49 -12.05 -20.18
N VAL A 14 -15.69 -12.44 -20.61
CA VAL A 14 -16.01 -12.65 -22.04
C VAL A 14 -15.82 -11.36 -22.86
N GLU A 15 -15.97 -10.17 -22.24
CA GLU A 15 -15.74 -8.88 -22.88
C GLU A 15 -15.08 -7.95 -21.85
N GLY A 16 -14.83 -6.68 -22.18
CA GLY A 16 -14.12 -5.70 -21.34
C GLY A 16 -12.62 -5.90 -21.29
N ARG A 17 -12.27 -7.16 -21.05
CA ARG A 17 -10.96 -7.64 -20.74
C ARG A 17 -9.94 -7.16 -21.77
N THR A 18 -9.14 -6.20 -21.32
CA THR A 18 -8.14 -5.47 -22.11
C THR A 18 -6.93 -5.16 -21.21
N PRO A 19 -5.75 -4.85 -21.80
CA PRO A 19 -4.56 -4.49 -21.04
C PRO A 19 -4.72 -3.07 -20.45
N LYS A 20 -5.26 -2.99 -19.22
CA LYS A 20 -5.38 -1.75 -18.46
C LYS A 20 -5.08 -2.06 -17.00
N SER A 21 -4.58 -1.06 -16.27
CA SER A 21 -4.28 -1.10 -14.84
C SER A 21 -4.67 0.25 -14.23
N GLU A 22 -4.51 0.38 -12.90
CA GLU A 22 -4.69 1.63 -12.17
C GLU A 22 -3.61 1.68 -11.09
N ARG A 23 -3.17 2.88 -10.74
CA ARG A 23 -2.40 3.19 -9.54
C ARG A 23 -2.71 4.65 -9.18
N ASP A 24 -2.35 5.04 -7.96
CA ASP A 24 -2.45 6.42 -7.48
C ASP A 24 -1.44 6.58 -6.35
N LYS A 25 -1.05 7.80 -5.98
CA LYS A 25 -0.18 7.99 -4.84
C LYS A 25 -0.79 7.42 -3.55
N PHE A 26 -2.12 7.55 -3.35
CA PHE A 26 -2.84 6.95 -2.22
C PHE A 26 -2.66 5.43 -2.23
N ARG A 27 -2.87 4.80 -3.40
CA ARG A 27 -2.62 3.39 -3.63
C ARG A 27 -1.14 3.07 -3.34
N LEU A 28 -0.18 3.75 -3.96
CA LEU A 28 1.25 3.51 -3.84
C LEU A 28 1.64 3.54 -2.36
N LEU A 29 1.17 4.54 -1.62
CA LEU A 29 1.42 4.62 -0.20
C LEU A 29 0.83 3.40 0.52
N LEU A 30 -0.44 3.06 0.27
CA LEU A 30 -1.14 2.04 1.05
C LEU A 30 -0.51 0.66 0.78
N GLU A 31 -0.10 0.41 -0.46
CA GLU A 31 0.53 -0.82 -0.89
C GLU A 31 1.95 -0.92 -0.30
N LEU A 32 2.66 0.21 -0.14
CA LEU A 32 3.90 0.19 0.63
C LEU A 32 3.62 -0.12 2.10
N ILE A 33 2.51 0.35 2.67
CA ILE A 33 2.19 0.00 4.06
C ILE A 33 2.06 -1.53 4.17
N LYS A 34 1.39 -2.21 3.24
CA LYS A 34 1.15 -3.64 3.42
C LYS A 34 2.41 -4.44 3.12
N GLU A 35 3.23 -3.97 2.18
CA GLU A 35 4.46 -4.66 1.82
C GLU A 35 5.50 -4.57 2.95
N TYR A 36 5.33 -3.62 3.89
CA TYR A 36 6.25 -3.39 4.99
C TYR A 36 5.64 -3.79 6.33
N GLU A 37 4.31 -3.83 6.43
CA GLU A 37 3.58 -4.45 7.52
C GLU A 37 4.08 -5.88 7.74
N ASP A 38 4.02 -6.72 6.70
CA ASP A 38 4.31 -8.15 6.82
C ASP A 38 5.74 -8.38 7.29
N ASP A 39 6.65 -7.48 6.90
CA ASP A 39 8.06 -7.50 7.25
C ASP A 39 8.31 -7.20 8.72
N TYR A 40 7.52 -6.28 9.27
CA TYR A 40 7.63 -5.85 10.65
C TYR A 40 6.60 -6.56 11.52
N GLY A 41 5.77 -7.43 10.92
CA GLY A 41 4.78 -8.22 11.65
C GLY A 41 3.49 -7.47 11.94
N GLY A 42 3.22 -6.40 11.18
CA GLY A 42 1.97 -5.66 11.12
C GLY A 42 2.13 -4.19 11.54
N ARG A 43 3.24 -3.57 11.12
CA ARG A 43 3.59 -2.18 11.38
C ARG A 43 4.50 -1.76 10.22
N ALA A 44 4.53 -0.50 9.78
CA ALA A 44 5.31 -0.09 8.61
C ALA A 44 6.04 1.24 8.90
N PRO A 45 7.38 1.28 8.98
CA PRO A 45 8.13 2.48 9.35
C PRO A 45 7.91 3.62 8.34
N THR A 46 7.34 4.74 8.80
CA THR A 46 6.94 5.87 7.98
C THR A 46 8.14 6.48 7.27
N ASN A 47 9.31 6.46 7.93
CA ASN A 47 10.55 6.96 7.36
C ASN A 47 10.91 6.18 6.09
N ILE A 48 10.69 4.86 6.11
CA ILE A 48 10.94 4.00 4.97
C ILE A 48 9.87 4.25 3.93
N LEU A 49 8.58 4.33 4.30
CA LEU A 49 7.51 4.66 3.36
C LEU A 49 7.81 5.91 2.55
N ILE A 50 8.25 6.99 3.21
CA ILE A 50 8.62 8.25 2.55
C ILE A 50 9.80 7.98 1.60
N THR A 51 10.90 7.44 2.15
CA THR A 51 12.13 7.15 1.40
C THR A 51 11.82 6.30 0.17
N GLU A 52 11.08 5.21 0.33
CA GLU A 52 10.65 4.31 -0.72
C GLU A 52 9.81 5.05 -1.75
N MET A 53 8.85 5.88 -1.34
CA MET A 53 8.03 6.61 -2.29
C MET A 53 8.88 7.53 -3.18
N MET A 54 9.85 8.28 -2.59
CA MET A 54 10.63 9.23 -3.38
C MET A 54 11.67 8.49 -4.24
N ASP A 55 11.95 7.22 -3.92
CA ASP A 55 12.88 6.40 -4.67
C ASP A 55 12.15 5.74 -5.82
N ARG A 56 11.09 5.00 -5.46
CA ARG A 56 10.48 4.02 -6.31
C ARG A 56 9.43 4.66 -7.21
N TYR A 57 8.85 5.78 -6.77
CA TYR A 57 7.75 6.42 -7.48
C TYR A 57 7.96 7.93 -7.64
N ASN A 58 9.11 8.46 -7.19
CA ASN A 58 9.50 9.86 -7.16
C ASN A 58 8.37 10.78 -6.72
N VAL A 59 7.82 10.47 -5.55
CA VAL A 59 6.84 11.29 -4.86
C VAL A 59 7.58 11.99 -3.71
N SER A 60 7.64 13.33 -3.73
CA SER A 60 8.38 14.14 -2.78
C SER A 60 7.79 13.95 -1.38
N GLU A 61 8.61 14.09 -0.35
CA GLU A 61 8.27 13.87 1.05
C GLU A 61 6.95 14.55 1.44
N GLU A 62 6.72 15.78 0.99
CA GLU A 62 5.51 16.53 1.33
C GLU A 62 4.29 15.89 0.64
N LYS A 63 4.49 15.55 -0.63
CA LYS A 63 3.55 14.89 -1.52
C LYS A 63 3.26 13.45 -1.08
N VAL A 64 4.09 12.88 -0.19
CA VAL A 64 3.82 11.65 0.54
C VAL A 64 3.16 11.94 1.89
N GLU A 65 3.65 12.90 2.68
CA GLU A 65 3.12 13.18 4.01
C GLU A 65 1.67 13.66 3.98
N GLU A 66 1.22 14.22 2.85
CA GLU A 66 -0.20 14.45 2.63
C GLU A 66 -0.96 13.12 2.57
N LEU A 67 -0.45 12.12 1.85
CA LEU A 67 -1.06 10.82 1.65
C LEU A 67 -1.24 10.18 3.01
N ILE A 68 -0.18 10.29 3.82
CA ILE A 68 -0.13 9.77 5.17
C ILE A 68 -1.23 10.40 6.02
N ARG A 69 -1.47 11.72 5.93
CA ARG A 69 -2.50 12.33 6.79
C ARG A 69 -3.90 12.09 6.23
N ILE A 70 -4.07 12.16 4.91
CA ILE A 70 -5.35 11.93 4.23
C ILE A 70 -5.83 10.54 4.58
N LEU A 71 -5.07 9.49 4.29
CA LEU A 71 -5.56 8.15 4.53
C LEU A 71 -5.74 7.85 6.04
N LYS A 72 -5.06 8.59 6.93
CA LYS A 72 -5.25 8.49 8.38
C LYS A 72 -6.60 9.06 8.77
N ASP A 73 -6.93 10.21 8.18
CA ASP A 73 -8.15 10.98 8.40
C ASP A 73 -9.37 10.19 7.95
N LYS A 74 -9.20 9.49 6.83
CA LYS A 74 -10.17 8.57 6.28
C LYS A 74 -10.33 7.30 7.13
N GLY A 75 -9.47 7.07 8.12
CA GLY A 75 -9.45 5.81 8.86
C GLY A 75 -9.11 4.64 7.94
N ALA A 76 -8.43 4.90 6.81
CA ALA A 76 -7.88 3.85 5.96
C ALA A 76 -6.58 3.34 6.57
N ILE A 77 -5.79 4.23 7.19
CA ILE A 77 -4.54 3.85 7.86
C ILE A 77 -4.52 4.47 9.25
N PHE A 78 -3.47 4.14 9.98
CA PHE A 78 -3.24 4.63 11.32
C PHE A 78 -1.74 4.67 11.60
N GLU A 79 -1.38 5.22 12.74
CA GLU A 79 0.00 5.42 13.18
C GLU A 79 0.18 4.78 14.57
N PRO A 80 0.44 3.46 14.65
CA PRO A 80 0.66 2.73 15.91
C PRO A 80 1.92 3.10 16.68
N ALA A 81 2.72 3.98 16.13
CA ALA A 81 3.77 4.70 16.83
C ALA A 81 4.14 5.90 16.00
N ARG A 82 4.59 6.98 16.64
CA ARG A 82 5.13 8.12 15.93
C ARG A 82 6.27 7.64 15.05
N GLY A 83 6.04 7.68 13.74
CA GLY A 83 6.99 7.21 12.75
C GLY A 83 6.77 5.78 12.24
N TYR A 84 5.65 5.13 12.58
CA TYR A 84 5.28 3.83 12.03
C TYR A 84 3.78 3.77 11.76
N LEU A 85 3.39 3.41 10.53
CA LEU A 85 2.01 3.26 10.07
C LEU A 85 1.50 1.82 10.21
N LYS A 86 0.20 1.65 9.98
CA LYS A 86 -0.54 0.40 9.86
C LYS A 86 -1.79 0.70 9.02
N ILE A 87 -2.34 -0.33 8.35
CA ILE A 87 -3.64 -0.24 7.71
C ILE A 87 -4.72 -0.41 8.79
N VAL A 88 -5.54 0.64 8.92
CA VAL A 88 -6.40 1.01 10.04
C VAL A 88 -5.97 0.35 11.36
N GLY A 1 -26.84 -20.51 -22.34
CA GLY A 1 -26.54 -21.24 -21.10
C GLY A 1 -25.09 -21.00 -20.72
N ALA A 2 -24.42 -22.03 -20.20
CA ALA A 2 -22.95 -22.04 -20.15
C ALA A 2 -22.39 -22.08 -21.58
N MET A 3 -21.08 -21.87 -21.72
CA MET A 3 -20.34 -21.96 -22.96
C MET A 3 -18.88 -22.28 -22.62
N GLY A 4 -18.07 -22.57 -23.64
CA GLY A 4 -16.63 -22.76 -23.54
C GLY A 4 -16.05 -22.85 -24.95
N GLU A 5 -14.73 -22.71 -25.07
CA GLU A 5 -14.00 -22.68 -26.33
C GLU A 5 -12.65 -23.38 -26.15
N THR A 6 -11.92 -23.61 -27.23
CA THR A 6 -10.50 -23.90 -27.24
C THR A 6 -9.71 -22.64 -26.83
N GLY A 7 -8.41 -22.79 -26.56
CA GLY A 7 -7.55 -21.70 -26.08
C GLY A 7 -7.74 -21.48 -24.58
N LYS A 8 -6.62 -21.39 -23.84
CA LYS A 8 -6.60 -21.05 -22.41
C LYS A 8 -5.36 -20.15 -22.21
N ILE A 9 -5.21 -19.63 -20.99
CA ILE A 9 -4.11 -18.75 -20.58
C ILE A 9 -3.33 -19.44 -19.46
N ASP A 10 -2.17 -18.85 -19.09
CA ASP A 10 -1.26 -19.39 -18.08
C ASP A 10 -0.67 -18.18 -17.31
N ILE A 11 -0.01 -18.44 -16.18
CA ILE A 11 0.62 -17.47 -15.29
C ILE A 11 1.95 -18.00 -14.79
N ASP A 12 1.97 -19.28 -14.46
CA ASP A 12 3.15 -20.09 -14.13
C ASP A 12 4.25 -19.95 -15.20
N LYS A 13 3.88 -19.76 -16.47
CA LYS A 13 4.84 -19.55 -17.55
C LYS A 13 5.50 -18.16 -17.56
N VAL A 14 5.11 -17.21 -16.69
CA VAL A 14 5.54 -15.82 -16.82
C VAL A 14 5.80 -15.16 -15.47
N GLU A 15 6.79 -14.28 -15.51
CA GLU A 15 7.03 -13.19 -14.58
C GLU A 15 7.80 -12.15 -15.43
N GLY A 16 7.81 -10.90 -14.98
CA GLY A 16 8.39 -9.76 -15.65
C GLY A 16 8.00 -8.53 -14.83
N ARG A 17 7.67 -7.41 -15.47
CA ARG A 17 6.87 -6.38 -14.80
C ARG A 17 5.85 -5.89 -15.82
N THR A 18 4.77 -5.29 -15.34
CA THR A 18 3.67 -4.79 -16.14
C THR A 18 3.20 -3.46 -15.56
N PRO A 19 2.30 -2.76 -16.27
CA PRO A 19 1.45 -1.76 -15.65
C PRO A 19 0.54 -2.46 -14.62
N LYS A 20 -0.25 -1.66 -13.90
CA LYS A 20 -1.47 -2.11 -13.23
C LYS A 20 -2.63 -1.47 -13.99
N SER A 21 -3.82 -2.08 -13.93
CA SER A 21 -5.02 -1.55 -14.57
C SER A 21 -5.46 -0.21 -13.98
N GLU A 22 -5.11 0.06 -12.72
CA GLU A 22 -5.25 1.35 -12.07
C GLU A 22 -4.13 1.49 -11.04
N ARG A 23 -3.81 2.73 -10.66
CA ARG A 23 -2.95 3.08 -9.55
C ARG A 23 -3.21 4.54 -9.21
N ASP A 24 -2.77 4.97 -8.04
CA ASP A 24 -2.95 6.30 -7.47
C ASP A 24 -1.83 6.51 -6.48
N LYS A 25 -1.39 7.74 -6.22
CA LYS A 25 -0.40 7.99 -5.18
C LYS A 25 -0.91 7.43 -3.84
N PHE A 26 -2.23 7.47 -3.59
CA PHE A 26 -2.85 6.79 -2.45
C PHE A 26 -2.59 5.28 -2.46
N ARG A 27 -2.86 4.60 -3.58
CA ARG A 27 -2.58 3.17 -3.74
C ARG A 27 -1.08 2.92 -3.56
N LEU A 28 -0.21 3.71 -4.21
CA LEU A 28 1.23 3.53 -4.19
C LEU A 28 1.74 3.63 -2.75
N LEU A 29 1.23 4.59 -1.95
CA LEU A 29 1.56 4.64 -0.53
C LEU A 29 1.05 3.38 0.18
N LEU A 30 -0.22 3.03 0.00
CA LEU A 30 -0.89 1.97 0.74
C LEU A 30 -0.22 0.62 0.49
N GLU A 31 0.24 0.36 -0.74
CA GLU A 31 1.04 -0.80 -1.14
C GLU A 31 2.29 -0.89 -0.25
N LEU A 32 3.01 0.21 -0.03
CA LEU A 32 4.18 0.16 0.86
C LEU A 32 3.78 -0.19 2.27
N ILE A 33 2.61 0.25 2.75
CA ILE A 33 2.17 -0.10 4.09
C ILE A 33 1.98 -1.61 4.18
N LYS A 34 1.33 -2.24 3.19
CA LYS A 34 1.04 -3.68 3.27
C LYS A 34 2.32 -4.48 3.06
N GLU A 35 3.22 -4.00 2.20
CA GLU A 35 4.43 -4.70 1.85
C GLU A 35 5.56 -4.49 2.87
N TYR A 36 5.32 -3.67 3.91
CA TYR A 36 6.19 -3.53 5.06
C TYR A 36 5.53 -4.05 6.33
N GLU A 37 4.19 -4.05 6.40
CA GLU A 37 3.46 -4.67 7.50
C GLU A 37 3.93 -6.10 7.71
N ASP A 38 3.94 -6.92 6.67
CA ASP A 38 4.23 -8.35 6.79
C ASP A 38 5.66 -8.59 7.29
N ASP A 39 6.56 -7.67 6.96
CA ASP A 39 7.96 -7.69 7.36
C ASP A 39 8.13 -7.39 8.83
N TYR A 40 7.39 -6.38 9.30
CA TYR A 40 7.50 -5.87 10.66
C TYR A 40 6.47 -6.53 11.59
N GLY A 41 5.64 -7.43 11.03
CA GLY A 41 4.64 -8.14 11.81
C GLY A 41 3.44 -7.24 12.14
N GLY A 42 3.12 -6.35 11.20
CA GLY A 42 1.97 -5.48 11.15
C GLY A 42 2.33 -4.05 11.57
N ARG A 43 3.45 -3.51 11.11
CA ARG A 43 3.83 -2.10 11.27
C ARG A 43 4.53 -1.71 9.96
N ALA A 44 4.55 -0.44 9.57
CA ALA A 44 5.30 0.01 8.39
C ALA A 44 6.03 1.31 8.73
N PRO A 45 7.37 1.33 8.81
CA PRO A 45 8.13 2.49 9.26
C PRO A 45 7.92 3.69 8.32
N THR A 46 7.30 4.74 8.84
CA THR A 46 6.77 5.86 8.06
C THR A 46 7.91 6.57 7.33
N ASN A 47 9.07 6.68 7.98
CA ASN A 47 10.22 7.30 7.34
C ASN A 47 10.67 6.48 6.11
N ILE A 48 10.62 5.15 6.19
CA ILE A 48 11.00 4.31 5.06
C ILE A 48 9.96 4.46 3.96
N LEU A 49 8.65 4.42 4.28
CA LEU A 49 7.58 4.71 3.31
C LEU A 49 7.90 5.99 2.54
N ILE A 50 8.22 7.07 3.25
CA ILE A 50 8.53 8.36 2.64
C ILE A 50 9.74 8.20 1.71
N THR A 51 10.90 7.80 2.24
CA THR A 51 12.14 7.65 1.48
C THR A 51 11.93 6.77 0.24
N GLU A 52 11.33 5.58 0.41
CA GLU A 52 11.08 4.63 -0.65
C GLU A 52 10.14 5.22 -1.69
N MET A 53 9.06 5.92 -1.28
CA MET A 53 8.18 6.61 -2.21
C MET A 53 8.96 7.63 -3.06
N MET A 54 9.92 8.39 -2.50
CA MET A 54 10.70 9.34 -3.31
C MET A 54 11.60 8.62 -4.32
N ASP A 55 11.94 7.35 -4.07
CA ASP A 55 12.99 6.65 -4.78
C ASP A 55 12.43 5.64 -5.77
N ARG A 56 11.17 5.23 -5.57
CA ARG A 56 10.56 4.13 -6.31
C ARG A 56 9.22 4.52 -6.92
N TYR A 57 8.59 5.60 -6.44
CA TYR A 57 7.39 6.16 -7.05
C TYR A 57 7.51 7.67 -7.29
N ASN A 58 8.71 8.23 -7.07
CA ASN A 58 9.11 9.63 -7.04
C ASN A 58 8.01 10.59 -6.61
N VAL A 59 7.91 10.73 -5.29
CA VAL A 59 7.01 11.60 -4.57
C VAL A 59 7.85 12.31 -3.51
N SER A 60 7.82 13.65 -3.46
CA SER A 60 8.54 14.47 -2.49
C SER A 60 8.02 14.13 -1.08
N GLU A 61 8.83 14.36 -0.05
CA GLU A 61 8.47 14.03 1.33
C GLU A 61 7.12 14.67 1.70
N GLU A 62 6.93 15.94 1.33
CA GLU A 62 5.68 16.67 1.46
C GLU A 62 4.54 15.90 0.78
N LYS A 63 4.79 15.56 -0.48
CA LYS A 63 3.80 14.97 -1.37
C LYS A 63 3.47 13.53 -0.98
N VAL A 64 4.28 12.87 -0.13
CA VAL A 64 3.95 11.62 0.53
C VAL A 64 3.21 11.90 1.83
N GLU A 65 3.68 12.86 2.64
CA GLU A 65 3.10 13.16 3.94
C GLU A 65 1.61 13.44 3.82
N GLU A 66 1.21 14.15 2.76
CA GLU A 66 -0.21 14.39 2.51
C GLU A 66 -0.98 13.06 2.36
N LEU A 67 -0.41 12.08 1.63
CA LEU A 67 -1.00 10.76 1.41
C LEU A 67 -1.23 10.11 2.76
N ILE A 68 -0.19 10.19 3.60
CA ILE A 68 -0.20 9.67 4.95
C ILE A 68 -1.33 10.35 5.73
N ARG A 69 -1.51 11.68 5.65
CA ARG A 69 -2.55 12.34 6.46
C ARG A 69 -3.92 11.97 5.93
N ILE A 70 -4.12 12.07 4.62
CA ILE A 70 -5.39 11.80 3.95
C ILE A 70 -5.88 10.42 4.35
N LEU A 71 -5.09 9.37 4.11
CA LEU A 71 -5.54 8.03 4.43
C LEU A 71 -5.69 7.81 5.96
N LYS A 72 -4.99 8.59 6.78
CA LYS A 72 -5.15 8.55 8.25
C LYS A 72 -6.50 9.14 8.65
N ASP A 73 -6.83 10.26 8.02
CA ASP A 73 -8.02 11.08 8.25
C ASP A 73 -9.28 10.32 7.84
N LYS A 74 -9.15 9.55 6.75
CA LYS A 74 -10.16 8.62 6.27
C LYS A 74 -10.35 7.43 7.21
N GLY A 75 -9.46 7.23 8.19
CA GLY A 75 -9.42 6.02 8.98
C GLY A 75 -9.12 4.79 8.12
N ALA A 76 -8.45 4.97 6.98
CA ALA A 76 -7.95 3.86 6.17
C ALA A 76 -6.65 3.34 6.80
N ILE A 77 -5.79 4.24 7.28
CA ILE A 77 -4.53 3.86 7.91
C ILE A 77 -4.43 4.57 9.25
N PHE A 78 -3.40 4.22 10.00
CA PHE A 78 -3.13 4.77 11.30
C PHE A 78 -1.63 4.75 11.55
N GLU A 79 -1.22 5.31 12.69
CA GLU A 79 0.17 5.41 13.08
C GLU A 79 0.29 4.96 14.54
N PRO A 80 0.33 3.63 14.81
CA PRO A 80 0.36 3.07 16.15
C PRO A 80 1.58 3.51 16.98
N ALA A 81 2.66 3.92 16.32
CA ALA A 81 3.77 4.58 16.97
C ALA A 81 4.32 5.69 16.08
N ARG A 82 5.18 6.51 16.66
CA ARG A 82 5.57 7.85 16.23
C ARG A 82 6.00 7.95 14.77
N GLY A 83 6.60 6.88 14.28
CA GLY A 83 7.06 6.72 12.91
C GLY A 83 6.78 5.32 12.37
N TYR A 84 5.65 4.70 12.73
CA TYR A 84 5.23 3.40 12.21
C TYR A 84 3.74 3.45 11.88
N LEU A 85 3.40 3.35 10.59
CA LEU A 85 2.03 3.21 10.10
C LEU A 85 1.49 1.79 10.30
N LYS A 86 0.17 1.67 10.15
CA LYS A 86 -0.59 0.43 9.98
C LYS A 86 -1.77 0.71 9.05
N ILE A 87 -2.30 -0.34 8.43
CA ILE A 87 -3.63 -0.31 7.83
C ILE A 87 -4.64 -0.60 8.95
N VAL A 88 -5.64 0.28 9.12
CA VAL A 88 -6.66 0.15 10.18
C VAL A 88 -7.24 -1.25 10.24
N GLY A 1 -24.74 -27.66 1.59
CA GLY A 1 -25.91 -27.44 0.71
C GLY A 1 -26.02 -25.96 0.35
N ALA A 2 -27.26 -25.47 0.12
CA ALA A 2 -27.53 -24.05 -0.10
C ALA A 2 -27.12 -23.18 1.11
N MET A 3 -27.07 -23.81 2.29
CA MET A 3 -26.33 -23.38 3.46
C MET A 3 -25.69 -24.66 4.03
N GLY A 4 -24.81 -24.53 5.04
CA GLY A 4 -24.13 -25.66 5.66
C GLY A 4 -23.29 -26.41 4.63
N GLU A 5 -22.16 -25.84 4.23
CA GLU A 5 -21.33 -26.36 3.16
C GLU A 5 -19.86 -26.29 3.57
N THR A 6 -19.04 -27.19 3.03
CA THR A 6 -17.69 -27.46 3.53
C THR A 6 -16.75 -27.74 2.34
N GLY A 7 -15.98 -26.73 1.91
CA GLY A 7 -14.99 -26.88 0.86
C GLY A 7 -14.23 -25.58 0.62
N LYS A 8 -13.27 -25.61 -0.31
CA LYS A 8 -12.64 -24.45 -0.91
C LYS A 8 -12.40 -24.77 -2.39
N ILE A 9 -11.86 -23.81 -3.14
CA ILE A 9 -11.24 -24.01 -4.44
C ILE A 9 -9.87 -23.33 -4.38
N ASP A 10 -9.04 -23.55 -5.40
CA ASP A 10 -7.77 -22.83 -5.57
C ASP A 10 -7.48 -22.75 -7.07
N ILE A 11 -6.47 -21.97 -7.47
CA ILE A 11 -6.23 -21.59 -8.87
C ILE A 11 -4.80 -21.99 -9.23
N ASP A 12 -4.64 -23.27 -9.52
CA ASP A 12 -3.39 -23.90 -9.96
C ASP A 12 -2.86 -23.21 -11.22
N LYS A 13 -3.72 -23.10 -12.24
CA LYS A 13 -3.40 -22.54 -13.55
C LYS A 13 -3.20 -21.03 -13.55
N VAL A 14 -3.07 -20.37 -12.40
CA VAL A 14 -2.60 -18.99 -12.32
C VAL A 14 -1.18 -18.97 -12.85
N GLU A 15 -0.96 -18.17 -13.89
CA GLU A 15 0.34 -17.89 -14.47
C GLU A 15 0.44 -16.40 -14.81
N GLY A 16 1.68 -15.91 -14.90
CA GLY A 16 2.00 -14.50 -15.09
C GLY A 16 1.68 -13.65 -13.85
N ARG A 17 2.13 -12.39 -13.87
CA ARG A 17 1.72 -11.33 -12.96
C ARG A 17 1.78 -10.03 -13.75
N THR A 18 1.15 -8.98 -13.24
CA THR A 18 1.21 -7.61 -13.77
C THR A 18 1.06 -6.65 -12.59
N PRO A 19 1.23 -5.34 -12.84
CA PRO A 19 0.68 -4.33 -11.95
C PRO A 19 -0.86 -4.44 -12.01
N LYS A 20 -1.57 -3.68 -11.16
CA LYS A 20 -3.00 -3.47 -11.36
C LYS A 20 -3.18 -2.53 -12.56
N SER A 21 -4.35 -2.56 -13.19
CA SER A 21 -4.63 -1.71 -14.34
C SER A 21 -5.03 -0.28 -13.97
N GLU A 22 -5.14 0.07 -12.69
CA GLU A 22 -5.33 1.44 -12.22
C GLU A 22 -4.64 1.57 -10.86
N ARG A 23 -4.13 2.76 -10.55
CA ARG A 23 -3.34 3.05 -9.36
C ARG A 23 -3.47 4.53 -9.03
N ASP A 24 -2.95 4.94 -7.87
CA ASP A 24 -2.81 6.33 -7.46
C ASP A 24 -1.68 6.44 -6.48
N LYS A 25 -1.16 7.63 -6.23
CA LYS A 25 -0.34 8.01 -5.09
C LYS A 25 -0.84 7.37 -3.78
N PHE A 26 -2.14 7.53 -3.48
CA PHE A 26 -2.82 6.99 -2.31
C PHE A 26 -2.61 5.47 -2.23
N ARG A 27 -2.85 4.81 -3.36
CA ARG A 27 -2.69 3.37 -3.52
C ARG A 27 -1.22 2.98 -3.44
N LEU A 28 -0.29 3.71 -4.08
CA LEU A 28 1.14 3.44 -4.06
C LEU A 28 1.63 3.45 -2.62
N LEU A 29 1.21 4.46 -1.84
CA LEU A 29 1.50 4.52 -0.42
C LEU A 29 0.90 3.29 0.27
N LEU A 30 -0.38 2.99 0.05
CA LEU A 30 -1.11 1.99 0.81
C LEU A 30 -0.53 0.58 0.57
N GLU A 31 -0.08 0.31 -0.65
CA GLU A 31 0.56 -0.92 -1.07
C GLU A 31 1.94 -1.03 -0.42
N LEU A 32 2.69 0.09 -0.33
CA LEU A 32 3.93 0.10 0.43
C LEU A 32 3.65 -0.11 1.92
N ILE A 33 2.52 0.34 2.46
CA ILE A 33 2.18 0.07 3.86
C ILE A 33 2.07 -1.45 4.04
N LYS A 34 1.42 -2.18 3.12
CA LYS A 34 1.15 -3.60 3.36
C LYS A 34 2.43 -4.41 3.15
N GLU A 35 3.29 -3.98 2.22
CA GLU A 35 4.54 -4.68 1.97
C GLU A 35 5.53 -4.49 3.13
N TYR A 36 5.35 -3.47 3.98
CA TYR A 36 6.27 -3.13 5.06
C TYR A 36 5.65 -3.32 6.44
N GLU A 37 4.34 -3.50 6.50
CA GLU A 37 3.64 -4.05 7.64
C GLU A 37 4.27 -5.41 7.92
N ASP A 38 4.09 -6.40 7.04
CA ASP A 38 4.43 -7.79 7.31
C ASP A 38 5.94 -7.97 7.55
N ASP A 39 6.74 -7.04 7.01
CA ASP A 39 8.18 -7.02 7.13
C ASP A 39 8.61 -6.69 8.57
N TYR A 40 7.81 -5.87 9.23
CA TYR A 40 7.96 -5.47 10.62
C TYR A 40 6.98 -6.23 11.51
N GLY A 41 6.10 -7.05 10.93
CA GLY A 41 5.09 -7.81 11.67
C GLY A 41 3.91 -6.92 12.06
N GLY A 42 3.56 -5.98 11.19
CA GLY A 42 2.37 -5.16 11.18
C GLY A 42 2.63 -3.68 11.43
N ARG A 43 3.82 -3.14 11.10
CA ARG A 43 4.24 -1.83 11.63
C ARG A 43 4.72 -0.78 10.61
N ALA A 44 5.01 -1.14 9.37
CA ALA A 44 5.34 -0.24 8.23
C ALA A 44 5.95 1.12 8.62
N PRO A 45 7.28 1.23 8.82
CA PRO A 45 7.93 2.47 9.26
C PRO A 45 7.68 3.63 8.29
N THR A 46 7.12 4.73 8.80
CA THR A 46 6.66 5.90 8.06
C THR A 46 7.83 6.51 7.28
N ASN A 47 9.03 6.52 7.88
CA ASN A 47 10.19 7.09 7.22
C ASN A 47 10.68 6.22 6.06
N ILE A 48 10.50 4.89 6.13
CA ILE A 48 10.84 4.03 5.00
C ILE A 48 9.79 4.21 3.92
N LEU A 49 8.50 4.26 4.27
CA LEU A 49 7.41 4.57 3.34
C LEU A 49 7.72 5.81 2.51
N ILE A 50 8.12 6.89 3.17
CA ILE A 50 8.52 8.14 2.56
C ILE A 50 9.71 7.91 1.61
N THR A 51 10.80 7.35 2.16
CA THR A 51 12.04 7.10 1.43
C THR A 51 11.74 6.28 0.17
N GLU A 52 11.07 5.14 0.34
CA GLU A 52 10.64 4.27 -0.73
C GLU A 52 9.76 5.01 -1.73
N MET A 53 8.79 5.81 -1.28
CA MET A 53 7.90 6.49 -2.23
C MET A 53 8.69 7.44 -3.15
N MET A 54 9.72 8.14 -2.62
CA MET A 54 10.53 8.96 -3.51
C MET A 54 11.44 8.11 -4.38
N ASP A 55 11.89 6.96 -3.88
CA ASP A 55 12.86 6.12 -4.56
C ASP A 55 12.19 5.38 -5.72
N ARG A 56 10.99 4.86 -5.43
CA ARG A 56 10.18 4.08 -6.33
C ARG A 56 9.48 5.00 -7.34
N TYR A 57 8.97 6.16 -6.89
CA TYR A 57 7.96 6.92 -7.62
C TYR A 57 8.21 8.43 -7.64
N ASN A 58 9.33 8.91 -7.11
CA ASN A 58 9.75 10.32 -7.09
C ASN A 58 8.73 11.24 -6.37
N VAL A 59 7.95 10.69 -5.44
CA VAL A 59 7.03 11.47 -4.63
C VAL A 59 7.84 12.00 -3.45
N SER A 60 8.06 13.31 -3.40
CA SER A 60 8.85 13.95 -2.35
C SER A 60 8.14 13.78 -1.00
N GLU A 61 8.89 13.79 0.11
CA GLU A 61 8.38 13.64 1.47
C GLU A 61 7.16 14.51 1.72
N GLU A 62 7.20 15.77 1.25
CA GLU A 62 6.16 16.77 1.37
C GLU A 62 4.85 16.28 0.78
N LYS A 63 4.91 15.53 -0.33
CA LYS A 63 3.75 14.95 -0.93
C LYS A 63 3.34 13.70 -0.14
N VAL A 64 4.31 12.84 0.20
CA VAL A 64 4.01 11.56 0.84
C VAL A 64 3.33 11.80 2.19
N GLU A 65 3.79 12.79 2.96
CA GLU A 65 3.19 13.18 4.24
C GLU A 65 1.70 13.45 4.09
N GLU A 66 1.27 13.96 2.94
CA GLU A 66 -0.13 14.22 2.69
C GLU A 66 -0.89 12.94 2.32
N LEU A 67 -0.26 12.03 1.59
CA LEU A 67 -0.86 10.73 1.33
C LEU A 67 -1.11 10.04 2.67
N ILE A 68 -0.11 10.13 3.55
CA ILE A 68 -0.18 9.62 4.90
C ILE A 68 -1.33 10.29 5.63
N ARG A 69 -1.48 11.62 5.59
CA ARG A 69 -2.52 12.28 6.38
C ARG A 69 -3.89 11.93 5.84
N ILE A 70 -4.11 11.96 4.52
CA ILE A 70 -5.41 11.73 3.91
C ILE A 70 -5.91 10.35 4.30
N LEU A 71 -5.10 9.32 4.04
CA LEU A 71 -5.56 7.97 4.35
C LEU A 71 -5.73 7.75 5.87
N LYS A 72 -5.01 8.52 6.70
CA LYS A 72 -5.15 8.47 8.17
C LYS A 72 -6.48 9.08 8.58
N ASP A 73 -6.80 10.20 7.95
CA ASP A 73 -7.97 11.05 8.20
C ASP A 73 -9.24 10.32 7.83
N LYS A 74 -9.17 9.54 6.75
CA LYS A 74 -10.21 8.63 6.29
C LYS A 74 -10.40 7.44 7.23
N GLY A 75 -9.47 7.21 8.17
CA GLY A 75 -9.42 5.97 8.93
C GLY A 75 -9.18 4.77 8.02
N ALA A 76 -8.56 4.95 6.85
CA ALA A 76 -8.10 3.85 6.03
C ALA A 76 -6.79 3.28 6.59
N ILE A 77 -5.93 4.16 7.13
CA ILE A 77 -4.69 3.76 7.78
C ILE A 77 -4.59 4.50 9.12
N PHE A 78 -3.52 4.20 9.85
CA PHE A 78 -3.23 4.77 11.14
C PHE A 78 -1.73 4.77 11.36
N GLU A 79 -1.30 5.39 12.46
CA GLU A 79 0.08 5.48 12.89
C GLU A 79 0.13 5.00 14.34
N PRO A 80 0.16 3.67 14.60
CA PRO A 80 0.11 3.09 15.94
C PRO A 80 1.27 3.50 16.86
N ALA A 81 2.38 3.94 16.27
CA ALA A 81 3.49 4.53 17.01
C ALA A 81 4.13 5.65 16.19
N ARG A 82 4.99 6.43 16.85
CA ARG A 82 5.65 7.68 16.45
C ARG A 82 6.48 7.69 15.15
N GLY A 83 6.35 6.67 14.32
CA GLY A 83 6.97 6.55 13.00
C GLY A 83 6.68 5.21 12.35
N TYR A 84 5.51 4.61 12.63
CA TYR A 84 5.14 3.26 12.22
C TYR A 84 3.66 3.28 11.86
N LEU A 85 3.32 2.96 10.60
CA LEU A 85 1.95 2.96 10.07
C LEU A 85 1.32 1.57 10.15
N LYS A 86 -0.01 1.54 10.04
CA LYS A 86 -0.84 0.34 9.98
C LYS A 86 -2.04 0.63 9.09
N ILE A 87 -2.49 -0.37 8.33
CA ILE A 87 -3.78 -0.32 7.65
C ILE A 87 -4.85 -0.66 8.68
N VAL A 88 -5.91 0.16 8.79
CA VAL A 88 -6.94 -0.02 9.82
C VAL A 88 -7.56 -1.42 9.73
N GLY A 1 -15.79 -32.56 -10.53
CA GLY A 1 -14.79 -31.81 -11.32
C GLY A 1 -13.53 -32.65 -11.49
N ALA A 2 -12.52 -32.10 -12.17
CA ALA A 2 -11.21 -32.69 -12.35
C ALA A 2 -10.19 -31.54 -12.46
N MET A 3 -8.90 -31.87 -12.54
CA MET A 3 -7.81 -30.95 -12.82
C MET A 3 -6.82 -31.68 -13.72
N GLY A 4 -5.93 -30.94 -14.40
CA GLY A 4 -5.05 -31.47 -15.42
C GLY A 4 -5.78 -31.42 -16.77
N GLU A 5 -5.64 -30.30 -17.49
CA GLU A 5 -6.26 -30.07 -18.78
C GLU A 5 -5.29 -29.20 -19.61
N THR A 6 -5.63 -28.99 -20.88
CA THR A 6 -4.93 -28.19 -21.87
C THR A 6 -5.02 -26.68 -21.55
N GLY A 7 -4.42 -25.85 -22.40
CA GLY A 7 -4.52 -24.40 -22.35
C GLY A 7 -4.62 -23.85 -23.78
N LYS A 8 -5.04 -22.59 -23.91
CA LYS A 8 -5.33 -21.92 -25.17
C LYS A 8 -5.12 -20.41 -24.94
N ILE A 9 -4.89 -19.66 -26.02
CA ILE A 9 -4.68 -18.21 -26.01
C ILE A 9 -5.46 -17.58 -27.18
N ASP A 10 -5.49 -16.25 -27.24
CA ASP A 10 -6.20 -15.46 -28.23
C ASP A 10 -5.22 -14.41 -28.74
N ILE A 11 -4.52 -14.75 -29.81
CA ILE A 11 -3.50 -13.91 -30.43
C ILE A 11 -4.14 -12.61 -30.95
N ASP A 12 -5.36 -12.74 -31.43
CA ASP A 12 -6.30 -11.69 -31.80
C ASP A 12 -6.72 -10.79 -30.64
N LYS A 13 -6.21 -11.06 -29.42
CA LYS A 13 -6.40 -10.19 -28.29
C LYS A 13 -5.07 -9.71 -27.66
N VAL A 14 -3.93 -10.07 -28.25
CA VAL A 14 -2.61 -9.71 -27.71
C VAL A 14 -2.28 -8.23 -27.94
N GLU A 15 -3.00 -7.54 -28.83
CA GLU A 15 -2.68 -6.20 -29.31
C GLU A 15 -3.96 -5.37 -29.52
N GLY A 16 -3.80 -4.14 -30.01
CA GLY A 16 -4.89 -3.21 -30.23
C GLY A 16 -5.31 -2.58 -28.91
N ARG A 17 -6.02 -3.33 -28.07
CA ARG A 17 -6.42 -2.95 -26.71
C ARG A 17 -6.45 -4.21 -25.86
N THR A 18 -6.45 -4.03 -24.54
CA THR A 18 -6.74 -5.08 -23.58
C THR A 18 -7.54 -4.48 -22.43
N PRO A 19 -8.08 -5.33 -21.55
CA PRO A 19 -8.44 -4.90 -20.20
C PRO A 19 -7.12 -4.43 -19.54
N LYS A 20 -7.22 -3.49 -18.59
CA LYS A 20 -6.10 -2.99 -17.79
C LYS A 20 -6.66 -2.58 -16.43
N SER A 21 -5.77 -2.22 -15.51
CA SER A 21 -6.08 -1.60 -14.22
C SER A 21 -5.23 -0.34 -14.10
N GLU A 22 -5.45 0.46 -13.06
CA GLU A 22 -4.76 1.72 -12.81
C GLU A 22 -4.15 1.71 -11.40
N ARG A 23 -3.54 2.84 -11.02
CA ARG A 23 -2.94 3.08 -9.71
C ARG A 23 -3.08 4.56 -9.40
N ASP A 24 -2.92 4.95 -8.13
CA ASP A 24 -2.75 6.34 -7.75
C ASP A 24 -1.81 6.42 -6.55
N LYS A 25 -1.26 7.60 -6.24
CA LYS A 25 -0.30 7.77 -5.15
C LYS A 25 -0.84 7.32 -3.79
N PHE A 26 -2.13 7.55 -3.52
CA PHE A 26 -2.82 7.04 -2.33
C PHE A 26 -2.65 5.53 -2.21
N ARG A 27 -2.95 4.85 -3.32
CA ARG A 27 -2.80 3.44 -3.57
C ARG A 27 -1.33 3.04 -3.39
N LEU A 28 -0.37 3.74 -4.02
CA LEU A 28 1.05 3.44 -3.95
C LEU A 28 1.50 3.47 -2.49
N LEU A 29 1.12 4.51 -1.74
CA LEU A 29 1.44 4.61 -0.33
C LEU A 29 0.86 3.40 0.42
N LEU A 30 -0.42 3.07 0.20
CA LEU A 30 -1.08 2.03 0.98
C LEU A 30 -0.44 0.67 0.71
N GLU A 31 0.00 0.43 -0.53
CA GLU A 31 0.70 -0.76 -0.97
C GLU A 31 2.09 -0.85 -0.30
N LEU A 32 2.80 0.28 -0.09
CA LEU A 32 4.01 0.23 0.74
C LEU A 32 3.68 -0.21 2.16
N ILE A 33 2.58 0.29 2.73
CA ILE A 33 2.22 -0.07 4.10
C ILE A 33 2.05 -1.59 4.19
N LYS A 34 1.49 -2.26 3.17
CA LYS A 34 1.26 -3.71 3.27
C LYS A 34 2.54 -4.47 2.94
N GLU A 35 3.37 -3.96 2.01
CA GLU A 35 4.62 -4.61 1.65
C GLU A 35 5.64 -4.54 2.80
N TYR A 36 5.40 -3.66 3.79
CA TYR A 36 6.30 -3.46 4.92
C TYR A 36 5.67 -3.86 6.24
N GLU A 37 4.33 -3.89 6.33
CA GLU A 37 3.61 -4.59 7.39
C GLU A 37 4.14 -6.01 7.51
N ASP A 38 4.15 -6.79 6.43
CA ASP A 38 4.52 -8.20 6.49
C ASP A 38 5.97 -8.38 6.93
N ASP A 39 6.81 -7.38 6.68
CA ASP A 39 8.22 -7.37 7.03
C ASP A 39 8.43 -7.12 8.52
N TYR A 40 7.64 -6.19 9.08
CA TYR A 40 7.70 -5.85 10.49
C TYR A 40 6.72 -6.71 11.31
N GLY A 41 5.95 -7.59 10.65
CA GLY A 41 4.95 -8.42 11.31
C GLY A 41 3.71 -7.63 11.71
N GLY A 42 3.46 -6.49 11.05
CA GLY A 42 2.24 -5.69 11.09
C GLY A 42 2.52 -4.24 11.51
N ARG A 43 3.58 -3.62 10.97
CA ARG A 43 3.94 -2.22 11.21
C ARG A 43 4.64 -1.71 9.95
N ALA A 44 4.70 -0.39 9.71
CA ALA A 44 5.43 0.15 8.55
C ALA A 44 6.07 1.50 8.89
N PRO A 45 7.41 1.60 9.03
CA PRO A 45 8.09 2.83 9.45
C PRO A 45 7.85 3.99 8.47
N THR A 46 7.27 5.08 8.96
CA THR A 46 6.73 6.17 8.16
C THR A 46 7.85 6.87 7.39
N ASN A 47 9.02 7.00 8.01
CA ASN A 47 10.17 7.59 7.33
C ASN A 47 10.70 6.71 6.21
N ILE A 48 10.52 5.37 6.31
CA ILE A 48 10.89 4.48 5.22
C ILE A 48 9.81 4.58 4.14
N LEU A 49 8.51 4.60 4.48
CA LEU A 49 7.44 4.87 3.51
C LEU A 49 7.74 6.12 2.67
N ILE A 50 8.14 7.21 3.32
CA ILE A 50 8.53 8.45 2.64
C ILE A 50 9.70 8.17 1.68
N THR A 51 10.82 7.68 2.23
CA THR A 51 12.04 7.41 1.50
C THR A 51 11.75 6.51 0.29
N GLU A 52 11.09 5.39 0.53
CA GLU A 52 10.70 4.39 -0.45
C GLU A 52 9.73 4.97 -1.48
N MET A 53 8.77 5.82 -1.11
CA MET A 53 7.90 6.44 -2.11
C MET A 53 8.72 7.33 -3.05
N MET A 54 9.75 8.01 -2.54
CA MET A 54 10.64 8.74 -3.45
C MET A 54 11.44 7.77 -4.32
N ASP A 55 11.84 6.61 -3.79
CA ASP A 55 12.73 5.68 -4.45
C ASP A 55 11.99 4.95 -5.56
N ARG A 56 10.83 4.43 -5.18
CA ARG A 56 9.99 3.57 -5.96
C ARG A 56 9.24 4.42 -7.00
N TYR A 57 8.80 5.63 -6.63
CA TYR A 57 7.80 6.36 -7.39
C TYR A 57 8.06 7.87 -7.53
N ASN A 58 9.19 8.38 -7.04
CA ASN A 58 9.61 9.79 -7.16
C ASN A 58 8.53 10.75 -6.59
N VAL A 59 7.83 10.34 -5.53
CA VAL A 59 6.93 11.21 -4.78
C VAL A 59 7.73 11.80 -3.62
N SER A 60 7.91 13.12 -3.62
CA SER A 60 8.65 13.86 -2.60
C SER A 60 7.89 13.83 -1.27
N GLU A 61 8.63 13.98 -0.16
CA GLU A 61 8.12 13.89 1.21
C GLU A 61 6.90 14.78 1.44
N GLU A 62 6.88 15.97 0.85
CA GLU A 62 5.79 16.92 1.00
C GLU A 62 4.48 16.34 0.49
N LYS A 63 4.56 15.55 -0.58
CA LYS A 63 3.39 14.84 -1.10
C LYS A 63 3.14 13.60 -0.26
N VAL A 64 4.17 12.83 0.10
CA VAL A 64 3.97 11.57 0.79
C VAL A 64 3.30 11.84 2.13
N GLU A 65 3.76 12.82 2.91
CA GLU A 65 3.15 13.17 4.19
C GLU A 65 1.68 13.55 4.04
N GLU A 66 1.29 14.04 2.87
CA GLU A 66 -0.09 14.35 2.55
C GLU A 66 -0.89 13.08 2.19
N LEU A 67 -0.30 12.13 1.48
CA LEU A 67 -0.94 10.82 1.32
C LEU A 67 -1.18 10.22 2.70
N ILE A 68 -0.16 10.32 3.56
CA ILE A 68 -0.20 9.83 4.92
C ILE A 68 -1.34 10.50 5.67
N ARG A 69 -1.50 11.83 5.58
CA ARG A 69 -2.53 12.51 6.37
C ARG A 69 -3.91 12.13 5.85
N ILE A 70 -4.10 12.12 4.52
CA ILE A 70 -5.40 11.83 3.90
C ILE A 70 -5.86 10.44 4.34
N LEU A 71 -5.04 9.41 4.09
CA LEU A 71 -5.48 8.07 4.43
C LEU A 71 -5.63 7.86 5.94
N LYS A 72 -4.93 8.67 6.77
CA LYS A 72 -5.06 8.63 8.23
C LYS A 72 -6.41 9.20 8.66
N ASP A 73 -6.78 10.30 8.03
CA ASP A 73 -7.98 11.09 8.29
C ASP A 73 -9.23 10.28 7.93
N LYS A 74 -9.11 9.51 6.85
CA LYS A 74 -10.11 8.55 6.40
C LYS A 74 -10.23 7.36 7.35
N GLY A 75 -9.29 7.16 8.27
CA GLY A 75 -9.19 5.91 9.02
C GLY A 75 -8.95 4.73 8.08
N ALA A 76 -8.36 4.96 6.89
CA ALA A 76 -7.85 3.89 6.06
C ALA A 76 -6.52 3.39 6.62
N ILE A 77 -5.70 4.30 7.17
CA ILE A 77 -4.47 3.93 7.85
C ILE A 77 -4.45 4.60 9.21
N PHE A 78 -3.40 4.29 9.97
CA PHE A 78 -3.16 4.83 11.27
C PHE A 78 -1.67 4.82 11.54
N GLU A 79 -1.26 5.43 12.66
CA GLU A 79 0.12 5.51 13.10
C GLU A 79 0.20 4.99 14.54
N PRO A 80 0.20 3.66 14.75
CA PRO A 80 0.14 3.04 16.08
C PRO A 80 1.35 3.32 16.97
N ALA A 81 2.47 3.75 16.37
CA ALA A 81 3.63 4.23 17.09
C ALA A 81 4.19 5.44 16.35
N ARG A 82 5.03 6.22 17.03
CA ARG A 82 5.39 7.59 16.74
C ARG A 82 5.70 7.86 15.26
N GLY A 83 6.49 6.98 14.64
CA GLY A 83 6.82 7.04 13.23
C GLY A 83 6.64 5.69 12.55
N TYR A 84 5.56 4.98 12.87
CA TYR A 84 5.21 3.72 12.23
C TYR A 84 3.72 3.66 11.91
N LEU A 85 3.39 3.52 10.62
CA LEU A 85 2.05 3.31 10.11
C LEU A 85 1.57 1.87 10.28
N LYS A 86 0.26 1.70 10.05
CA LYS A 86 -0.50 0.45 9.94
C LYS A 86 -1.73 0.73 9.08
N ILE A 87 -2.26 -0.29 8.41
CA ILE A 87 -3.57 -0.22 7.77
C ILE A 87 -4.63 -0.34 8.86
N VAL A 88 -5.42 0.74 8.98
CA VAL A 88 -6.23 1.16 10.11
C VAL A 88 -5.71 0.60 11.44
N GLY A 1 -37.86 -24.27 -18.77
CA GLY A 1 -36.48 -24.34 -18.28
C GLY A 1 -36.41 -25.34 -17.15
N ALA A 2 -35.62 -25.04 -16.12
CA ALA A 2 -35.69 -25.76 -14.84
C ALA A 2 -37.08 -25.62 -14.23
N MET A 3 -37.52 -26.59 -13.43
CA MET A 3 -38.82 -26.55 -12.74
C MET A 3 -38.79 -27.47 -11.52
N GLY A 4 -39.28 -26.99 -10.37
CA GLY A 4 -39.41 -27.77 -9.13
C GLY A 4 -38.10 -27.99 -8.40
N GLU A 5 -37.03 -28.26 -9.15
CA GLU A 5 -35.64 -28.19 -8.72
C GLU A 5 -35.25 -26.75 -8.32
N THR A 6 -34.05 -26.56 -7.78
CA THR A 6 -33.52 -25.23 -7.51
C THR A 6 -32.02 -25.19 -7.66
N GLY A 7 -31.58 -23.94 -7.78
CA GLY A 7 -30.24 -23.51 -7.53
C GLY A 7 -29.95 -23.43 -6.02
N LYS A 8 -28.87 -22.71 -5.70
CA LYS A 8 -28.59 -22.14 -4.37
C LYS A 8 -28.08 -20.71 -4.60
N ILE A 9 -27.95 -19.92 -3.54
CA ILE A 9 -27.58 -18.51 -3.63
C ILE A 9 -26.48 -18.30 -2.58
N ASP A 10 -25.25 -18.12 -3.05
CA ASP A 10 -24.04 -18.11 -2.25
C ASP A 10 -23.35 -16.77 -2.52
N ILE A 11 -23.09 -16.02 -1.45
CA ILE A 11 -22.58 -14.63 -1.50
C ILE A 11 -21.27 -14.52 -0.70
N ASP A 12 -20.92 -15.58 0.01
CA ASP A 12 -20.05 -15.81 1.16
C ASP A 12 -18.58 -15.68 0.82
N LYS A 13 -18.30 -14.47 0.36
CA LYS A 13 -17.09 -14.01 -0.27
C LYS A 13 -17.02 -14.46 -1.73
N VAL A 14 -18.16 -14.37 -2.42
CA VAL A 14 -18.25 -14.52 -3.87
C VAL A 14 -17.49 -13.39 -4.59
N GLU A 15 -17.22 -12.29 -3.87
CA GLU A 15 -16.32 -11.22 -4.21
C GLU A 15 -15.73 -10.72 -2.88
N GLY A 16 -14.68 -9.90 -2.94
CA GLY A 16 -14.14 -9.16 -1.82
C GLY A 16 -13.21 -8.00 -2.21
N ARG A 17 -12.70 -7.91 -3.45
CA ARG A 17 -11.93 -6.77 -3.94
C ARG A 17 -12.12 -6.64 -5.44
N THR A 18 -12.71 -5.51 -5.85
CA THR A 18 -12.83 -5.16 -7.25
C THR A 18 -11.43 -4.95 -7.88
N PRO A 19 -11.32 -5.06 -9.22
CA PRO A 19 -10.06 -4.87 -9.92
C PRO A 19 -9.59 -3.42 -9.82
N LYS A 20 -8.53 -3.18 -9.04
CA LYS A 20 -7.84 -1.89 -9.02
C LYS A 20 -7.22 -1.71 -10.41
N SER A 21 -7.65 -0.69 -11.15
CA SER A 21 -7.17 -0.47 -12.50
C SER A 21 -5.70 -0.03 -12.50
N GLU A 22 -5.30 0.82 -11.54
CA GLU A 22 -3.97 1.36 -11.40
C GLU A 22 -3.68 1.59 -9.90
N ARG A 23 -2.40 1.83 -9.58
CA ARG A 23 -2.06 2.51 -8.33
C ARG A 23 -2.22 4.02 -8.60
N ASP A 24 -2.11 4.81 -7.53
CA ASP A 24 -2.12 6.26 -7.42
C ASP A 24 -1.02 6.54 -6.40
N LYS A 25 -0.63 7.79 -6.12
CA LYS A 25 0.07 8.12 -4.89
C LYS A 25 -0.64 7.47 -3.70
N PHE A 26 -1.96 7.65 -3.61
CA PHE A 26 -2.78 7.16 -2.50
C PHE A 26 -2.63 5.64 -2.36
N ARG A 27 -2.76 4.90 -3.47
CA ARG A 27 -2.60 3.45 -3.49
C ARG A 27 -1.13 3.05 -3.30
N LEU A 28 -0.17 3.77 -3.88
CA LEU A 28 1.26 3.51 -3.78
C LEU A 28 1.63 3.52 -2.32
N LEU A 29 1.24 4.58 -1.58
CA LEU A 29 1.42 4.61 -0.14
C LEU A 29 0.73 3.41 0.51
N LEU A 30 -0.58 3.26 0.33
CA LEU A 30 -1.35 2.26 1.06
C LEU A 30 -0.86 0.83 0.78
N GLU A 31 -0.41 0.53 -0.43
CA GLU A 31 0.15 -0.77 -0.77
C GLU A 31 1.57 -0.89 -0.22
N LEU A 32 2.40 0.16 -0.28
CA LEU A 32 3.69 0.18 0.41
C LEU A 32 3.51 -0.09 1.88
N ILE A 33 2.41 0.37 2.49
CA ILE A 33 2.12 0.03 3.89
C ILE A 33 2.01 -1.50 4.01
N LYS A 34 1.26 -2.20 3.16
CA LYS A 34 1.05 -3.64 3.37
C LYS A 34 2.23 -4.46 2.92
N GLU A 35 2.99 -3.96 1.96
CA GLU A 35 4.19 -4.59 1.43
C GLU A 35 5.47 -4.13 2.15
N TYR A 36 5.27 -3.51 3.33
CA TYR A 36 6.25 -3.35 4.42
C TYR A 36 5.71 -3.74 5.81
N GLU A 37 4.38 -3.84 6.01
CA GLU A 37 3.75 -4.14 7.30
C GLU A 37 4.23 -5.49 7.81
N ASP A 38 4.05 -6.52 6.99
CA ASP A 38 4.25 -7.91 7.40
C ASP A 38 5.72 -8.16 7.76
N ASP A 39 6.62 -7.42 7.09
CA ASP A 39 8.06 -7.45 7.30
C ASP A 39 8.44 -6.88 8.67
N TYR A 40 7.50 -6.16 9.29
CA TYR A 40 7.64 -5.48 10.57
C TYR A 40 6.59 -5.94 11.59
N GLY A 41 5.66 -6.82 11.20
CA GLY A 41 4.66 -7.41 12.08
C GLY A 41 3.40 -6.56 12.19
N GLY A 42 3.04 -5.88 11.11
CA GLY A 42 1.86 -5.04 11.00
C GLY A 42 2.14 -3.59 11.40
N ARG A 43 3.36 -3.10 11.13
CA ARG A 43 3.74 -1.71 11.42
C ARG A 43 4.85 -1.25 10.48
N ALA A 44 4.49 -0.82 9.28
CA ALA A 44 5.42 -0.37 8.23
C ALA A 44 6.04 0.97 8.64
N PRO A 45 7.38 1.11 8.76
CA PRO A 45 8.02 2.35 9.17
C PRO A 45 7.71 3.51 8.21
N THR A 46 7.04 4.56 8.72
CA THR A 46 6.62 5.75 8.00
C THR A 46 7.83 6.42 7.34
N ASN A 47 8.96 6.38 8.03
CA ASN A 47 10.25 6.90 7.60
C ASN A 47 10.69 6.24 6.29
N ILE A 48 10.52 4.92 6.20
CA ILE A 48 10.89 4.15 5.01
C ILE A 48 9.82 4.34 3.96
N LEU A 49 8.53 4.36 4.31
CA LEU A 49 7.43 4.63 3.38
C LEU A 49 7.69 5.90 2.57
N ILE A 50 8.05 6.99 3.25
CA ILE A 50 8.36 8.28 2.62
C ILE A 50 9.55 8.09 1.68
N THR A 51 10.67 7.61 2.25
CA THR A 51 11.92 7.39 1.55
C THR A 51 11.68 6.58 0.27
N GLU A 52 11.08 5.40 0.41
CA GLU A 52 10.72 4.49 -0.68
C GLU A 52 9.84 5.19 -1.69
N MET A 53 8.79 5.90 -1.27
CA MET A 53 7.93 6.58 -2.23
C MET A 53 8.75 7.54 -3.13
N MET A 54 9.72 8.29 -2.56
CA MET A 54 10.59 9.12 -3.41
C MET A 54 11.51 8.24 -4.27
N ASP A 55 12.03 7.14 -3.71
CA ASP A 55 13.13 6.38 -4.31
C ASP A 55 12.62 5.46 -5.42
N ARG A 56 11.35 5.08 -5.30
CA ARG A 56 10.69 4.08 -6.11
C ARG A 56 9.75 4.76 -7.10
N TYR A 57 9.14 5.89 -6.71
CA TYR A 57 8.07 6.52 -7.46
C TYR A 57 8.24 8.04 -7.60
N ASN A 58 9.35 8.62 -7.11
CA ASN A 58 9.70 10.04 -7.23
C ASN A 58 8.67 10.98 -6.58
N VAL A 59 7.86 10.47 -5.63
CA VAL A 59 6.87 11.27 -4.93
C VAL A 59 7.61 12.03 -3.83
N SER A 60 7.61 13.37 -3.90
CA SER A 60 8.30 14.24 -2.97
C SER A 60 7.71 14.04 -1.57
N GLU A 61 8.54 14.26 -0.54
CA GLU A 61 8.19 13.98 0.84
C GLU A 61 6.86 14.62 1.24
N GLU A 62 6.59 15.83 0.78
CA GLU A 62 5.36 16.57 1.07
C GLU A 62 4.16 15.90 0.40
N LYS A 63 4.35 15.49 -0.86
CA LYS A 63 3.41 14.74 -1.68
C LYS A 63 3.21 13.31 -1.19
N VAL A 64 4.07 12.80 -0.31
CA VAL A 64 3.82 11.57 0.45
C VAL A 64 3.13 11.90 1.77
N GLU A 65 3.59 12.90 2.51
CA GLU A 65 3.05 13.25 3.82
C GLU A 65 1.55 13.53 3.73
N GLU A 66 1.11 14.19 2.65
CA GLU A 66 -0.30 14.39 2.37
C GLU A 66 -1.05 13.06 2.43
N LEU A 67 -0.50 12.02 1.78
CA LEU A 67 -1.12 10.72 1.60
C LEU A 67 -1.34 10.10 2.97
N ILE A 68 -0.29 10.24 3.79
CA ILE A 68 -0.26 9.74 5.14
C ILE A 68 -1.38 10.43 5.92
N ARG A 69 -1.56 11.75 5.81
CA ARG A 69 -2.57 12.41 6.66
C ARG A 69 -3.96 12.09 6.13
N ILE A 70 -4.17 12.25 4.81
CA ILE A 70 -5.44 12.00 4.14
C ILE A 70 -5.94 10.61 4.54
N LEU A 71 -5.19 9.56 4.23
CA LEU A 71 -5.67 8.21 4.48
C LEU A 71 -5.76 7.90 5.98
N LYS A 72 -5.05 8.63 6.84
CA LYS A 72 -5.18 8.52 8.32
C LYS A 72 -6.52 9.09 8.75
N ASP A 73 -6.87 10.23 8.18
CA ASP A 73 -8.07 11.02 8.47
C ASP A 73 -9.32 10.24 8.07
N LYS A 74 -9.21 9.55 6.94
CA LYS A 74 -10.22 8.64 6.43
C LYS A 74 -10.36 7.38 7.27
N GLY A 75 -9.46 7.13 8.24
CA GLY A 75 -9.42 5.87 8.96
C GLY A 75 -9.12 4.70 8.01
N ALA A 76 -8.45 4.97 6.87
CA ALA A 76 -7.94 3.92 6.00
C ALA A 76 -6.62 3.39 6.57
N ILE A 77 -5.79 4.27 7.15
CA ILE A 77 -4.55 3.87 7.79
C ILE A 77 -4.48 4.51 9.18
N PHE A 78 -3.43 4.14 9.89
CA PHE A 78 -3.15 4.54 11.25
C PHE A 78 -1.65 4.58 11.46
N GLU A 79 -1.21 5.12 12.60
CA GLU A 79 0.19 5.23 12.98
C GLU A 79 0.34 4.66 14.39
N PRO A 80 0.42 3.32 14.54
CA PRO A 80 0.43 2.65 15.85
C PRO A 80 1.66 2.97 16.71
N ALA A 81 2.73 3.48 16.11
CA ALA A 81 3.89 3.98 16.83
C ALA A 81 4.45 5.22 16.15
N ARG A 82 5.33 5.92 16.88
CA ARG A 82 5.99 7.21 16.62
C ARG A 82 6.87 7.31 15.37
N GLY A 83 6.56 6.53 14.34
CA GLY A 83 7.16 6.55 13.02
C GLY A 83 6.87 5.28 12.23
N TYR A 84 5.73 4.61 12.48
CA TYR A 84 5.34 3.37 11.81
C TYR A 84 3.83 3.38 11.54
N LEU A 85 3.42 3.22 10.28
CA LEU A 85 2.04 3.13 9.83
C LEU A 85 1.50 1.70 9.86
N LYS A 86 0.17 1.59 9.82
CA LYS A 86 -0.59 0.36 9.71
C LYS A 86 -1.84 0.66 8.89
N ILE A 87 -2.40 -0.35 8.23
CA ILE A 87 -3.72 -0.25 7.62
C ILE A 87 -4.77 -0.45 8.72
N VAL A 88 -5.58 0.60 8.90
CA VAL A 88 -6.48 0.93 10.00
C VAL A 88 -6.12 0.17 11.29
N GLY A 1 25.38 -27.04 1.46
CA GLY A 1 26.07 -26.25 0.43
C GLY A 1 27.15 -25.35 1.02
N ALA A 2 26.78 -24.37 1.85
CA ALA A 2 27.68 -23.34 2.36
C ALA A 2 27.23 -22.88 3.75
N MET A 3 28.06 -22.11 4.45
CA MET A 3 27.71 -21.49 5.74
C MET A 3 26.84 -20.26 5.49
N GLY A 4 25.69 -20.45 4.84
CA GLY A 4 24.80 -19.40 4.38
C GLY A 4 23.91 -19.94 3.28
N GLU A 5 22.83 -20.62 3.66
CA GLU A 5 21.80 -21.15 2.78
C GLU A 5 20.44 -20.80 3.40
N THR A 6 19.37 -20.80 2.59
CA THR A 6 18.08 -20.24 2.97
C THR A 6 17.30 -21.10 3.98
N GLY A 7 17.59 -22.40 4.05
CA GLY A 7 16.81 -23.37 4.82
C GLY A 7 15.47 -23.65 4.13
N LYS A 8 14.65 -22.61 4.08
CA LYS A 8 13.50 -22.50 3.21
C LYS A 8 13.95 -22.51 1.74
N ILE A 9 12.98 -22.60 0.83
CA ILE A 9 13.14 -22.38 -0.61
C ILE A 9 12.09 -21.36 -1.06
N ASP A 10 12.11 -21.01 -2.34
CA ASP A 10 11.14 -20.15 -3.01
C ASP A 10 10.83 -20.76 -4.37
N ILE A 11 9.88 -20.16 -5.10
CA ILE A 11 9.62 -20.43 -6.51
C ILE A 11 9.39 -19.07 -7.15
N ASP A 12 10.28 -18.64 -8.03
CA ASP A 12 10.15 -17.42 -8.83
C ASP A 12 8.82 -17.42 -9.59
N LYS A 13 8.46 -18.57 -10.15
CA LYS A 13 7.29 -18.75 -10.99
C LYS A 13 6.07 -19.24 -10.22
N VAL A 14 6.01 -18.89 -8.94
CA VAL A 14 4.80 -19.02 -8.12
C VAL A 14 3.60 -18.26 -8.72
N GLU A 15 3.85 -17.24 -9.55
CA GLU A 15 2.90 -16.61 -10.47
C GLU A 15 3.70 -16.32 -11.75
N GLY A 16 3.03 -15.80 -12.79
CA GLY A 16 3.67 -15.22 -13.95
C GLY A 16 3.73 -13.71 -13.78
N ARG A 17 2.75 -13.00 -14.37
CA ARG A 17 2.40 -11.63 -14.01
C ARG A 17 1.01 -11.36 -14.58
N THR A 18 0.46 -10.20 -14.21
CA THR A 18 -0.66 -9.54 -14.87
C THR A 18 -0.23 -8.12 -15.28
N PRO A 19 -1.01 -7.43 -16.15
CA PRO A 19 -0.83 -6.00 -16.44
C PRO A 19 -1.33 -5.15 -15.25
N LYS A 20 -1.56 -3.85 -15.47
CA LYS A 20 -2.22 -2.95 -14.51
C LYS A 20 -3.40 -2.27 -15.20
N SER A 21 -4.27 -1.64 -14.40
CA SER A 21 -5.39 -0.85 -14.89
C SER A 21 -5.21 0.58 -14.37
N GLU A 22 -5.38 0.81 -13.07
CA GLU A 22 -5.18 2.08 -12.39
C GLU A 22 -4.13 1.88 -11.30
N ARG A 23 -3.45 2.97 -10.96
CA ARG A 23 -2.60 3.14 -9.79
C ARG A 23 -2.73 4.60 -9.39
N ASP A 24 -2.40 4.93 -8.15
CA ASP A 24 -2.79 6.19 -7.53
C ASP A 24 -1.77 6.54 -6.48
N LYS A 25 -1.57 7.83 -6.17
CA LYS A 25 -0.75 8.25 -5.05
C LYS A 25 -1.19 7.48 -3.78
N PHE A 26 -2.50 7.39 -3.53
CA PHE A 26 -3.05 6.68 -2.39
C PHE A 26 -2.63 5.20 -2.40
N ARG A 27 -2.76 4.51 -3.54
CA ARG A 27 -2.32 3.12 -3.66
C ARG A 27 -0.80 3.02 -3.54
N LEU A 28 -0.02 3.90 -4.20
CA LEU A 28 1.42 3.88 -4.20
C LEU A 28 1.93 3.94 -2.76
N LEU A 29 1.28 4.74 -1.90
CA LEU A 29 1.58 4.72 -0.47
C LEU A 29 1.10 3.40 0.16
N LEU A 30 -0.17 3.04 -0.02
CA LEU A 30 -0.85 2.05 0.79
C LEU A 30 -0.25 0.67 0.58
N GLU A 31 0.16 0.37 -0.65
CA GLU A 31 0.74 -0.88 -1.05
C GLU A 31 2.11 -1.05 -0.38
N LEU A 32 2.91 0.02 -0.25
CA LEU A 32 4.15 -0.07 0.53
C LEU A 32 3.85 -0.33 2.00
N ILE A 33 2.75 0.23 2.55
CA ILE A 33 2.39 -0.05 3.94
C ILE A 33 2.14 -1.56 4.09
N LYS A 34 1.40 -2.21 3.18
CA LYS A 34 1.05 -3.62 3.36
C LYS A 34 2.26 -4.49 3.08
N GLU A 35 3.08 -4.11 2.10
CA GLU A 35 4.21 -4.94 1.70
C GLU A 35 5.33 -4.92 2.74
N TYR A 36 5.29 -3.95 3.66
CA TYR A 36 6.29 -3.80 4.72
C TYR A 36 5.68 -4.07 6.09
N GLU A 37 4.36 -3.96 6.25
CA GLU A 37 3.64 -4.39 7.43
C GLU A 37 4.00 -5.84 7.77
N ASP A 38 3.72 -6.77 6.86
CA ASP A 38 3.79 -8.21 7.15
C ASP A 38 5.21 -8.60 7.57
N ASP A 39 6.20 -7.93 6.99
CA ASP A 39 7.61 -8.14 7.28
C ASP A 39 7.97 -7.70 8.69
N TYR A 40 7.41 -6.57 9.13
CA TYR A 40 7.58 -6.02 10.46
C TYR A 40 6.58 -6.64 11.44
N GLY A 41 5.66 -7.48 10.96
CA GLY A 41 4.69 -8.21 11.78
C GLY A 41 3.38 -7.43 11.99
N GLY A 42 3.13 -6.43 11.15
CA GLY A 42 1.90 -5.68 11.01
C GLY A 42 2.05 -4.22 11.43
N ARG A 43 3.19 -3.61 11.12
CA ARG A 43 3.55 -2.21 11.41
C ARG A 43 4.52 -1.77 10.30
N ALA A 44 4.58 -0.51 9.86
CA ALA A 44 5.43 -0.11 8.73
C ALA A 44 6.05 1.29 8.98
N PRO A 45 7.38 1.46 8.97
CA PRO A 45 8.03 2.72 9.34
C PRO A 45 7.73 3.86 8.36
N THR A 46 7.10 4.92 8.86
CA THR A 46 6.59 6.07 8.12
C THR A 46 7.73 6.81 7.43
N ASN A 47 8.89 6.90 8.08
CA ASN A 47 10.09 7.49 7.51
C ASN A 47 10.55 6.73 6.26
N ILE A 48 10.47 5.40 6.31
CA ILE A 48 10.90 4.58 5.21
C ILE A 48 9.83 4.63 4.12
N LEU A 49 8.54 4.64 4.46
CA LEU A 49 7.45 4.86 3.50
C LEU A 49 7.69 6.12 2.66
N ILE A 50 8.05 7.24 3.30
CA ILE A 50 8.41 8.49 2.62
C ILE A 50 9.59 8.21 1.69
N THR A 51 10.71 7.75 2.28
CA THR A 51 11.97 7.52 1.59
C THR A 51 11.74 6.64 0.36
N GLU A 52 11.13 5.48 0.53
CA GLU A 52 10.79 4.52 -0.51
C GLU A 52 9.89 5.18 -1.56
N MET A 53 8.84 5.91 -1.18
CA MET A 53 7.99 6.57 -2.16
C MET A 53 8.79 7.50 -3.07
N MET A 54 9.79 8.23 -2.53
CA MET A 54 10.66 9.04 -3.41
C MET A 54 11.59 8.15 -4.24
N ASP A 55 12.06 7.02 -3.69
CA ASP A 55 13.12 6.21 -4.30
C ASP A 55 12.57 5.22 -5.33
N ARG A 56 11.26 5.01 -5.29
CA ARG A 56 10.55 3.98 -6.04
C ARG A 56 9.56 4.63 -7.00
N TYR A 57 8.98 5.77 -6.61
CA TYR A 57 7.92 6.43 -7.36
C TYR A 57 8.15 7.94 -7.52
N ASN A 58 9.31 8.47 -7.08
CA ASN A 58 9.73 9.86 -7.25
C ASN A 58 8.77 10.87 -6.57
N VAL A 59 8.00 10.43 -5.56
CA VAL A 59 7.03 11.28 -4.88
C VAL A 59 7.77 12.09 -3.81
N SER A 60 7.66 13.43 -3.85
CA SER A 60 8.23 14.36 -2.90
C SER A 60 7.69 14.11 -1.50
N GLU A 61 8.46 14.42 -0.45
CA GLU A 61 8.11 14.14 0.94
C GLU A 61 6.79 14.83 1.34
N GLU A 62 6.55 16.03 0.80
CA GLU A 62 5.31 16.79 0.83
C GLU A 62 4.17 15.92 0.29
N LYS A 63 4.33 15.51 -0.96
CA LYS A 63 3.38 14.74 -1.75
C LYS A 63 3.15 13.32 -1.23
N VAL A 64 4.03 12.82 -0.37
CA VAL A 64 3.79 11.63 0.44
C VAL A 64 3.12 11.98 1.76
N GLU A 65 3.58 12.98 2.51
CA GLU A 65 2.99 13.35 3.80
C GLU A 65 1.50 13.68 3.67
N GLU A 66 1.08 14.20 2.52
CA GLU A 66 -0.34 14.37 2.26
C GLU A 66 -1.06 13.01 2.32
N LEU A 67 -0.50 11.97 1.70
CA LEU A 67 -1.07 10.64 1.57
C LEU A 67 -1.17 10.03 2.96
N ILE A 68 -0.09 10.22 3.71
CA ILE A 68 0.02 9.77 5.08
C ILE A 68 -1.10 10.43 5.89
N ARG A 69 -1.38 11.74 5.72
CA ARG A 69 -2.50 12.31 6.47
C ARG A 69 -3.83 11.82 5.90
N ILE A 70 -4.08 11.94 4.59
CA ILE A 70 -5.36 11.65 3.95
C ILE A 70 -5.83 10.26 4.35
N LEU A 71 -4.98 9.25 4.18
CA LEU A 71 -5.39 7.91 4.54
C LEU A 71 -5.59 7.72 6.07
N LYS A 72 -4.92 8.51 6.90
CA LYS A 72 -5.06 8.50 8.38
C LYS A 72 -6.38 9.15 8.77
N ASP A 73 -6.66 10.26 8.11
CA ASP A 73 -7.83 11.13 8.23
C ASP A 73 -9.08 10.34 7.88
N LYS A 74 -8.98 9.50 6.83
CA LYS A 74 -10.00 8.55 6.41
C LYS A 74 -10.20 7.39 7.40
N GLY A 75 -9.27 7.19 8.33
CA GLY A 75 -9.22 5.98 9.15
C GLY A 75 -8.91 4.74 8.30
N ALA A 76 -8.34 4.90 7.11
CA ALA A 76 -7.86 3.79 6.30
C ALA A 76 -6.53 3.28 6.84
N ILE A 77 -5.69 4.17 7.39
CA ILE A 77 -4.46 3.81 8.07
C ILE A 77 -4.42 4.53 9.41
N PHE A 78 -3.41 4.21 10.20
CA PHE A 78 -3.17 4.82 11.48
C PHE A 78 -1.68 4.73 11.81
N GLU A 79 -1.27 5.38 12.89
CA GLU A 79 0.13 5.53 13.29
C GLU A 79 0.34 4.83 14.65
N PRO A 80 0.53 3.49 14.68
CA PRO A 80 0.64 2.66 15.88
C PRO A 80 1.88 2.91 16.74
N ALA A 81 2.80 3.76 16.28
CA ALA A 81 3.88 4.32 17.08
C ALA A 81 4.40 5.61 16.45
N ARG A 82 5.27 6.31 17.18
CA ARG A 82 5.86 7.64 16.93
C ARG A 82 6.62 7.86 15.60
N GLY A 83 6.45 6.98 14.61
CA GLY A 83 7.03 7.05 13.28
C GLY A 83 6.75 5.78 12.48
N TYR A 84 5.63 5.09 12.75
CA TYR A 84 5.27 3.84 12.10
C TYR A 84 3.78 3.88 11.83
N LEU A 85 3.40 3.60 10.58
CA LEU A 85 2.05 3.44 10.09
C LEU A 85 1.58 1.98 10.24
N LYS A 86 0.28 1.77 10.04
CA LYS A 86 -0.42 0.50 9.92
C LYS A 86 -1.70 0.72 9.11
N ILE A 87 -2.15 -0.29 8.38
CA ILE A 87 -3.48 -0.29 7.76
C ILE A 87 -4.51 -0.69 8.83
N VAL A 88 -5.57 0.11 8.98
CA VAL A 88 -6.69 -0.23 9.85
C VAL A 88 -7.41 -1.47 9.30
N GLY A 1 -22.03 1.48 -21.00
CA GLY A 1 -22.99 0.67 -21.75
C GLY A 1 -23.20 -0.66 -21.04
N ALA A 2 -23.66 -1.68 -21.78
CA ALA A 2 -23.74 -3.06 -21.32
C ALA A 2 -23.36 -3.95 -22.50
N MET A 3 -22.78 -5.12 -22.21
CA MET A 3 -22.30 -6.10 -23.17
C MET A 3 -22.01 -7.40 -22.40
N GLY A 4 -21.64 -8.45 -23.12
CA GLY A 4 -21.13 -9.71 -22.61
C GLY A 4 -20.53 -10.49 -23.78
N GLU A 5 -19.92 -11.65 -23.50
CA GLU A 5 -19.19 -12.47 -24.45
C GLU A 5 -19.83 -13.85 -24.59
N THR A 6 -19.36 -14.62 -25.57
CA THR A 6 -19.80 -15.97 -25.89
C THR A 6 -18.81 -17.04 -25.40
N GLY A 7 -17.71 -16.61 -24.75
CA GLY A 7 -16.71 -17.49 -24.16
C GLY A 7 -17.00 -17.75 -22.67
N LYS A 8 -16.07 -18.40 -21.99
CA LYS A 8 -16.07 -18.54 -20.54
C LYS A 8 -14.67 -18.14 -20.07
N ILE A 9 -14.59 -17.34 -19.00
CA ILE A 9 -13.33 -16.76 -18.54
C ILE A 9 -12.41 -17.89 -18.05
N ASP A 10 -11.12 -17.77 -18.36
CA ASP A 10 -10.07 -18.70 -17.95
C ASP A 10 -8.77 -17.90 -17.77
N ILE A 11 -7.74 -18.52 -17.20
CA ILE A 11 -6.38 -17.97 -17.16
C ILE A 11 -5.42 -19.16 -17.27
N ASP A 12 -4.66 -19.20 -18.36
CA ASP A 12 -3.61 -20.16 -18.68
C ASP A 12 -2.41 -20.19 -17.72
N LYS A 13 -2.51 -19.50 -16.58
CA LYS A 13 -1.41 -19.12 -15.71
C LYS A 13 -0.34 -18.23 -16.37
N VAL A 14 -0.63 -17.71 -17.57
CA VAL A 14 0.22 -16.76 -18.29
C VAL A 14 0.43 -15.47 -17.49
N GLU A 15 -0.53 -15.09 -16.64
CA GLU A 15 -0.46 -13.87 -15.86
C GLU A 15 -1.06 -14.11 -14.47
N GLY A 16 -0.70 -13.23 -13.53
CA GLY A 16 -1.20 -13.18 -12.16
C GLY A 16 -1.22 -11.73 -11.67
N ARG A 17 -1.85 -10.83 -12.44
CA ARG A 17 -2.08 -9.43 -12.11
C ARG A 17 -3.50 -9.06 -12.50
N THR A 18 -3.97 -7.89 -12.08
CA THR A 18 -5.15 -7.28 -12.66
C THR A 18 -4.84 -6.79 -14.08
N PRO A 19 -5.84 -6.69 -14.96
CA PRO A 19 -5.71 -5.99 -16.24
C PRO A 19 -5.56 -4.48 -16.02
N LYS A 20 -6.08 -3.99 -14.90
CA LYS A 20 -5.78 -2.68 -14.36
C LYS A 20 -4.38 -2.74 -13.74
N SER A 21 -3.38 -2.26 -14.47
CA SER A 21 -2.08 -1.93 -13.90
C SER A 21 -2.11 -0.57 -13.17
N GLU A 22 -3.14 0.24 -13.44
CA GLU A 22 -3.23 1.64 -13.01
C GLU A 22 -3.55 1.74 -11.52
N ARG A 23 -3.24 2.90 -10.94
CA ARG A 23 -3.30 3.14 -9.51
C ARG A 23 -3.35 4.65 -9.23
N ASP A 24 -3.05 5.03 -8.00
CA ASP A 24 -3.42 6.29 -7.36
C ASP A 24 -2.36 6.61 -6.33
N LYS A 25 -2.07 7.89 -6.04
CA LYS A 25 -1.14 8.26 -4.98
C LYS A 25 -1.50 7.55 -3.67
N PHE A 26 -2.79 7.50 -3.33
CA PHE A 26 -3.25 6.84 -2.12
C PHE A 26 -2.88 5.35 -2.17
N ARG A 27 -3.00 4.71 -3.33
CA ARG A 27 -2.64 3.32 -3.54
C ARG A 27 -1.13 3.13 -3.55
N LEU A 28 -0.35 4.05 -4.16
CA LEU A 28 1.10 4.04 -4.16
C LEU A 28 1.57 3.96 -2.71
N LEU A 29 1.06 4.85 -1.84
CA LEU A 29 1.44 4.80 -0.44
C LEU A 29 1.01 3.47 0.19
N LEU A 30 -0.25 3.09 0.00
CA LEU A 30 -0.88 1.95 0.64
C LEU A 30 -0.12 0.67 0.31
N GLU A 31 0.35 0.51 -0.93
CA GLU A 31 1.16 -0.61 -1.37
C GLU A 31 2.38 -0.80 -0.47
N LEU A 32 3.12 0.28 -0.19
CA LEU A 32 4.29 0.21 0.67
C LEU A 32 3.88 -0.16 2.09
N ILE A 33 2.72 0.30 2.57
CA ILE A 33 2.27 -0.11 3.90
C ILE A 33 2.11 -1.63 3.92
N LYS A 34 1.63 -2.26 2.84
CA LYS A 34 1.43 -3.70 2.82
C LYS A 34 2.78 -4.38 2.91
N GLU A 35 3.70 -3.94 2.05
CA GLU A 35 4.96 -4.62 1.85
C GLU A 35 5.90 -4.48 3.04
N TYR A 36 5.60 -3.54 3.96
CA TYR A 36 6.46 -3.22 5.07
C TYR A 36 5.79 -3.53 6.40
N GLU A 37 4.46 -3.63 6.45
CA GLU A 37 3.76 -4.06 7.65
C GLU A 37 4.22 -5.47 8.02
N ASP A 38 3.96 -6.45 7.14
CA ASP A 38 4.06 -7.87 7.47
C ASP A 38 5.49 -8.21 7.91
N ASP A 39 6.45 -7.50 7.33
CA ASP A 39 7.87 -7.66 7.56
C ASP A 39 8.27 -7.23 8.97
N TYR A 40 7.67 -6.11 9.41
CA TYR A 40 7.93 -5.50 10.70
C TYR A 40 6.98 -6.05 11.77
N GLY A 41 5.98 -6.83 11.35
CA GLY A 41 5.04 -7.51 12.25
C GLY A 41 3.73 -6.75 12.34
N GLY A 42 3.23 -6.31 11.20
CA GLY A 42 2.02 -5.53 11.06
C GLY A 42 2.21 -4.07 11.47
N ARG A 43 3.38 -3.48 11.17
CA ARG A 43 3.78 -2.17 11.65
C ARG A 43 4.85 -1.54 10.73
N ALA A 44 4.42 -0.94 9.62
CA ALA A 44 5.29 -0.44 8.55
C ALA A 44 5.99 0.88 8.95
N PRO A 45 7.32 1.01 8.91
CA PRO A 45 8.04 2.22 9.32
C PRO A 45 7.80 3.39 8.34
N THR A 46 7.22 4.48 8.84
CA THR A 46 6.71 5.60 8.06
C THR A 46 7.86 6.34 7.35
N ASN A 47 9.03 6.41 7.98
CA ASN A 47 10.19 7.04 7.36
C ASN A 47 10.68 6.25 6.15
N ILE A 48 10.52 4.92 6.17
CA ILE A 48 10.86 4.09 5.02
C ILE A 48 9.77 4.25 3.96
N LEU A 49 8.49 4.29 4.33
CA LEU A 49 7.40 4.60 3.41
C LEU A 49 7.69 5.85 2.59
N ILE A 50 8.09 6.94 3.26
CA ILE A 50 8.47 8.18 2.59
C ILE A 50 9.63 7.89 1.64
N THR A 51 10.75 7.43 2.18
CA THR A 51 11.98 7.13 1.45
C THR A 51 11.68 6.32 0.18
N GLU A 52 11.00 5.18 0.34
CA GLU A 52 10.61 4.26 -0.71
C GLU A 52 9.73 4.94 -1.75
N MET A 53 8.74 5.74 -1.33
CA MET A 53 7.87 6.43 -2.27
C MET A 53 8.68 7.41 -3.14
N MET A 54 9.69 8.08 -2.57
CA MET A 54 10.50 9.02 -3.36
C MET A 54 11.47 8.26 -4.27
N ASP A 55 11.81 7.02 -3.92
CA ASP A 55 12.77 6.22 -4.63
C ASP A 55 12.08 5.54 -5.80
N ARG A 56 10.94 4.93 -5.50
CA ARG A 56 10.26 4.00 -6.39
C ARG A 56 9.19 4.71 -7.21
N TYR A 57 8.67 5.85 -6.75
CA TYR A 57 7.61 6.57 -7.43
C TYR A 57 7.88 8.07 -7.55
N ASN A 58 9.04 8.56 -7.07
CA ASN A 58 9.45 9.98 -7.11
C ASN A 58 8.36 10.92 -6.59
N VAL A 59 7.69 10.51 -5.51
CA VAL A 59 6.75 11.33 -4.75
C VAL A 59 7.58 11.98 -3.66
N SER A 60 7.73 13.31 -3.67
CA SER A 60 8.50 14.07 -2.70
C SER A 60 7.92 13.88 -1.31
N GLU A 61 8.75 14.05 -0.27
CA GLU A 61 8.37 13.84 1.12
C GLU A 61 7.06 14.57 1.46
N GLU A 62 6.90 15.82 1.00
CA GLU A 62 5.68 16.60 1.19
C GLU A 62 4.48 15.91 0.53
N LYS A 63 4.70 15.45 -0.71
CA LYS A 63 3.73 14.78 -1.54
C LYS A 63 3.44 13.36 -1.06
N VAL A 64 4.23 12.80 -0.14
CA VAL A 64 3.89 11.58 0.61
C VAL A 64 3.22 11.96 1.94
N GLU A 65 3.71 12.96 2.67
CA GLU A 65 3.13 13.39 3.95
C GLU A 65 1.63 13.66 3.81
N GLU A 66 1.22 14.22 2.65
CA GLU A 66 -0.19 14.42 2.38
C GLU A 66 -0.95 13.09 2.42
N LEU A 67 -0.41 12.07 1.76
CA LEU A 67 -1.03 10.75 1.61
C LEU A 67 -1.17 10.14 2.99
N ILE A 68 -0.10 10.28 3.78
CA ILE A 68 -0.04 9.80 5.14
C ILE A 68 -1.16 10.47 5.94
N ARG A 69 -1.38 11.79 5.81
CA ARG A 69 -2.44 12.38 6.63
C ARG A 69 -3.81 12.03 6.06
N ILE A 70 -4.01 12.09 4.75
CA ILE A 70 -5.30 11.85 4.10
C ILE A 70 -5.79 10.45 4.49
N LEU A 71 -5.01 9.41 4.24
CA LEU A 71 -5.47 8.07 4.54
C LEU A 71 -5.68 7.86 6.06
N LYS A 72 -4.96 8.60 6.91
CA LYS A 72 -5.11 8.55 8.37
C LYS A 72 -6.43 9.19 8.80
N ASP A 73 -6.72 10.30 8.14
CA ASP A 73 -7.87 11.19 8.35
C ASP A 73 -9.15 10.46 7.98
N LYS A 74 -9.07 9.67 6.90
CA LYS A 74 -10.11 8.76 6.45
C LYS A 74 -10.26 7.55 7.37
N GLY A 75 -9.33 7.33 8.31
CA GLY A 75 -9.27 6.11 9.10
C GLY A 75 -8.98 4.88 8.23
N ALA A 76 -8.45 5.06 7.02
CA ALA A 76 -8.04 3.95 6.15
C ALA A 76 -6.71 3.37 6.63
N ILE A 77 -5.86 4.22 7.22
CA ILE A 77 -4.64 3.81 7.88
C ILE A 77 -4.58 4.47 9.24
N PHE A 78 -3.57 4.10 9.99
CA PHE A 78 -3.35 4.53 11.35
C PHE A 78 -1.85 4.55 11.60
N GLU A 79 -1.42 5.24 12.66
CA GLU A 79 -0.02 5.39 13.02
C GLU A 79 0.15 4.78 14.42
N PRO A 80 0.31 3.45 14.56
CA PRO A 80 0.34 2.76 15.84
C PRO A 80 1.48 3.19 16.77
N ALA A 81 2.54 3.80 16.23
CA ALA A 81 3.64 4.35 17.01
C ALA A 81 4.29 5.53 16.29
N ARG A 82 5.20 6.23 16.98
CA ARG A 82 5.87 7.50 16.67
C ARG A 82 6.58 7.64 15.32
N GLY A 83 6.50 6.65 14.44
CA GLY A 83 7.02 6.67 13.08
C GLY A 83 6.70 5.36 12.37
N TYR A 84 5.49 4.82 12.60
CA TYR A 84 5.08 3.51 12.14
C TYR A 84 3.62 3.61 11.74
N LEU A 85 3.30 3.25 10.49
CA LEU A 85 1.97 3.19 9.90
C LEU A 85 1.42 1.75 9.93
N LYS A 86 0.10 1.65 9.75
CA LYS A 86 -0.67 0.42 9.63
C LYS A 86 -1.95 0.69 8.87
N ILE A 87 -2.40 -0.28 8.07
CA ILE A 87 -3.71 -0.29 7.46
C ILE A 87 -4.74 -0.69 8.52
N VAL A 88 -5.84 0.07 8.60
CA VAL A 88 -6.98 -0.22 9.46
C VAL A 88 -7.43 -1.68 9.36
N GLY A 1 -24.68 -36.15 -14.35
CA GLY A 1 -24.82 -35.62 -12.99
C GLY A 1 -26.11 -36.08 -12.34
N ALA A 2 -26.26 -35.77 -11.05
CA ALA A 2 -27.54 -35.78 -10.35
C ALA A 2 -28.45 -34.67 -10.88
N MET A 3 -29.68 -34.58 -10.36
CA MET A 3 -30.66 -33.57 -10.73
C MET A 3 -30.16 -32.14 -10.43
N GLY A 4 -29.24 -31.99 -9.47
CA GLY A 4 -28.46 -30.78 -9.24
C GLY A 4 -27.19 -31.21 -8.51
N GLU A 5 -26.07 -30.54 -8.81
CA GLU A 5 -24.75 -30.81 -8.26
C GLU A 5 -23.86 -29.60 -8.56
N THR A 6 -22.62 -29.58 -8.06
CA THR A 6 -21.58 -28.63 -8.42
C THR A 6 -20.24 -29.26 -8.03
N GLY A 7 -19.17 -28.95 -8.79
CA GLY A 7 -17.84 -29.44 -8.52
C GLY A 7 -16.95 -29.18 -9.74
N LYS A 8 -15.85 -28.44 -9.55
CA LYS A 8 -14.81 -28.20 -10.54
C LYS A 8 -13.45 -28.38 -9.87
N ILE A 9 -12.39 -28.56 -10.67
CA ILE A 9 -11.00 -28.44 -10.23
C ILE A 9 -10.31 -27.64 -11.34
N ASP A 10 -10.30 -26.33 -11.13
CA ASP A 10 -9.87 -25.29 -12.07
C ASP A 10 -9.36 -24.10 -11.25
N ILE A 11 -8.63 -23.19 -11.92
CA ILE A 11 -8.08 -21.92 -11.43
C ILE A 11 -7.07 -22.06 -10.27
N ASP A 12 -7.06 -23.18 -9.57
CA ASP A 12 -6.15 -23.64 -8.52
C ASP A 12 -4.68 -23.29 -8.78
N LYS A 13 -4.23 -23.46 -10.03
CA LYS A 13 -2.85 -23.28 -10.47
C LYS A 13 -2.64 -21.95 -11.22
N VAL A 14 -3.64 -21.06 -11.22
CA VAL A 14 -3.64 -19.82 -11.99
C VAL A 14 -3.75 -18.66 -11.02
N GLU A 15 -2.62 -18.04 -10.74
CA GLU A 15 -2.52 -16.85 -9.90
C GLU A 15 -1.36 -15.99 -10.40
N GLY A 16 -1.20 -14.81 -9.78
CA GLY A 16 -0.35 -13.73 -10.20
C GLY A 16 -1.14 -12.45 -10.43
N ARG A 17 -2.34 -12.33 -9.87
CA ARG A 17 -3.34 -11.40 -10.34
C ARG A 17 -3.69 -10.40 -9.25
N THR A 18 -3.56 -9.13 -9.62
CA THR A 18 -3.91 -7.96 -8.82
C THR A 18 -4.51 -6.93 -9.77
N PRO A 19 -5.19 -5.89 -9.27
CA PRO A 19 -5.65 -4.76 -10.07
C PRO A 19 -4.49 -3.84 -10.53
N LYS A 20 -3.30 -4.40 -10.83
CA LYS A 20 -2.09 -3.67 -11.22
C LYS A 20 -2.21 -2.91 -12.54
N SER A 21 -3.30 -3.09 -13.29
CA SER A 21 -3.60 -2.24 -14.43
C SER A 21 -4.05 -0.83 -14.02
N GLU A 22 -4.18 -0.55 -12.72
CA GLU A 22 -4.45 0.76 -12.16
C GLU A 22 -3.50 0.94 -10.97
N ARG A 23 -3.11 2.19 -10.73
CA ARG A 23 -2.42 2.60 -9.50
C ARG A 23 -2.74 4.07 -9.26
N ASP A 24 -2.72 4.50 -8.00
CA ASP A 24 -2.82 5.90 -7.61
C ASP A 24 -1.83 6.15 -6.46
N LYS A 25 -1.41 7.40 -6.24
CA LYS A 25 -0.61 7.87 -5.11
C LYS A 25 -1.08 7.27 -3.77
N PHE A 26 -2.39 7.35 -3.51
CA PHE A 26 -3.03 6.86 -2.29
C PHE A 26 -2.77 5.37 -2.12
N ARG A 27 -2.98 4.63 -3.22
CA ARG A 27 -2.64 3.24 -3.38
C ARG A 27 -1.15 3.03 -3.13
N LEU A 28 -0.25 3.72 -3.84
CA LEU A 28 1.18 3.47 -3.78
C LEU A 28 1.62 3.53 -2.32
N LEU A 29 1.14 4.54 -1.58
CA LEU A 29 1.38 4.58 -0.16
C LEU A 29 0.79 3.35 0.56
N LEU A 30 -0.52 3.11 0.44
CA LEU A 30 -1.24 2.05 1.14
C LEU A 30 -0.76 0.62 0.83
N GLU A 31 -0.19 0.40 -0.36
CA GLU A 31 0.42 -0.82 -0.86
C GLU A 31 1.80 -0.95 -0.19
N LEU A 32 2.59 0.13 -0.08
CA LEU A 32 3.81 0.09 0.73
C LEU A 32 3.49 -0.23 2.18
N ILE A 33 2.37 0.26 2.73
CA ILE A 33 2.04 -0.04 4.12
C ILE A 33 1.86 -1.55 4.27
N LYS A 34 1.28 -2.27 3.29
CA LYS A 34 1.07 -3.71 3.45
C LYS A 34 2.37 -4.46 3.23
N GLU A 35 3.19 -4.04 2.25
CA GLU A 35 4.44 -4.72 1.96
C GLU A 35 5.44 -4.59 3.13
N TYR A 36 5.22 -3.64 4.05
CA TYR A 36 6.19 -3.32 5.10
C TYR A 36 5.61 -3.63 6.47
N GLU A 37 4.29 -3.60 6.63
CA GLU A 37 3.68 -4.25 7.77
C GLU A 37 4.01 -5.74 7.72
N ASP A 38 3.72 -6.44 6.61
CA ASP A 38 3.88 -7.89 6.53
C ASP A 38 5.34 -8.30 6.73
N ASP A 39 6.28 -7.44 6.32
CA ASP A 39 7.72 -7.63 6.47
C ASP A 39 8.11 -7.66 7.93
N TYR A 40 7.57 -6.71 8.69
CA TYR A 40 7.84 -6.55 10.10
C TYR A 40 6.92 -7.44 10.94
N GLY A 41 5.92 -8.06 10.31
CA GLY A 41 4.91 -8.83 11.01
C GLY A 41 3.87 -7.93 11.69
N GLY A 42 3.79 -6.68 11.23
CA GLY A 42 2.83 -5.65 11.60
C GLY A 42 3.50 -4.38 12.08
N ARG A 43 4.45 -3.83 11.29
CA ARG A 43 4.96 -2.48 11.50
C ARG A 43 5.58 -1.90 10.23
N ALA A 44 4.86 -1.06 9.48
CA ALA A 44 5.42 -0.34 8.35
C ALA A 44 6.02 1.00 8.82
N PRO A 45 7.36 1.13 8.91
CA PRO A 45 8.02 2.36 9.35
C PRO A 45 7.78 3.51 8.37
N THR A 46 7.20 4.61 8.87
CA THR A 46 6.78 5.78 8.11
C THR A 46 8.00 6.39 7.39
N ASN A 47 9.17 6.36 8.04
CA ASN A 47 10.39 6.90 7.47
C ASN A 47 10.79 6.16 6.19
N ILE A 48 10.52 4.84 6.13
CA ILE A 48 10.86 4.02 4.99
C ILE A 48 9.82 4.27 3.91
N LEU A 49 8.52 4.18 4.24
CA LEU A 49 7.40 4.52 3.34
C LEU A 49 7.68 5.80 2.55
N ILE A 50 8.01 6.88 3.26
CA ILE A 50 8.29 8.18 2.65
C ILE A 50 9.46 8.03 1.68
N THR A 51 10.63 7.64 2.19
CA THR A 51 11.86 7.57 1.43
C THR A 51 11.67 6.70 0.18
N GLU A 52 11.09 5.50 0.35
CA GLU A 52 10.78 4.56 -0.72
C GLU A 52 9.85 5.22 -1.75
N MET A 53 8.78 5.90 -1.34
CA MET A 53 7.92 6.61 -2.29
C MET A 53 8.71 7.64 -3.12
N MET A 54 9.67 8.37 -2.53
CA MET A 54 10.52 9.30 -3.28
C MET A 54 11.46 8.53 -4.21
N ASP A 55 11.89 7.33 -3.80
CA ASP A 55 12.88 6.55 -4.52
C ASP A 55 12.25 5.93 -5.75
N ARG A 56 11.11 5.29 -5.51
CA ARG A 56 10.40 4.47 -6.46
C ARG A 56 9.61 5.33 -7.44
N TYR A 57 9.04 6.44 -6.95
CA TYR A 57 8.01 7.18 -7.68
C TYR A 57 8.26 8.68 -7.74
N ASN A 58 9.38 9.16 -7.15
CA ASN A 58 9.76 10.56 -7.06
C ASN A 58 8.68 11.41 -6.35
N VAL A 59 7.88 10.79 -5.48
CA VAL A 59 6.91 11.51 -4.68
C VAL A 59 7.72 12.07 -3.51
N SER A 60 7.96 13.39 -3.52
CA SER A 60 8.73 14.11 -2.53
C SER A 60 8.12 13.85 -1.16
N GLU A 61 8.94 13.93 -0.10
CA GLU A 61 8.52 13.72 1.28
C GLU A 61 7.23 14.49 1.59
N GLU A 62 7.15 15.74 1.13
CA GLU A 62 6.02 16.64 1.24
C GLU A 62 4.76 15.99 0.70
N LYS A 63 4.94 15.44 -0.49
CA LYS A 63 3.93 14.92 -1.37
C LYS A 63 3.51 13.52 -0.95
N VAL A 64 4.32 12.82 -0.15
CA VAL A 64 3.93 11.59 0.54
C VAL A 64 3.18 11.95 1.81
N GLU A 65 3.65 12.94 2.57
CA GLU A 65 3.06 13.30 3.86
C GLU A 65 1.56 13.59 3.71
N GLU A 66 1.17 14.25 2.62
CA GLU A 66 -0.25 14.47 2.33
C GLU A 66 -1.01 13.13 2.26
N LEU A 67 -0.44 12.15 1.55
CA LEU A 67 -1.02 10.83 1.32
C LEU A 67 -1.21 10.16 2.68
N ILE A 68 -0.18 10.29 3.53
CA ILE A 68 -0.21 9.80 4.90
C ILE A 68 -1.38 10.47 5.63
N ARG A 69 -1.56 11.79 5.54
CA ARG A 69 -2.61 12.44 6.35
C ARG A 69 -3.98 12.04 5.82
N ILE A 70 -4.17 12.12 4.50
CA ILE A 70 -5.44 11.81 3.85
C ILE A 70 -5.92 10.43 4.30
N LEU A 71 -5.11 9.38 4.09
CA LEU A 71 -5.56 8.04 4.44
C LEU A 71 -5.72 7.85 5.96
N LYS A 72 -5.02 8.66 6.78
CA LYS A 72 -5.18 8.65 8.24
C LYS A 72 -6.52 9.23 8.63
N ASP A 73 -6.87 10.32 7.97
CA ASP A 73 -8.06 11.15 8.18
C ASP A 73 -9.31 10.36 7.82
N LYS A 74 -9.20 9.58 6.75
CA LYS A 74 -10.21 8.65 6.30
C LYS A 74 -10.39 7.46 7.25
N GLY A 75 -9.47 7.27 8.20
CA GLY A 75 -9.41 6.06 9.01
C GLY A 75 -9.14 4.83 8.15
N ALA A 76 -8.49 5.00 6.99
CA ALA A 76 -8.00 3.88 6.21
C ALA A 76 -6.69 3.37 6.82
N ILE A 77 -5.87 4.29 7.33
CA ILE A 77 -4.62 3.96 8.01
C ILE A 77 -4.55 4.75 9.30
N PHE A 78 -3.47 4.55 10.04
CA PHE A 78 -3.25 5.16 11.33
C PHE A 78 -1.76 5.22 11.60
N GLU A 79 -1.38 5.93 12.66
CA GLU A 79 0.00 6.01 13.13
C GLU A 79 0.02 5.64 14.61
N PRO A 80 -0.05 4.33 14.95
CA PRO A 80 -0.16 3.84 16.32
C PRO A 80 1.10 4.09 17.17
N ALA A 81 2.24 4.36 16.52
CA ALA A 81 3.49 4.73 17.16
C ALA A 81 4.21 5.79 16.34
N ARG A 82 5.31 6.30 16.91
CA ARG A 82 6.03 7.52 16.57
C ARG A 82 6.71 7.55 15.19
N GLY A 83 6.35 6.62 14.30
CA GLY A 83 6.89 6.48 12.96
C GLY A 83 6.56 5.10 12.39
N TYR A 84 5.35 4.60 12.65
CA TYR A 84 4.83 3.34 12.15
C TYR A 84 3.43 3.65 11.61
N LEU A 85 3.20 3.49 10.30
CA LEU A 85 1.85 3.51 9.74
C LEU A 85 1.25 2.12 9.72
N LYS A 86 0.02 2.04 10.22
CA LYS A 86 -0.80 0.84 10.33
C LYS A 86 -1.95 0.97 9.35
N ILE A 87 -2.27 -0.12 8.67
CA ILE A 87 -3.59 -0.23 8.03
C ILE A 87 -4.62 -0.45 9.14
N VAL A 88 -5.68 0.36 9.20
CA VAL A 88 -6.69 0.24 10.26
C VAL A 88 -7.25 -1.18 10.33
N GLY A 1 19.26 -24.00 -39.90
CA GLY A 1 20.49 -24.41 -40.60
C GLY A 1 20.23 -25.77 -41.18
N ALA A 2 20.95 -26.79 -40.68
CA ALA A 2 20.39 -28.14 -40.64
C ALA A 2 19.21 -28.17 -39.66
N MET A 3 18.61 -29.36 -39.52
CA MET A 3 17.61 -29.74 -38.52
C MET A 3 18.00 -31.13 -38.00
N GLY A 4 17.26 -31.67 -37.03
CA GLY A 4 17.42 -33.02 -36.51
C GLY A 4 16.08 -33.75 -36.53
N GLU A 5 16.11 -35.06 -36.28
CA GLU A 5 14.92 -35.89 -36.18
C GLU A 5 14.28 -35.70 -34.80
N THR A 6 15.07 -35.82 -33.72
CA THR A 6 14.57 -35.78 -32.36
C THR A 6 14.16 -34.37 -31.94
N GLY A 7 13.55 -34.35 -30.76
CA GLY A 7 13.38 -33.19 -29.92
C GLY A 7 11.93 -32.71 -29.91
N LYS A 8 11.61 -31.76 -29.03
CA LYS A 8 10.30 -31.14 -28.93
C LYS A 8 10.44 -29.78 -28.24
N ILE A 9 9.30 -29.12 -28.01
CA ILE A 9 9.11 -28.06 -27.03
C ILE A 9 7.90 -28.49 -26.19
N ASP A 10 7.64 -27.77 -25.09
CA ASP A 10 6.48 -27.96 -24.22
C ASP A 10 5.91 -26.57 -23.93
N ILE A 11 4.70 -26.52 -23.37
CA ILE A 11 3.96 -25.29 -23.10
C ILE A 11 3.51 -25.36 -21.64
N ASP A 12 4.36 -24.78 -20.80
CA ASP A 12 4.18 -24.60 -19.38
C ASP A 12 5.08 -23.44 -19.01
N LYS A 13 4.36 -22.38 -18.67
CA LYS A 13 4.82 -21.13 -18.10
C LYS A 13 5.73 -20.31 -19.02
N VAL A 14 5.98 -20.79 -20.25
CA VAL A 14 6.78 -20.17 -21.31
C VAL A 14 6.25 -18.78 -21.70
N GLU A 15 4.97 -18.50 -21.42
CA GLU A 15 4.35 -17.18 -21.41
C GLU A 15 3.39 -17.17 -20.22
N GLY A 16 3.04 -15.99 -19.73
CA GLY A 16 1.96 -15.75 -18.78
C GLY A 16 1.72 -14.26 -18.66
N ARG A 17 0.44 -13.88 -18.53
CA ARG A 17 -0.01 -12.50 -18.53
C ARG A 17 -1.09 -12.33 -17.45
N THR A 18 -1.42 -11.09 -17.12
CA THR A 18 -2.46 -10.73 -16.15
C THR A 18 -3.17 -9.46 -16.64
N PRO A 19 -4.38 -9.16 -16.14
CA PRO A 19 -5.03 -7.86 -16.33
C PRO A 19 -4.34 -6.79 -15.45
N LYS A 20 -4.80 -5.55 -15.55
CA LYS A 20 -4.35 -4.44 -14.72
C LYS A 20 -5.54 -3.53 -14.41
N SER A 21 -5.34 -2.47 -13.64
CA SER A 21 -6.24 -1.34 -13.47
C SER A 21 -5.39 -0.13 -13.06
N GLU A 22 -6.03 1.02 -12.81
CA GLU A 22 -5.34 2.25 -12.44
C GLU A 22 -4.66 2.15 -11.07
N ARG A 23 -3.78 3.11 -10.80
CA ARG A 23 -3.03 3.32 -9.56
C ARG A 23 -3.30 4.74 -9.08
N ASP A 24 -2.95 5.04 -7.83
CA ASP A 24 -3.04 6.36 -7.23
C ASP A 24 -1.84 6.54 -6.31
N LYS A 25 -1.37 7.77 -6.07
CA LYS A 25 -0.45 8.06 -4.98
C LYS A 25 -0.99 7.46 -3.68
N PHE A 26 -2.30 7.58 -3.42
CA PHE A 26 -2.94 6.94 -2.27
C PHE A 26 -2.66 5.43 -2.24
N ARG A 27 -2.84 4.74 -3.37
CA ARG A 27 -2.51 3.33 -3.50
C ARG A 27 -1.01 3.11 -3.36
N LEU A 28 -0.15 3.88 -4.02
CA LEU A 28 1.29 3.69 -4.01
C LEU A 28 1.80 3.76 -2.57
N LEU A 29 1.25 4.68 -1.76
CA LEU A 29 1.52 4.69 -0.33
C LEU A 29 0.95 3.41 0.34
N LEU A 30 -0.32 3.09 0.13
CA LEU A 30 -1.03 2.06 0.86
C LEU A 30 -0.40 0.68 0.64
N GLU A 31 0.02 0.41 -0.60
CA GLU A 31 0.71 -0.78 -1.04
C GLU A 31 2.06 -0.88 -0.34
N LEU A 32 2.80 0.24 -0.20
CA LEU A 32 4.03 0.22 0.58
C LEU A 32 3.75 -0.07 2.06
N ILE A 33 2.59 0.31 2.60
CA ILE A 33 2.26 -0.03 3.99
C ILE A 33 2.14 -1.56 4.09
N LYS A 34 1.44 -2.22 3.16
CA LYS A 34 1.17 -3.64 3.31
C LYS A 34 2.44 -4.44 3.01
N GLU A 35 3.28 -3.94 2.11
CA GLU A 35 4.53 -4.61 1.77
C GLU A 35 5.59 -4.42 2.86
N TYR A 36 5.36 -3.56 3.86
CA TYR A 36 6.27 -3.33 4.97
C TYR A 36 5.67 -3.74 6.32
N GLU A 37 4.35 -3.84 6.42
CA GLU A 37 3.67 -4.41 7.57
C GLU A 37 4.28 -5.78 7.88
N ASP A 38 4.21 -6.73 6.95
CA ASP A 38 4.68 -8.10 7.18
C ASP A 38 6.18 -8.14 7.48
N ASP A 39 6.93 -7.16 6.95
CA ASP A 39 8.38 -7.05 7.07
C ASP A 39 8.80 -6.61 8.47
N TYR A 40 7.97 -5.75 9.08
CA TYR A 40 8.22 -5.19 10.41
C TYR A 40 7.26 -5.82 11.43
N GLY A 41 6.49 -6.83 11.00
CA GLY A 41 5.76 -7.74 11.88
C GLY A 41 4.42 -7.15 12.30
N GLY A 42 3.78 -6.44 11.37
CA GLY A 42 2.47 -5.85 11.41
C GLY A 42 2.48 -4.36 11.77
N ARG A 43 3.47 -3.63 11.29
CA ARG A 43 3.63 -2.18 11.36
C ARG A 43 4.55 -1.79 10.20
N ALA A 44 4.49 -0.57 9.69
CA ALA A 44 5.28 -0.14 8.55
C ALA A 44 5.96 1.20 8.88
N PRO A 45 7.29 1.27 8.97
CA PRO A 45 8.00 2.48 9.38
C PRO A 45 7.75 3.63 8.40
N THR A 46 7.14 4.70 8.88
CA THR A 46 6.64 5.83 8.09
C THR A 46 7.81 6.53 7.38
N ASN A 47 8.99 6.54 8.02
CA ASN A 47 10.21 7.05 7.42
C ASN A 47 10.58 6.28 6.15
N ILE A 48 10.50 4.96 6.21
CA ILE A 48 10.87 4.11 5.08
C ILE A 48 9.79 4.25 4.01
N LEU A 49 8.51 4.33 4.38
CA LEU A 49 7.43 4.63 3.44
C LEU A 49 7.76 5.88 2.62
N ILE A 50 8.20 6.96 3.26
CA ILE A 50 8.64 8.17 2.56
C ILE A 50 9.83 7.82 1.66
N THR A 51 10.93 7.30 2.22
CA THR A 51 12.17 7.08 1.47
C THR A 51 11.92 6.17 0.25
N GLU A 52 11.15 5.09 0.42
CA GLU A 52 10.74 4.17 -0.63
C GLU A 52 9.89 4.90 -1.67
N MET A 53 8.91 5.72 -1.26
CA MET A 53 8.08 6.44 -2.21
C MET A 53 8.92 7.37 -3.10
N MET A 54 9.89 8.11 -2.54
CA MET A 54 10.68 9.08 -3.33
C MET A 54 11.67 8.36 -4.25
N ASP A 55 11.93 7.08 -3.98
CA ASP A 55 12.80 6.25 -4.77
C ASP A 55 11.99 5.61 -5.89
N ARG A 56 10.96 4.86 -5.48
CA ARG A 56 10.31 3.87 -6.30
C ARG A 56 9.21 4.50 -7.15
N TYR A 57 8.63 5.61 -6.67
CA TYR A 57 7.49 6.26 -7.30
C TYR A 57 7.72 7.76 -7.46
N ASN A 58 8.93 8.22 -7.09
CA ASN A 58 9.45 9.59 -7.04
C ASN A 58 8.43 10.63 -6.54
N VAL A 59 7.75 10.29 -5.45
CA VAL A 59 6.85 11.18 -4.74
C VAL A 59 7.66 11.88 -3.66
N SER A 60 7.75 13.22 -3.70
CA SER A 60 8.51 14.02 -2.76
C SER A 60 7.93 13.89 -1.36
N GLU A 61 8.75 14.05 -0.33
CA GLU A 61 8.39 13.85 1.07
C GLU A 61 7.10 14.60 1.45
N GLU A 62 6.93 15.83 0.96
CA GLU A 62 5.72 16.63 1.22
C GLU A 62 4.49 15.90 0.65
N LYS A 63 4.65 15.43 -0.57
CA LYS A 63 3.67 14.75 -1.39
C LYS A 63 3.42 13.32 -0.95
N VAL A 64 4.27 12.79 -0.08
CA VAL A 64 4.00 11.57 0.69
C VAL A 64 3.33 11.92 2.02
N GLU A 65 3.82 12.90 2.78
CA GLU A 65 3.25 13.28 4.07
C GLU A 65 1.76 13.59 3.96
N GLU A 66 1.33 14.18 2.83
CA GLU A 66 -0.09 14.39 2.62
C GLU A 66 -0.82 13.06 2.48
N LEU A 67 -0.27 12.07 1.78
CA LEU A 67 -0.91 10.76 1.61
C LEU A 67 -1.06 10.13 2.98
N ILE A 68 0.01 10.23 3.77
CA ILE A 68 0.05 9.77 5.15
C ILE A 68 -1.10 10.42 5.92
N ARG A 69 -1.29 11.75 5.84
CA ARG A 69 -2.34 12.35 6.68
C ARG A 69 -3.72 12.09 6.09
N ILE A 70 -3.90 12.17 4.78
CA ILE A 70 -5.18 11.96 4.10
C ILE A 70 -5.69 10.55 4.41
N LEU A 71 -4.89 9.50 4.13
CA LEU A 71 -5.36 8.14 4.39
C LEU A 71 -5.62 7.88 5.88
N LYS A 72 -4.95 8.59 6.77
CA LYS A 72 -5.19 8.54 8.22
C LYS A 72 -6.55 9.13 8.53
N ASP A 73 -6.84 10.27 7.90
CA ASP A 73 -8.06 11.06 8.04
C ASP A 73 -9.26 10.25 7.54
N LYS A 74 -9.04 9.51 6.44
CA LYS A 74 -10.01 8.59 5.85
C LYS A 74 -10.35 7.42 6.77
N GLY A 75 -9.55 7.16 7.82
CA GLY A 75 -9.61 5.90 8.55
C GLY A 75 -9.21 4.72 7.66
N ALA A 76 -8.47 4.97 6.56
CA ALA A 76 -7.90 3.90 5.75
C ALA A 76 -6.65 3.35 6.42
N ILE A 77 -5.86 4.22 7.06
CA ILE A 77 -4.65 3.81 7.75
C ILE A 77 -4.65 4.48 9.13
N PHE A 78 -3.67 4.11 9.94
CA PHE A 78 -3.44 4.69 11.23
C PHE A 78 -1.95 4.61 11.56
N GLU A 79 -1.55 5.24 12.65
CA GLU A 79 -0.15 5.37 13.06
C GLU A 79 -0.04 4.90 14.51
N PRO A 80 0.00 3.58 14.76
CA PRO A 80 -0.03 3.01 16.11
C PRO A 80 1.17 3.39 16.99
N ALA A 81 2.27 3.85 16.38
CA ALA A 81 3.40 4.42 17.10
C ALA A 81 4.00 5.59 16.33
N ARG A 82 4.84 6.35 17.04
CA ARG A 82 5.52 7.61 16.72
C ARG A 82 6.37 7.67 15.42
N GLY A 83 6.20 6.71 14.52
CA GLY A 83 6.83 6.67 13.20
C GLY A 83 6.51 5.36 12.47
N TYR A 84 5.36 4.75 12.76
CA TYR A 84 4.97 3.46 12.22
C TYR A 84 3.50 3.51 11.81
N LEU A 85 3.24 3.48 10.50
CA LEU A 85 1.92 3.32 9.93
C LEU A 85 1.44 1.87 10.07
N LYS A 86 0.12 1.70 9.89
CA LYS A 86 -0.63 0.44 9.85
C LYS A 86 -1.86 0.69 9.00
N ILE A 87 -2.37 -0.35 8.31
CA ILE A 87 -3.66 -0.28 7.66
C ILE A 87 -4.75 -0.47 8.72
N VAL A 88 -5.64 0.53 8.78
CA VAL A 88 -6.56 0.90 9.86
C VAL A 88 -6.32 0.15 11.17
N GLY A 1 15.57 -6.91 1.05
CA GLY A 1 16.79 -6.10 1.04
C GLY A 1 17.88 -6.82 0.26
N ALA A 2 19.14 -6.76 0.73
CA ALA A 2 20.24 -7.55 0.15
C ALA A 2 20.00 -9.07 0.31
N MET A 3 19.15 -9.46 1.25
CA MET A 3 18.47 -10.74 1.32
C MET A 3 17.01 -10.42 1.73
N GLY A 4 16.13 -11.42 1.71
CA GLY A 4 14.75 -11.34 2.14
C GLY A 4 14.11 -12.71 1.92
N GLU A 5 12.84 -12.84 2.31
CA GLU A 5 12.01 -13.96 1.89
C GLU A 5 11.65 -13.79 0.41
N THR A 6 11.33 -14.90 -0.26
CA THR A 6 10.77 -14.93 -1.61
C THR A 6 9.42 -15.65 -1.64
N GLY A 7 9.21 -16.63 -0.75
CA GLY A 7 7.96 -17.35 -0.56
C GLY A 7 7.45 -17.99 -1.84
N LYS A 8 6.54 -17.29 -2.55
CA LYS A 8 5.92 -17.71 -3.78
C LYS A 8 5.98 -16.53 -4.74
N ILE A 9 6.74 -16.66 -5.83
CA ILE A 9 6.84 -15.70 -6.92
C ILE A 9 6.92 -16.51 -8.22
N ASP A 10 6.66 -15.86 -9.35
CA ASP A 10 6.69 -16.41 -10.70
C ASP A 10 7.02 -15.23 -11.64
N ILE A 11 6.98 -15.45 -12.95
CA ILE A 11 7.09 -14.43 -13.98
C ILE A 11 5.70 -14.13 -14.57
N ASP A 12 4.69 -14.95 -14.29
CA ASP A 12 3.25 -14.72 -14.51
C ASP A 12 2.87 -14.43 -15.98
N LYS A 13 3.80 -14.70 -16.90
CA LYS A 13 3.83 -14.12 -18.23
C LYS A 13 3.48 -12.62 -18.21
N VAL A 14 4.16 -11.89 -17.32
CA VAL A 14 4.21 -10.42 -17.19
C VAL A 14 4.86 -9.72 -18.42
N GLU A 15 4.60 -10.26 -19.60
CA GLU A 15 5.33 -10.13 -20.87
C GLU A 15 5.10 -8.81 -21.61
N GLY A 16 5.03 -7.74 -20.82
CA GLY A 16 4.91 -6.35 -21.26
C GLY A 16 3.62 -5.67 -20.76
N ARG A 17 2.79 -6.40 -19.99
CA ARG A 17 1.61 -5.98 -19.23
C ARG A 17 1.74 -6.62 -17.84
N THR A 18 0.98 -6.10 -16.87
CA THR A 18 1.13 -6.39 -15.45
C THR A 18 -0.25 -6.64 -14.81
N PRO A 19 -0.31 -7.27 -13.62
CA PRO A 19 -1.53 -7.37 -12.81
C PRO A 19 -1.87 -6.03 -12.14
N LYS A 20 -1.77 -4.92 -12.88
CA LYS A 20 -1.98 -3.56 -12.40
C LYS A 20 -2.57 -2.78 -13.57
N SER A 21 -3.87 -2.49 -13.54
CA SER A 21 -4.49 -1.69 -14.58
C SER A 21 -4.03 -0.23 -14.47
N GLU A 22 -3.98 0.29 -13.23
CA GLU A 22 -3.38 1.55 -12.84
C GLU A 22 -3.25 1.51 -11.31
N ARG A 23 -2.70 2.58 -10.73
CA ARG A 23 -2.55 2.85 -9.31
C ARG A 23 -2.97 4.30 -9.04
N ASP A 24 -2.79 4.75 -7.80
CA ASP A 24 -3.11 6.09 -7.31
C ASP A 24 -2.04 6.47 -6.31
N LYS A 25 -1.79 7.77 -6.06
CA LYS A 25 -0.99 8.22 -4.93
C LYS A 25 -1.43 7.48 -3.66
N PHE A 26 -2.74 7.44 -3.39
CA PHE A 26 -3.31 6.79 -2.22
C PHE A 26 -2.92 5.32 -2.16
N ARG A 27 -2.97 4.63 -3.31
CA ARG A 27 -2.52 3.25 -3.43
C ARG A 27 -1.02 3.18 -3.22
N LEU A 28 -0.21 4.00 -3.88
CA LEU A 28 1.24 3.95 -3.85
C LEU A 28 1.71 3.98 -2.39
N LEU A 29 1.12 4.86 -1.58
CA LEU A 29 1.43 4.85 -0.15
C LEU A 29 0.91 3.58 0.53
N LEU A 30 -0.38 3.28 0.40
CA LEU A 30 -1.04 2.22 1.14
C LEU A 30 -0.45 0.85 0.83
N GLU A 31 0.03 0.65 -0.40
CA GLU A 31 0.67 -0.59 -0.79
C GLU A 31 1.96 -0.76 0.01
N LEU A 32 2.81 0.27 0.07
CA LEU A 32 4.06 0.24 0.83
C LEU A 32 3.80 0.04 2.31
N ILE A 33 2.63 0.44 2.81
CA ILE A 33 2.25 0.08 4.17
C ILE A 33 2.20 -1.45 4.28
N LYS A 34 1.38 -2.14 3.47
CA LYS A 34 1.11 -3.56 3.73
C LYS A 34 2.31 -4.41 3.35
N GLU A 35 3.08 -3.94 2.36
CA GLU A 35 4.25 -4.64 1.86
C GLU A 35 5.52 -4.29 2.64
N TYR A 36 5.33 -3.58 3.76
CA TYR A 36 6.27 -3.49 4.87
C TYR A 36 5.66 -4.20 6.07
N GLU A 37 4.36 -4.01 6.34
CA GLU A 37 3.69 -4.66 7.46
C GLU A 37 3.90 -6.17 7.44
N ASP A 38 3.66 -6.84 6.30
CA ASP A 38 3.80 -8.28 6.22
C ASP A 38 5.25 -8.75 6.39
N ASP A 39 6.21 -7.85 6.18
CA ASP A 39 7.64 -8.12 6.29
C ASP A 39 8.16 -7.83 7.70
N TYR A 40 7.59 -6.82 8.36
CA TYR A 40 7.96 -6.44 9.72
C TYR A 40 7.07 -7.20 10.71
N GLY A 41 6.11 -8.00 10.22
CA GLY A 41 5.22 -8.78 11.07
C GLY A 41 4.19 -7.88 11.76
N GLY A 42 3.83 -6.80 11.08
CA GLY A 42 2.95 -5.74 11.50
C GLY A 42 3.76 -4.51 11.89
N ARG A 43 4.56 -3.98 10.96
CA ARG A 43 5.05 -2.61 11.05
C ARG A 43 5.38 -2.03 9.68
N ALA A 44 5.29 -0.72 9.56
CA ALA A 44 5.68 0.00 8.36
C ALA A 44 6.21 1.37 8.80
N PRO A 45 7.53 1.52 8.96
CA PRO A 45 8.14 2.75 9.49
C PRO A 45 7.91 3.92 8.53
N THR A 46 7.35 5.02 9.04
CA THR A 46 6.79 6.12 8.28
C THR A 46 7.88 6.85 7.52
N ASN A 47 9.07 6.96 8.13
CA ASN A 47 10.22 7.54 7.46
C ASN A 47 10.60 6.72 6.23
N ILE A 48 10.60 5.39 6.35
CA ILE A 48 10.95 4.53 5.22
C ILE A 48 9.84 4.59 4.18
N LEU A 49 8.55 4.63 4.57
CA LEU A 49 7.45 4.86 3.62
C LEU A 49 7.72 6.08 2.74
N ILE A 50 8.12 7.20 3.36
CA ILE A 50 8.48 8.42 2.64
C ILE A 50 9.65 8.12 1.69
N THR A 51 10.78 7.65 2.24
CA THR A 51 11.98 7.36 1.46
C THR A 51 11.67 6.44 0.27
N GLU A 52 11.02 5.30 0.52
CA GLU A 52 10.63 4.32 -0.49
C GLU A 52 9.76 4.97 -1.55
N MET A 53 8.76 5.76 -1.15
CA MET A 53 7.90 6.46 -2.10
C MET A 53 8.72 7.37 -3.03
N MET A 54 9.73 8.09 -2.53
CA MET A 54 10.58 8.89 -3.42
C MET A 54 11.48 8.00 -4.27
N ASP A 55 11.91 6.85 -3.74
CA ASP A 55 13.00 6.08 -4.34
C ASP A 55 12.45 5.11 -5.38
N ARG A 56 11.14 4.85 -5.32
CA ARG A 56 10.50 3.80 -6.13
C ARG A 56 9.30 4.35 -6.88
N TYR A 57 8.74 5.49 -6.46
CA TYR A 57 7.64 6.14 -7.16
C TYR A 57 7.88 7.64 -7.39
N ASN A 58 9.06 8.17 -7.04
CA ASN A 58 9.47 9.56 -7.23
C ASN A 58 8.54 10.58 -6.54
N VAL A 59 7.75 10.16 -5.54
CA VAL A 59 6.85 11.06 -4.86
C VAL A 59 7.67 11.85 -3.82
N SER A 60 7.69 13.18 -3.95
CA SER A 60 8.42 14.08 -3.06
C SER A 60 7.88 13.94 -1.64
N GLU A 61 8.73 14.16 -0.63
CA GLU A 61 8.37 14.00 0.77
C GLU A 61 7.12 14.82 1.13
N GLU A 62 6.97 16.01 0.54
CA GLU A 62 5.83 16.90 0.76
C GLU A 62 4.54 16.27 0.25
N LYS A 63 4.61 15.54 -0.88
CA LYS A 63 3.47 14.85 -1.43
C LYS A 63 3.19 13.63 -0.56
N VAL A 64 4.19 12.83 -0.17
CA VAL A 64 3.94 11.65 0.65
C VAL A 64 3.32 12.09 1.98
N GLU A 65 3.84 13.16 2.58
CA GLU A 65 3.28 13.73 3.80
C GLU A 65 1.79 14.06 3.62
N GLU A 66 1.32 14.43 2.43
CA GLU A 66 -0.11 14.59 2.17
C GLU A 66 -0.82 13.25 2.39
N LEU A 67 -0.35 12.20 1.73
CA LEU A 67 -1.01 10.90 1.59
C LEU A 67 -1.18 10.22 2.94
N ILE A 68 -0.20 10.47 3.80
CA ILE A 68 -0.24 9.99 5.17
C ILE A 68 -1.41 10.65 5.89
N ARG A 69 -1.70 11.94 5.67
CA ARG A 69 -2.86 12.57 6.29
C ARG A 69 -4.12 12.07 5.59
N ILE A 70 -4.17 12.02 4.25
CA ILE A 70 -5.35 11.57 3.48
C ILE A 70 -5.91 10.31 4.12
N LEU A 71 -5.13 9.23 4.06
CA LEU A 71 -5.60 7.92 4.47
C LEU A 71 -5.81 7.82 5.99
N LYS A 72 -5.16 8.67 6.78
CA LYS A 72 -5.38 8.75 8.24
C LYS A 72 -6.75 9.36 8.51
N ASP A 73 -7.06 10.39 7.75
CA ASP A 73 -8.28 11.19 7.84
C ASP A 73 -9.48 10.34 7.49
N LYS A 74 -9.30 9.51 6.46
CA LYS A 74 -10.27 8.52 6.03
C LYS A 74 -10.42 7.36 7.03
N GLY A 75 -9.55 7.27 8.04
CA GLY A 75 -9.51 6.13 8.94
C GLY A 75 -9.16 4.84 8.21
N ALA A 76 -8.46 4.93 7.07
CA ALA A 76 -7.94 3.78 6.35
C ALA A 76 -6.63 3.33 6.99
N ILE A 77 -5.81 4.29 7.46
CA ILE A 77 -4.56 3.99 8.14
C ILE A 77 -4.53 4.76 9.44
N PHE A 78 -3.51 4.46 10.25
CA PHE A 78 -3.27 5.16 11.48
C PHE A 78 -1.80 5.10 11.82
N GLU A 79 -1.39 5.88 12.81
CA GLU A 79 -0.02 5.92 13.30
C GLU A 79 -0.03 5.47 14.77
N PRO A 80 -0.08 4.15 15.04
CA PRO A 80 -0.20 3.63 16.41
C PRO A 80 1.06 3.79 17.26
N ALA A 81 2.20 4.09 16.63
CA ALA A 81 3.48 4.31 17.30
C ALA A 81 4.24 5.48 16.68
N ARG A 82 5.45 5.74 17.19
CA ARG A 82 6.18 7.01 17.04
C ARG A 82 6.53 7.40 15.61
N GLY A 83 6.47 6.43 14.70
CA GLY A 83 6.75 6.58 13.29
C GLY A 83 6.52 5.25 12.59
N TYR A 84 5.35 4.64 12.82
CA TYR A 84 4.89 3.42 12.17
C TYR A 84 3.46 3.69 11.72
N LEU A 85 3.18 3.58 10.42
CA LEU A 85 1.81 3.61 9.90
C LEU A 85 1.25 2.19 9.79
N LYS A 86 0.07 1.95 10.38
CA LYS A 86 -0.68 0.71 10.23
C LYS A 86 -1.83 0.91 9.29
N ILE A 87 -2.26 -0.17 8.65
CA ILE A 87 -3.61 -0.21 8.07
C ILE A 87 -4.57 -0.50 9.22
N VAL A 88 -5.59 0.35 9.38
CA VAL A 88 -6.62 0.21 10.41
C VAL A 88 -7.17 -1.21 10.48
N GLY A 1 18.40 -40.39 -17.69
CA GLY A 1 19.12 -39.90 -16.50
C GLY A 1 18.74 -38.46 -16.22
N ALA A 2 19.58 -37.73 -15.46
CA ALA A 2 19.47 -36.30 -15.14
C ALA A 2 18.18 -35.84 -14.43
N MET A 3 17.23 -36.75 -14.15
CA MET A 3 16.06 -36.48 -13.32
C MET A 3 16.48 -36.28 -11.86
N GLY A 4 15.56 -35.75 -11.04
CA GLY A 4 15.79 -35.38 -9.66
C GLY A 4 14.46 -34.98 -9.02
N GLU A 5 14.52 -34.11 -8.01
CA GLU A 5 13.42 -33.54 -7.21
C GLU A 5 12.17 -33.29 -8.06
N THR A 6 11.21 -34.22 -8.04
CA THR A 6 10.20 -34.34 -9.09
C THR A 6 8.81 -33.85 -8.67
N GLY A 7 8.62 -33.50 -7.38
CA GLY A 7 7.33 -33.10 -6.86
C GLY A 7 7.39 -32.99 -5.34
N LYS A 8 7.57 -31.76 -4.83
CA LYS A 8 7.46 -31.40 -3.42
C LYS A 8 6.69 -30.09 -3.34
N ILE A 9 6.35 -29.66 -2.12
CA ILE A 9 5.50 -28.50 -1.87
C ILE A 9 6.29 -27.52 -1.00
N ASP A 10 6.26 -26.24 -1.36
CA ASP A 10 6.59 -25.10 -0.51
C ASP A 10 5.64 -23.95 -0.86
N ILE A 11 5.77 -22.81 -0.18
CA ILE A 11 4.91 -21.64 -0.34
C ILE A 11 5.79 -20.39 -0.19
N ASP A 12 5.20 -19.24 0.15
CA ASP A 12 5.82 -17.99 0.62
C ASP A 12 6.52 -17.20 -0.48
N LYS A 13 7.01 -17.88 -1.52
CA LYS A 13 7.60 -17.33 -2.75
C LYS A 13 6.58 -16.57 -3.63
N VAL A 14 5.32 -16.47 -3.20
CA VAL A 14 4.21 -15.90 -3.97
C VAL A 14 4.27 -14.37 -3.97
N GLU A 15 4.99 -13.83 -4.96
CA GLU A 15 4.98 -12.45 -5.41
C GLU A 15 5.11 -12.49 -6.94
N GLY A 16 4.97 -11.34 -7.60
CA GLY A 16 5.26 -11.17 -9.00
C GLY A 16 4.29 -10.19 -9.66
N ARG A 17 4.32 -8.93 -9.22
CA ARG A 17 3.46 -7.87 -9.74
C ARG A 17 3.70 -7.67 -11.23
N THR A 18 2.64 -7.32 -11.95
CA THR A 18 2.59 -7.38 -13.40
C THR A 18 2.56 -5.99 -14.01
N PRO A 19 2.60 -5.91 -15.36
CA PRO A 19 2.12 -4.73 -16.06
C PRO A 19 0.63 -4.55 -15.73
N LYS A 20 0.04 -3.42 -16.13
CA LYS A 20 -1.29 -2.98 -15.72
C LYS A 20 -1.50 -2.94 -14.20
N SER A 21 -0.43 -2.84 -13.40
CA SER A 21 -0.46 -2.53 -11.97
C SER A 21 -0.79 -1.03 -11.75
N GLU A 22 -1.85 -0.59 -12.44
CA GLU A 22 -2.37 0.77 -12.53
C GLU A 22 -3.06 1.11 -11.21
N ARG A 23 -2.69 2.25 -10.63
CA ARG A 23 -3.06 2.64 -9.28
C ARG A 23 -2.93 4.17 -9.14
N ASP A 24 -2.85 4.65 -7.90
CA ASP A 24 -3.15 6.01 -7.48
C ASP A 24 -2.26 6.37 -6.31
N LYS A 25 -2.06 7.65 -6.00
CA LYS A 25 -1.10 8.07 -4.95
C LYS A 25 -1.48 7.49 -3.59
N PHE A 26 -2.79 7.51 -3.28
CA PHE A 26 -3.34 6.91 -2.08
C PHE A 26 -3.04 5.41 -2.05
N ARG A 27 -3.22 4.74 -3.19
CA ARG A 27 -2.98 3.31 -3.33
C ARG A 27 -1.49 2.99 -3.24
N LEU A 28 -0.60 3.73 -3.91
CA LEU A 28 0.85 3.62 -3.85
C LEU A 28 1.26 3.64 -2.38
N LEU A 29 0.85 4.68 -1.63
CA LEU A 29 1.26 4.74 -0.24
C LEU A 29 0.69 3.55 0.55
N LEU A 30 -0.59 3.21 0.38
CA LEU A 30 -1.23 2.11 1.07
C LEU A 30 -0.58 0.76 0.71
N GLU A 31 -0.11 0.58 -0.53
CA GLU A 31 0.60 -0.61 -0.96
C GLU A 31 1.88 -0.75 -0.15
N LEU A 32 2.65 0.34 -0.04
CA LEU A 32 3.86 0.36 0.76
C LEU A 32 3.52 0.03 2.21
N ILE A 33 2.41 0.53 2.74
CA ILE A 33 2.01 0.21 4.10
C ILE A 33 1.95 -1.31 4.26
N LYS A 34 1.31 -2.04 3.35
CA LYS A 34 1.10 -3.48 3.59
C LYS A 34 2.33 -4.27 3.22
N GLU A 35 3.09 -3.82 2.20
CA GLU A 35 4.31 -4.48 1.81
C GLU A 35 5.47 -4.18 2.77
N TYR A 36 5.23 -3.37 3.82
CA TYR A 36 6.17 -3.14 4.90
C TYR A 36 5.62 -3.55 6.25
N GLU A 37 4.30 -3.50 6.48
CA GLU A 37 3.72 -4.22 7.59
C GLU A 37 4.14 -5.69 7.51
N ASP A 38 3.99 -6.34 6.36
CA ASP A 38 4.35 -7.75 6.17
C ASP A 38 5.85 -7.98 6.41
N ASP A 39 6.68 -6.99 6.05
CA ASP A 39 8.13 -7.03 6.21
C ASP A 39 8.54 -6.99 7.68
N TYR A 40 7.83 -6.16 8.44
CA TYR A 40 8.19 -5.83 9.81
C TYR A 40 7.33 -6.65 10.78
N GLY A 41 6.42 -7.46 10.24
CA GLY A 41 5.55 -8.31 11.05
C GLY A 41 4.40 -7.54 11.69
N GLY A 42 4.05 -6.40 11.10
CA GLY A 42 2.89 -5.57 11.38
C GLY A 42 3.27 -4.14 11.76
N ARG A 43 4.31 -3.58 11.11
CA ARG A 43 4.64 -2.16 11.21
C ARG A 43 5.12 -1.65 9.88
N ALA A 44 4.50 -0.57 9.40
CA ALA A 44 4.99 0.19 8.26
C ALA A 44 5.78 1.39 8.76
N PRO A 45 7.12 1.32 8.85
CA PRO A 45 7.94 2.44 9.29
C PRO A 45 7.87 3.60 8.28
N THR A 46 7.49 4.77 8.76
CA THR A 46 7.19 5.96 7.96
C THR A 46 8.43 6.46 7.22
N ASN A 47 9.61 6.33 7.84
CA ASN A 47 10.86 6.67 7.17
C ASN A 47 11.02 5.88 5.88
N ILE A 48 10.67 4.60 5.93
CA ILE A 48 10.86 3.73 4.79
C ILE A 48 9.78 4.06 3.76
N LEU A 49 8.51 4.21 4.16
CA LEU A 49 7.43 4.67 3.29
C LEU A 49 7.84 5.90 2.47
N ILE A 50 8.37 6.93 3.13
CA ILE A 50 8.83 8.14 2.47
C ILE A 50 9.95 7.77 1.49
N THR A 51 11.02 7.16 1.99
CA THR A 51 12.23 6.85 1.23
C THR A 51 11.85 6.08 -0.03
N GLU A 52 11.09 4.99 0.13
CA GLU A 52 10.61 4.15 -0.95
C GLU A 52 9.73 4.92 -1.92
N MET A 53 8.82 5.78 -1.47
CA MET A 53 8.01 6.57 -2.39
C MET A 53 8.85 7.51 -3.25
N MET A 54 9.89 8.16 -2.69
CA MET A 54 10.73 9.05 -3.52
C MET A 54 11.67 8.23 -4.40
N ASP A 55 11.92 6.96 -4.05
CA ASP A 55 12.88 6.14 -4.76
C ASP A 55 12.18 5.42 -5.91
N ARG A 56 11.05 4.80 -5.59
CA ARG A 56 10.35 3.91 -6.48
C ARG A 56 9.23 4.63 -7.22
N TYR A 57 8.77 5.80 -6.73
CA TYR A 57 7.66 6.51 -7.34
C TYR A 57 7.93 8.02 -7.51
N ASN A 58 9.13 8.50 -7.15
CA ASN A 58 9.59 9.89 -7.30
C ASN A 58 8.59 10.89 -6.65
N VAL A 59 7.96 10.51 -5.53
CA VAL A 59 7.06 11.38 -4.80
C VAL A 59 7.85 12.07 -3.68
N SER A 60 7.87 13.41 -3.64
CA SER A 60 8.61 14.20 -2.67
C SER A 60 8.06 13.95 -1.27
N GLU A 61 8.91 14.05 -0.26
CA GLU A 61 8.60 13.73 1.12
C GLU A 61 7.33 14.42 1.61
N GLU A 62 7.12 15.68 1.22
CA GLU A 62 5.94 16.46 1.63
C GLU A 62 4.67 15.87 0.98
N LYS A 63 4.81 15.55 -0.31
CA LYS A 63 3.80 14.99 -1.19
C LYS A 63 3.51 13.52 -0.85
N VAL A 64 4.35 12.87 -0.03
CA VAL A 64 4.07 11.60 0.63
C VAL A 64 3.47 11.83 2.03
N GLU A 65 4.04 12.73 2.84
CA GLU A 65 3.57 13.02 4.18
C GLU A 65 2.10 13.39 4.17
N GLU A 66 1.66 14.16 3.16
CA GLU A 66 0.24 14.47 3.03
C GLU A 66 -0.58 13.17 2.94
N LEU A 67 -0.13 12.19 2.14
CA LEU A 67 -0.84 10.94 1.84
C LEU A 67 -1.06 10.11 3.08
N ILE A 68 -0.12 10.20 4.03
CA ILE A 68 -0.26 9.64 5.36
C ILE A 68 -1.47 10.29 6.03
N ARG A 69 -1.57 11.63 6.03
CA ARG A 69 -2.70 12.34 6.63
C ARG A 69 -3.98 11.94 5.91
N ILE A 70 -3.96 11.96 4.56
CA ILE A 70 -5.11 11.63 3.71
C ILE A 70 -5.77 10.36 4.24
N LEU A 71 -5.05 9.24 4.16
CA LEU A 71 -5.59 7.94 4.54
C LEU A 71 -5.87 7.82 6.04
N LYS A 72 -5.23 8.62 6.89
CA LYS A 72 -5.51 8.67 8.34
C LYS A 72 -6.86 9.33 8.57
N ASP A 73 -7.09 10.40 7.83
CA ASP A 73 -8.29 11.26 7.87
C ASP A 73 -9.50 10.47 7.41
N LYS A 74 -9.28 9.65 6.37
CA LYS A 74 -10.26 8.68 5.87
C LYS A 74 -10.51 7.53 6.83
N GLY A 75 -9.74 7.40 7.91
CA GLY A 75 -9.80 6.25 8.80
C GLY A 75 -9.41 4.94 8.10
N ALA A 76 -8.65 5.02 6.99
CA ALA A 76 -8.13 3.87 6.28
C ALA A 76 -6.85 3.37 6.94
N ILE A 77 -6.04 4.29 7.49
CA ILE A 77 -4.81 3.92 8.19
C ILE A 77 -4.75 4.68 9.51
N PHE A 78 -3.73 4.35 10.30
CA PHE A 78 -3.46 4.98 11.55
C PHE A 78 -1.98 4.85 11.91
N GLU A 79 -1.61 5.47 13.03
CA GLU A 79 -0.26 5.62 13.51
C GLU A 79 -0.20 5.09 14.96
N PRO A 80 -0.04 3.77 15.17
CA PRO A 80 0.05 3.16 16.51
C PRO A 80 1.25 3.64 17.31
N ALA A 81 2.33 4.07 16.64
CA ALA A 81 3.46 4.73 17.27
C ALA A 81 3.94 5.84 16.37
N ARG A 82 4.71 6.76 16.95
CA ARG A 82 5.34 7.87 16.23
C ARG A 82 6.19 7.30 15.11
N GLY A 83 5.68 7.49 13.91
CA GLY A 83 6.26 7.05 12.66
C GLY A 83 6.19 5.56 12.34
N TYR A 84 5.24 4.83 12.93
CA TYR A 84 4.86 3.47 12.55
C TYR A 84 3.42 3.60 12.11
N LEU A 85 3.14 3.29 10.82
CA LEU A 85 1.78 3.25 10.28
C LEU A 85 1.24 1.82 10.24
N LYS A 86 -0.09 1.75 10.26
CA LYS A 86 -0.92 0.56 10.30
C LYS A 86 -2.12 0.81 9.41
N ILE A 87 -2.55 -0.20 8.65
CA ILE A 87 -3.87 -0.19 8.04
C ILE A 87 -4.90 -0.46 9.13
N VAL A 88 -5.99 0.32 9.21
CA VAL A 88 -6.98 0.20 10.27
C VAL A 88 -7.54 -1.23 10.33
N GLY A 1 -25.56 3.35 0.29
CA GLY A 1 -24.27 2.91 0.88
C GLY A 1 -23.77 1.68 0.16
N ALA A 2 -22.66 1.09 0.63
CA ALA A 2 -22.10 -0.16 0.15
C ALA A 2 -21.47 -0.89 1.34
N MET A 3 -21.07 -2.15 1.13
CA MET A 3 -20.51 -3.02 2.17
C MET A 3 -19.09 -2.58 2.60
N GLY A 4 -18.44 -1.71 1.83
CA GLY A 4 -17.08 -1.22 2.03
C GLY A 4 -16.72 -0.38 0.81
N GLU A 5 -15.45 0.01 0.67
CA GLU A 5 -15.00 0.60 -0.59
C GLU A 5 -15.00 -0.50 -1.66
N THR A 6 -15.55 -0.21 -2.84
CA THR A 6 -15.57 -1.12 -3.99
C THR A 6 -14.66 -0.61 -5.10
N GLY A 7 -14.48 -1.46 -6.13
CA GLY A 7 -14.05 -1.02 -7.44
C GLY A 7 -15.09 -0.03 -8.00
N LYS A 8 -14.68 0.67 -9.07
CA LYS A 8 -15.39 1.87 -9.55
C LYS A 8 -15.49 1.92 -11.09
N ILE A 9 -14.93 0.91 -11.76
CA ILE A 9 -15.03 0.58 -13.18
C ILE A 9 -14.98 -0.96 -13.24
N ASP A 10 -15.14 -1.53 -14.42
CA ASP A 10 -14.91 -2.94 -14.70
C ASP A 10 -14.00 -3.04 -15.93
N ILE A 11 -13.43 -4.23 -16.14
CA ILE A 11 -12.89 -4.64 -17.41
C ILE A 11 -13.32 -6.10 -17.60
N ASP A 12 -14.60 -6.31 -17.84
CA ASP A 12 -15.18 -7.64 -18.13
C ASP A 12 -14.51 -8.27 -19.36
N LYS A 13 -13.92 -7.45 -20.23
CA LYS A 13 -13.11 -7.90 -21.36
C LYS A 13 -11.73 -8.43 -20.97
N VAL A 14 -11.29 -8.34 -19.72
CA VAL A 14 -9.97 -8.76 -19.28
C VAL A 14 -9.83 -10.25 -19.56
N GLU A 15 -8.72 -10.57 -20.17
CA GLU A 15 -8.33 -11.87 -20.65
C GLU A 15 -6.87 -12.13 -20.34
N GLY A 16 -6.49 -13.41 -20.38
CA GLY A 16 -5.20 -13.91 -19.95
C GLY A 16 -4.90 -13.46 -18.53
N ARG A 17 -3.90 -12.60 -18.38
CA ARG A 17 -3.51 -11.97 -17.13
C ARG A 17 -2.71 -10.71 -17.50
N THR A 18 -2.68 -9.71 -16.62
CA THR A 18 -1.83 -8.54 -16.72
C THR A 18 -1.23 -8.23 -15.35
N PRO A 19 -0.35 -7.22 -15.27
CA PRO A 19 -0.07 -6.52 -14.03
C PRO A 19 -1.32 -5.68 -13.67
N LYS A 20 -1.24 -4.90 -12.59
CA LYS A 20 -2.17 -3.78 -12.41
C LYS A 20 -1.90 -2.74 -13.49
N SER A 21 -2.93 -2.41 -14.25
CA SER A 21 -2.94 -1.30 -15.19
C SER A 21 -3.04 0.04 -14.45
N GLU A 22 -3.96 0.13 -13.48
CA GLU A 22 -4.34 1.38 -12.82
C GLU A 22 -3.87 1.36 -11.36
N ARG A 23 -3.66 2.56 -10.79
CA ARG A 23 -3.22 2.79 -9.41
C ARG A 23 -3.65 4.19 -8.99
N ASP A 24 -3.28 4.62 -7.79
CA ASP A 24 -3.35 6.01 -7.36
C ASP A 24 -2.18 6.26 -6.43
N LYS A 25 -1.71 7.50 -6.26
CA LYS A 25 -0.67 7.79 -5.27
C LYS A 25 -1.11 7.43 -3.85
N PHE A 26 -2.41 7.56 -3.52
CA PHE A 26 -2.99 7.02 -2.28
C PHE A 26 -2.67 5.52 -2.16
N ARG A 27 -2.89 4.80 -3.26
CA ARG A 27 -2.61 3.38 -3.37
C ARG A 27 -1.10 3.11 -3.35
N LEU A 28 -0.26 3.90 -4.02
CA LEU A 28 1.19 3.71 -4.04
C LEU A 28 1.72 3.79 -2.61
N LEU A 29 1.21 4.73 -1.81
CA LEU A 29 1.55 4.76 -0.40
C LEU A 29 1.02 3.49 0.29
N LEU A 30 -0.27 3.18 0.15
CA LEU A 30 -0.92 2.10 0.88
C LEU A 30 -0.28 0.74 0.60
N GLU A 31 0.14 0.49 -0.65
CA GLU A 31 0.86 -0.70 -1.10
C GLU A 31 2.18 -0.81 -0.32
N LEU A 32 2.94 0.29 -0.18
CA LEU A 32 4.15 0.24 0.63
C LEU A 32 3.82 -0.02 2.09
N ILE A 33 2.67 0.42 2.61
CA ILE A 33 2.29 0.10 3.98
C ILE A 33 2.05 -1.41 4.11
N LYS A 34 1.34 -2.07 3.17
CA LYS A 34 1.03 -3.50 3.32
C LYS A 34 2.31 -4.29 3.12
N GLU A 35 3.14 -3.87 2.17
CA GLU A 35 4.34 -4.59 1.79
C GLU A 35 5.51 -4.34 2.75
N TYR A 36 5.28 -3.57 3.82
CA TYR A 36 6.20 -3.39 4.93
C TYR A 36 5.60 -3.90 6.23
N GLU A 37 4.30 -3.71 6.47
CA GLU A 37 3.68 -4.33 7.64
C GLU A 37 3.92 -5.85 7.58
N ASP A 38 3.67 -6.51 6.45
CA ASP A 38 3.88 -7.95 6.33
C ASP A 38 5.34 -8.33 6.53
N ASP A 39 6.27 -7.46 6.11
CA ASP A 39 7.71 -7.68 6.24
C ASP A 39 8.14 -7.66 7.69
N TYR A 40 7.60 -6.67 8.42
CA TYR A 40 8.04 -6.38 9.77
C TYR A 40 7.16 -7.12 10.78
N GLY A 41 6.12 -7.81 10.29
CA GLY A 41 5.22 -8.57 11.16
C GLY A 41 4.23 -7.66 11.87
N GLY A 42 3.94 -6.52 11.24
CA GLY A 42 3.04 -5.47 11.64
C GLY A 42 3.80 -4.22 12.04
N ARG A 43 4.64 -3.70 11.14
CA ARG A 43 5.10 -2.32 11.19
C ARG A 43 5.51 -1.81 9.81
N ALA A 44 4.82 -0.78 9.33
CA ALA A 44 5.26 0.03 8.20
C ALA A 44 5.84 1.34 8.75
N PRO A 45 7.17 1.47 8.87
CA PRO A 45 7.79 2.67 9.40
C PRO A 45 7.57 3.87 8.47
N THR A 46 6.96 4.95 8.99
CA THR A 46 6.48 6.12 8.29
C THR A 46 7.62 6.76 7.51
N ASN A 47 8.80 6.85 8.13
CA ASN A 47 9.94 7.47 7.51
C ASN A 47 10.42 6.66 6.31
N ILE A 48 10.46 5.34 6.44
CA ILE A 48 10.82 4.46 5.34
C ILE A 48 9.74 4.56 4.26
N LEU A 49 8.46 4.64 4.62
CA LEU A 49 7.36 4.88 3.67
C LEU A 49 7.59 6.14 2.83
N ILE A 50 8.06 7.23 3.43
CA ILE A 50 8.45 8.44 2.70
C ILE A 50 9.63 8.11 1.77
N THR A 51 10.74 7.65 2.34
CA THR A 51 11.97 7.37 1.62
C THR A 51 11.71 6.43 0.43
N GLU A 52 11.02 5.31 0.66
CA GLU A 52 10.61 4.36 -0.35
C GLU A 52 9.74 5.03 -1.39
N MET A 53 8.74 5.85 -1.02
CA MET A 53 7.93 6.52 -2.03
C MET A 53 8.78 7.41 -2.95
N MET A 54 9.81 8.11 -2.44
CA MET A 54 10.64 8.94 -3.32
C MET A 54 11.54 8.05 -4.18
N ASP A 55 11.88 6.86 -3.68
CA ASP A 55 12.85 5.97 -4.30
C ASP A 55 12.19 5.13 -5.39
N ARG A 56 10.99 4.66 -5.08
CA ARG A 56 10.26 3.65 -5.82
C ARG A 56 9.26 4.31 -6.75
N TYR A 57 8.75 5.50 -6.39
CA TYR A 57 7.69 6.18 -7.13
C TYR A 57 7.98 7.67 -7.36
N ASN A 58 9.15 8.19 -6.96
CA ASN A 58 9.61 9.57 -7.20
C ASN A 58 8.64 10.61 -6.60
N VAL A 59 7.99 10.31 -5.49
CA VAL A 59 7.09 11.24 -4.82
C VAL A 59 7.89 11.99 -3.74
N SER A 60 7.95 13.33 -3.81
CA SER A 60 8.63 14.18 -2.85
C SER A 60 7.98 14.07 -1.47
N GLU A 61 8.74 14.30 -0.40
CA GLU A 61 8.29 14.10 0.97
C GLU A 61 7.02 14.90 1.30
N GLU A 62 6.88 16.10 0.74
CA GLU A 62 5.67 16.94 0.80
C GLU A 62 4.45 16.12 0.34
N LYS A 63 4.61 15.53 -0.83
CA LYS A 63 3.58 14.91 -1.63
C LYS A 63 3.34 13.46 -1.22
N VAL A 64 4.24 12.89 -0.41
CA VAL A 64 3.96 11.71 0.40
C VAL A 64 3.23 12.10 1.67
N GLU A 65 3.71 13.11 2.43
CA GLU A 65 3.11 13.50 3.71
C GLU A 65 1.62 13.76 3.58
N GLU A 66 1.19 14.36 2.46
CA GLU A 66 -0.23 14.53 2.20
C GLU A 66 -0.95 13.17 2.21
N LEU A 67 -0.39 12.16 1.52
CA LEU A 67 -0.97 10.85 1.35
C LEU A 67 -1.12 10.23 2.73
N ILE A 68 -0.07 10.37 3.55
CA ILE A 68 -0.08 9.82 4.88
C ILE A 68 -1.19 10.48 5.69
N ARG A 69 -1.35 11.82 5.62
CA ARG A 69 -2.37 12.42 6.49
C ARG A 69 -3.76 12.08 5.97
N ILE A 70 -3.97 12.10 4.65
CA ILE A 70 -5.27 11.82 4.03
C ILE A 70 -5.71 10.43 4.44
N LEU A 71 -4.92 9.38 4.16
CA LEU A 71 -5.38 8.03 4.49
C LEU A 71 -5.54 7.82 6.00
N LYS A 72 -4.84 8.60 6.83
CA LYS A 72 -4.95 8.56 8.30
C LYS A 72 -6.30 9.14 8.72
N ASP A 73 -6.64 10.25 8.09
CA ASP A 73 -7.84 11.06 8.32
C ASP A 73 -9.08 10.29 7.92
N LYS A 74 -8.96 9.54 6.83
CA LYS A 74 -9.96 8.60 6.35
C LYS A 74 -10.16 7.41 7.30
N GLY A 75 -9.23 7.19 8.24
CA GLY A 75 -9.19 5.95 9.00
C GLY A 75 -8.96 4.74 8.09
N ALA A 76 -8.32 4.93 6.93
CA ALA A 76 -7.83 3.84 6.11
C ALA A 76 -6.52 3.32 6.70
N ILE A 77 -5.68 4.23 7.20
CA ILE A 77 -4.47 3.89 7.93
C ILE A 77 -4.46 4.68 9.23
N PHE A 78 -3.40 4.48 10.01
CA PHE A 78 -3.20 5.14 11.28
C PHE A 78 -1.74 5.09 11.64
N GLU A 79 -1.38 5.70 12.77
CA GLU A 79 -0.03 5.73 13.27
C GLU A 79 -0.03 5.29 14.74
N PRO A 80 -0.16 3.97 15.02
CA PRO A 80 -0.25 3.43 16.37
C PRO A 80 0.97 3.71 17.25
N ALA A 81 2.13 3.95 16.64
CA ALA A 81 3.34 4.37 17.35
C ALA A 81 4.06 5.44 16.54
N ARG A 82 5.07 6.04 17.17
CA ARG A 82 5.73 7.30 16.84
C ARG A 82 5.95 7.51 15.35
N GLY A 83 6.51 6.48 14.71
CA GLY A 83 6.75 6.44 13.28
C GLY A 83 6.37 5.08 12.72
N TYR A 84 5.28 4.47 13.20
CA TYR A 84 4.75 3.21 12.66
C TYR A 84 3.36 3.49 12.11
N LEU A 85 3.20 3.41 10.78
CA LEU A 85 1.91 3.38 10.12
C LEU A 85 1.32 1.98 10.07
N LYS A 86 0.02 1.88 10.35
CA LYS A 86 -0.75 0.65 10.30
C LYS A 86 -1.91 0.83 9.35
N ILE A 87 -2.21 -0.22 8.58
CA ILE A 87 -3.50 -0.28 7.88
C ILE A 87 -4.56 -0.62 8.91
N VAL A 88 -5.60 0.23 9.02
CA VAL A 88 -6.54 0.18 10.14
C VAL A 88 -7.09 -1.22 10.39
N GLY A 1 1.24 -12.00 9.61
CA GLY A 1 0.42 -12.00 10.84
C GLY A 1 -0.20 -13.37 11.09
N ALA A 2 -0.62 -13.66 12.33
CA ALA A 2 -1.11 -14.98 12.75
C ALA A 2 -2.24 -14.83 13.80
N MET A 3 -2.26 -15.70 14.82
CA MET A 3 -3.25 -15.85 15.91
C MET A 3 -4.72 -16.03 15.48
N GLY A 4 -4.96 -16.25 14.19
CA GLY A 4 -6.24 -16.55 13.59
C GLY A 4 -6.03 -16.61 12.08
N GLU A 5 -7.11 -16.75 11.31
CA GLU A 5 -7.11 -16.52 9.88
C GLU A 5 -6.71 -15.06 9.66
N THR A 6 -5.49 -14.82 9.18
CA THR A 6 -4.92 -13.50 8.95
C THR A 6 -5.60 -12.78 7.78
N GLY A 7 -6.89 -12.47 7.92
CA GLY A 7 -7.72 -11.83 6.92
C GLY A 7 -8.64 -10.80 7.58
N LYS A 8 -8.66 -9.59 7.02
CA LYS A 8 -9.47 -8.46 7.46
C LYS A 8 -10.00 -7.57 6.34
N ILE A 9 -9.46 -7.71 5.12
CA ILE A 9 -9.72 -6.80 3.98
C ILE A 9 -9.86 -7.65 2.72
N ASP A 10 -10.39 -8.85 2.90
CA ASP A 10 -10.25 -10.00 2.02
C ASP A 10 -11.39 -9.97 1.00
N ILE A 11 -11.46 -8.84 0.30
CA ILE A 11 -12.43 -8.52 -0.74
C ILE A 11 -12.00 -9.25 -2.01
N ASP A 12 -11.92 -10.58 -1.91
CA ASP A 12 -11.61 -11.55 -2.95
C ASP A 12 -12.83 -11.71 -3.82
N LYS A 13 -12.99 -10.66 -4.56
CA LYS A 13 -13.80 -10.55 -5.73
C LYS A 13 -15.31 -10.58 -5.49
N VAL A 14 -15.75 -10.94 -4.27
CA VAL A 14 -17.12 -10.84 -3.79
C VAL A 14 -17.69 -9.43 -3.96
N GLU A 15 -16.86 -8.39 -3.77
CA GLU A 15 -17.17 -7.01 -4.12
C GLU A 15 -15.82 -6.30 -4.35
N GLY A 16 -15.70 -4.99 -4.07
CA GLY A 16 -14.62 -4.15 -4.55
C GLY A 16 -14.48 -4.22 -6.06
N ARG A 17 -15.58 -4.43 -6.80
CA ARG A 17 -15.57 -4.64 -8.25
C ARG A 17 -15.87 -3.34 -8.98
N THR A 18 -15.99 -3.46 -10.29
CA THR A 18 -16.29 -2.54 -11.40
C THR A 18 -15.34 -2.92 -12.57
N PRO A 19 -15.73 -2.67 -13.84
CA PRO A 19 -14.94 -3.07 -15.01
C PRO A 19 -13.74 -2.13 -15.25
N LYS A 20 -12.95 -1.88 -14.21
CA LYS A 20 -11.82 -0.94 -14.20
C LYS A 20 -10.88 -1.30 -13.06
N SER A 21 -9.63 -0.86 -13.16
CA SER A 21 -8.64 -0.85 -12.09
C SER A 21 -7.94 0.51 -12.13
N GLU A 22 -7.06 0.79 -11.17
CA GLU A 22 -6.63 2.14 -10.87
C GLU A 22 -5.29 2.14 -10.14
N ARG A 23 -4.54 3.23 -10.31
CA ARG A 23 -3.27 3.52 -9.68
C ARG A 23 -3.31 4.98 -9.28
N ASP A 24 -2.66 5.30 -8.16
CA ASP A 24 -2.62 6.62 -7.58
C ASP A 24 -1.49 6.68 -6.58
N LYS A 25 -1.00 7.87 -6.26
CA LYS A 25 -0.16 8.15 -5.10
C LYS A 25 -0.66 7.41 -3.84
N PHE A 26 -1.97 7.49 -3.54
CA PHE A 26 -2.62 6.81 -2.43
C PHE A 26 -2.39 5.31 -2.50
N ARG A 27 -2.58 4.71 -3.67
CA ARG A 27 -2.40 3.29 -3.92
C ARG A 27 -0.92 2.93 -3.82
N LEU A 28 -0.04 3.71 -4.46
CA LEU A 28 1.39 3.54 -4.49
C LEU A 28 1.96 3.58 -3.07
N LEU A 29 1.41 4.45 -2.21
CA LEU A 29 1.69 4.45 -0.78
C LEU A 29 1.10 3.20 -0.10
N LEU A 30 -0.19 2.91 -0.28
CA LEU A 30 -0.90 1.87 0.45
C LEU A 30 -0.28 0.49 0.20
N GLU A 31 0.18 0.21 -1.02
CA GLU A 31 0.92 -1.00 -1.38
C GLU A 31 2.17 -1.15 -0.50
N LEU A 32 2.94 -0.07 -0.32
CA LEU A 32 4.12 -0.11 0.55
C LEU A 32 3.70 -0.35 1.99
N ILE A 33 2.58 0.24 2.45
CA ILE A 33 2.15 0.01 3.83
C ILE A 33 1.94 -1.50 4.03
N LYS A 34 1.37 -2.23 3.06
CA LYS A 34 1.10 -3.64 3.31
C LYS A 34 2.38 -4.47 3.19
N GLU A 35 3.28 -4.09 2.28
CA GLU A 35 4.52 -4.84 2.10
C GLU A 35 5.50 -4.62 3.26
N TYR A 36 5.32 -3.56 4.06
CA TYR A 36 6.22 -3.19 5.13
C TYR A 36 5.53 -3.30 6.49
N GLU A 37 4.21 -3.46 6.51
CA GLU A 37 3.47 -3.83 7.69
C GLU A 37 4.06 -5.13 8.23
N ASP A 38 3.84 -6.23 7.52
CA ASP A 38 4.06 -7.57 8.07
C ASP A 38 5.56 -7.88 8.24
N ASP A 39 6.40 -7.07 7.59
CA ASP A 39 7.85 -7.10 7.62
C ASP A 39 8.37 -6.57 8.96
N TYR A 40 7.65 -5.59 9.51
CA TYR A 40 7.93 -4.96 10.79
C TYR A 40 6.94 -5.40 11.86
N GLY A 41 5.95 -6.23 11.49
CA GLY A 41 5.00 -6.85 12.41
C GLY A 41 3.73 -6.04 12.54
N GLY A 42 3.16 -5.73 11.39
CA GLY A 42 2.00 -4.89 11.20
C GLY A 42 2.35 -3.42 11.45
N ARG A 43 3.51 -2.97 10.95
CA ARG A 43 4.15 -1.78 11.50
C ARG A 43 4.83 -0.79 10.52
N ALA A 44 4.96 -1.10 9.22
CA ALA A 44 5.18 -0.18 8.09
C ALA A 44 5.80 1.19 8.46
N PRO A 45 7.14 1.29 8.62
CA PRO A 45 7.81 2.49 9.11
C PRO A 45 7.52 3.70 8.21
N THR A 46 6.96 4.77 8.78
CA THR A 46 6.56 6.00 8.10
C THR A 46 7.77 6.59 7.36
N ASN A 47 8.95 6.48 7.97
CA ASN A 47 10.20 6.97 7.43
C ASN A 47 10.59 6.22 6.14
N ILE A 48 10.44 4.90 6.15
CA ILE A 48 10.76 4.05 5.02
C ILE A 48 9.70 4.23 3.94
N LEU A 49 8.42 4.34 4.31
CA LEU A 49 7.33 4.67 3.40
C LEU A 49 7.65 5.92 2.59
N ILE A 50 8.12 6.98 3.25
CA ILE A 50 8.59 8.20 2.58
C ILE A 50 9.75 7.85 1.63
N THR A 51 10.85 7.30 2.17
CA THR A 51 12.07 7.08 1.38
C THR A 51 11.76 6.20 0.15
N GLU A 52 11.02 5.11 0.34
CA GLU A 52 10.60 4.21 -0.72
C GLU A 52 9.75 4.93 -1.75
N MET A 53 8.77 5.75 -1.33
CA MET A 53 7.96 6.49 -2.29
C MET A 53 8.82 7.44 -3.14
N MET A 54 9.84 8.09 -2.57
CA MET A 54 10.70 8.97 -3.38
C MET A 54 11.58 8.12 -4.31
N ASP A 55 11.93 6.91 -3.90
CA ASP A 55 12.84 6.04 -4.61
C ASP A 55 12.14 5.44 -5.81
N ARG A 56 10.96 4.88 -5.53
CA ARG A 56 10.18 4.13 -6.48
C ARG A 56 9.40 5.05 -7.41
N TYR A 57 9.00 6.24 -6.94
CA TYR A 57 8.01 7.06 -7.64
C TYR A 57 8.34 8.55 -7.69
N ASN A 58 9.47 8.99 -7.10
CA ASN A 58 9.92 10.39 -7.02
C ASN A 58 8.85 11.33 -6.44
N VAL A 59 8.14 10.87 -5.40
CA VAL A 59 7.19 11.68 -4.65
C VAL A 59 7.96 12.29 -3.47
N SER A 60 7.96 13.62 -3.39
CA SER A 60 8.66 14.41 -2.38
C SER A 60 8.04 14.13 -1.01
N GLU A 61 8.83 14.27 0.06
CA GLU A 61 8.45 13.90 1.42
C GLU A 61 7.13 14.53 1.85
N GLU A 62 6.89 15.78 1.48
CA GLU A 62 5.65 16.49 1.80
C GLU A 62 4.48 15.86 1.05
N LYS A 63 4.71 15.60 -0.24
CA LYS A 63 3.81 14.97 -1.18
C LYS A 63 3.57 13.49 -0.89
N VAL A 64 4.37 12.87 0.00
CA VAL A 64 4.06 11.58 0.63
C VAL A 64 3.33 11.80 1.95
N GLU A 65 3.79 12.69 2.83
CA GLU A 65 3.14 12.94 4.12
C GLU A 65 1.67 13.34 3.94
N GLU A 66 1.33 13.97 2.81
CA GLU A 66 -0.08 14.20 2.48
C GLU A 66 -0.83 12.87 2.39
N LEU A 67 -0.28 11.90 1.67
CA LEU A 67 -0.85 10.58 1.41
C LEU A 67 -1.04 9.89 2.74
N ILE A 68 0.00 9.97 3.56
CA ILE A 68 0.02 9.36 4.87
C ILE A 68 -1.06 10.02 5.73
N ARG A 69 -1.27 11.34 5.66
CA ARG A 69 -2.34 11.93 6.48
C ARG A 69 -3.70 11.57 5.90
N ILE A 70 -3.93 11.75 4.60
CA ILE A 70 -5.24 11.56 3.97
C ILE A 70 -5.77 10.17 4.33
N LEU A 71 -4.99 9.11 4.11
CA LEU A 71 -5.50 7.79 4.41
C LEU A 71 -5.68 7.56 5.93
N LYS A 72 -4.96 8.28 6.79
CA LYS A 72 -5.11 8.20 8.26
C LYS A 72 -6.40 8.91 8.67
N ASP A 73 -6.63 10.07 8.06
CA ASP A 73 -7.74 10.98 8.22
C ASP A 73 -9.03 10.25 7.82
N LYS A 74 -8.97 9.47 6.74
CA LYS A 74 -10.04 8.59 6.27
C LYS A 74 -10.28 7.40 7.20
N GLY A 75 -9.39 7.13 8.16
CA GLY A 75 -9.40 5.91 8.95
C GLY A 75 -9.12 4.68 8.08
N ALA A 76 -8.52 4.84 6.90
CA ALA A 76 -8.08 3.73 6.07
C ALA A 76 -6.76 3.15 6.59
N ILE A 77 -5.89 4.00 7.14
CA ILE A 77 -4.66 3.57 7.76
C ILE A 77 -4.53 4.22 9.13
N PHE A 78 -3.44 3.90 9.82
CA PHE A 78 -3.18 4.25 11.19
C PHE A 78 -1.68 4.38 11.39
N GLU A 79 -1.30 4.90 12.56
CA GLU A 79 0.08 5.04 12.98
C GLU A 79 0.20 4.54 14.43
N PRO A 80 0.35 3.21 14.65
CA PRO A 80 0.42 2.59 15.98
C PRO A 80 1.55 3.14 16.84
N ALA A 81 2.59 3.71 16.23
CA ALA A 81 3.60 4.51 16.87
C ALA A 81 4.00 5.60 15.90
N ARG A 82 4.33 6.78 16.42
CA ARG A 82 4.91 7.84 15.61
C ARG A 82 6.16 7.30 14.94
N GLY A 83 6.08 7.15 13.62
CA GLY A 83 7.14 6.55 12.82
C GLY A 83 6.82 5.19 12.22
N TYR A 84 5.64 4.61 12.51
CA TYR A 84 5.28 3.24 12.14
C TYR A 84 3.77 3.14 11.87
N LEU A 85 3.39 2.92 10.60
CA LEU A 85 2.02 2.83 10.09
C LEU A 85 1.43 1.41 10.20
N LYS A 86 0.13 1.33 9.90
CA LYS A 86 -0.71 0.13 9.85
C LYS A 86 -1.88 0.44 8.93
N ILE A 87 -2.42 -0.56 8.22
CA ILE A 87 -3.70 -0.45 7.56
C ILE A 87 -4.77 -0.78 8.61
N VAL A 88 -5.88 -0.03 8.63
CA VAL A 88 -6.94 -0.16 9.65
C VAL A 88 -7.31 -1.62 9.92
N GLY A 1 -40.76 -25.76 -8.99
CA GLY A 1 -39.82 -26.80 -8.54
C GLY A 1 -38.39 -26.38 -8.84
N ALA A 2 -37.41 -26.98 -8.16
CA ALA A 2 -36.00 -26.57 -8.25
C ALA A 2 -35.41 -26.74 -9.65
N MET A 3 -35.91 -27.69 -10.45
CA MET A 3 -35.64 -28.03 -11.86
C MET A 3 -34.17 -28.18 -12.32
N GLY A 4 -33.17 -27.80 -11.52
CA GLY A 4 -31.75 -27.93 -11.82
C GLY A 4 -31.29 -29.37 -11.71
N GLU A 5 -31.81 -30.25 -12.56
CA GLU A 5 -31.30 -31.61 -12.75
C GLU A 5 -29.87 -31.53 -13.30
N THR A 6 -29.67 -30.67 -14.30
CA THR A 6 -28.38 -30.10 -14.67
C THR A 6 -28.52 -28.58 -14.61
N GLY A 7 -27.40 -27.84 -14.67
CA GLY A 7 -27.35 -26.44 -14.31
C GLY A 7 -27.75 -26.25 -12.85
N LYS A 8 -26.89 -26.79 -12.00
CA LYS A 8 -26.74 -26.43 -10.60
C LYS A 8 -25.24 -26.45 -10.37
N ILE A 9 -24.75 -25.69 -9.39
CA ILE A 9 -23.33 -25.59 -8.99
C ILE A 9 -22.41 -24.89 -10.00
N ASP A 10 -23.04 -24.52 -11.08
CA ASP A 10 -22.68 -23.72 -12.25
C ASP A 10 -22.63 -22.22 -11.93
N ILE A 11 -22.11 -21.92 -10.74
CA ILE A 11 -22.05 -20.59 -10.15
C ILE A 11 -20.91 -19.77 -10.79
N ASP A 12 -20.93 -19.65 -12.12
CA ASP A 12 -19.94 -18.92 -12.94
C ASP A 12 -19.75 -17.48 -12.45
N LYS A 13 -20.85 -16.85 -12.03
CA LYS A 13 -20.92 -15.50 -11.46
C LYS A 13 -20.14 -15.30 -10.16
N VAL A 14 -19.48 -16.33 -9.65
CA VAL A 14 -18.55 -16.24 -8.52
C VAL A 14 -17.41 -15.24 -8.79
N GLU A 15 -17.09 -14.92 -10.06
CA GLU A 15 -16.13 -13.88 -10.41
C GLU A 15 -16.59 -13.13 -11.67
N GLY A 16 -15.73 -12.27 -12.25
CA GLY A 16 -16.11 -11.47 -13.42
C GLY A 16 -15.26 -10.22 -13.66
N ARG A 17 -13.96 -10.23 -13.36
CA ARG A 17 -13.07 -9.08 -13.53
C ARG A 17 -13.02 -8.62 -14.98
N THR A 18 -13.26 -7.32 -15.19
CA THR A 18 -13.12 -6.62 -16.46
C THR A 18 -11.65 -6.35 -16.80
N PRO A 19 -11.33 -6.06 -18.07
CA PRO A 19 -10.02 -5.58 -18.49
C PRO A 19 -9.78 -4.15 -17.94
N LYS A 20 -9.05 -4.03 -16.83
CA LYS A 20 -8.67 -2.74 -16.24
C LYS A 20 -7.35 -2.92 -15.48
N SER A 21 -6.68 -1.81 -15.17
CA SER A 21 -5.64 -1.70 -14.15
C SER A 21 -5.71 -0.27 -13.62
N GLU A 22 -5.16 -0.01 -12.43
CA GLU A 22 -5.10 1.31 -11.81
C GLU A 22 -3.91 1.39 -10.86
N ARG A 23 -3.50 2.62 -10.54
CA ARG A 23 -2.64 2.97 -9.42
C ARG A 23 -2.83 4.46 -9.16
N ASP A 24 -2.52 4.93 -7.95
CA ASP A 24 -2.46 6.34 -7.58
C ASP A 24 -1.42 6.47 -6.47
N LYS A 25 -0.93 7.67 -6.13
CA LYS A 25 0.05 7.81 -5.05
C LYS A 25 -0.53 7.29 -3.75
N PHE A 26 -1.83 7.55 -3.50
CA PHE A 26 -2.59 7.01 -2.39
C PHE A 26 -2.48 5.48 -2.32
N ARG A 27 -2.73 4.83 -3.47
CA ARG A 27 -2.62 3.39 -3.61
C ARG A 27 -1.16 2.95 -3.41
N LEU A 28 -0.19 3.56 -4.10
CA LEU A 28 1.22 3.22 -4.00
C LEU A 28 1.64 3.28 -2.53
N LEU A 29 1.25 4.34 -1.82
CA LEU A 29 1.51 4.44 -0.39
C LEU A 29 0.87 3.27 0.36
N LEU A 30 -0.41 2.99 0.14
CA LEU A 30 -1.15 2.01 0.93
C LEU A 30 -0.60 0.60 0.69
N GLU A 31 -0.13 0.33 -0.53
CA GLU A 31 0.50 -0.90 -0.94
C GLU A 31 1.88 -1.03 -0.30
N LEU A 32 2.66 0.06 -0.20
CA LEU A 32 3.87 0.04 0.62
C LEU A 32 3.52 -0.24 2.08
N ILE A 33 2.38 0.27 2.59
CA ILE A 33 2.01 -0.01 3.98
C ILE A 33 1.85 -1.53 4.15
N LYS A 34 1.28 -2.26 3.19
CA LYS A 34 1.04 -3.70 3.39
C LYS A 34 2.32 -4.50 3.16
N GLU A 35 3.18 -4.06 2.23
CA GLU A 35 4.44 -4.74 1.99
C GLU A 35 5.43 -4.56 3.16
N TYR A 36 5.22 -3.56 4.02
CA TYR A 36 6.13 -3.21 5.10
C TYR A 36 5.48 -3.39 6.48
N GLU A 37 4.16 -3.56 6.53
CA GLU A 37 3.46 -4.06 7.69
C GLU A 37 4.06 -5.39 8.07
N ASP A 38 3.90 -6.42 7.23
CA ASP A 38 4.25 -7.80 7.58
C ASP A 38 5.76 -7.94 7.85
N ASP A 39 6.55 -7.02 7.29
CA ASP A 39 8.01 -6.98 7.42
C ASP A 39 8.43 -6.56 8.82
N TYR A 40 7.55 -5.81 9.50
CA TYR A 40 7.70 -5.36 10.86
C TYR A 40 6.66 -6.04 11.77
N GLY A 41 5.80 -6.88 11.20
CA GLY A 41 4.72 -7.53 11.93
C GLY A 41 3.64 -6.50 12.26
N GLY A 42 3.09 -5.92 11.21
CA GLY A 42 1.98 -5.00 11.20
C GLY A 42 2.36 -3.53 11.45
N ARG A 43 3.60 -3.10 11.12
CA ARG A 43 4.13 -1.83 11.61
C ARG A 43 4.76 -0.85 10.60
N ALA A 44 4.91 -1.19 9.32
CA ALA A 44 5.28 -0.32 8.19
C ALA A 44 5.92 1.05 8.56
N PRO A 45 7.25 1.14 8.70
CA PRO A 45 7.93 2.36 9.13
C PRO A 45 7.69 3.52 8.16
N THR A 46 7.16 4.63 8.68
CA THR A 46 6.75 5.82 7.95
C THR A 46 7.95 6.43 7.22
N ASN A 47 9.13 6.37 7.85
CA ASN A 47 10.36 6.85 7.23
C ASN A 47 10.66 6.10 5.93
N ILE A 48 10.49 4.78 5.94
CA ILE A 48 10.81 3.94 4.81
C ILE A 48 9.77 4.17 3.72
N LEU A 49 8.48 4.16 4.06
CA LEU A 49 7.37 4.55 3.17
C LEU A 49 7.71 5.83 2.40
N ILE A 50 8.08 6.91 3.11
CA ILE A 50 8.41 8.19 2.50
C ILE A 50 9.60 8.00 1.54
N THR A 51 10.72 7.51 2.09
CA THR A 51 11.98 7.33 1.38
C THR A 51 11.75 6.53 0.09
N GLU A 52 11.12 5.36 0.21
CA GLU A 52 10.77 4.47 -0.88
C GLU A 52 9.87 5.17 -1.88
N MET A 53 8.83 5.89 -1.46
CA MET A 53 7.97 6.61 -2.41
C MET A 53 8.78 7.62 -3.25
N MET A 54 9.78 8.32 -2.67
CA MET A 54 10.64 9.19 -3.47
C MET A 54 11.54 8.38 -4.38
N ASP A 55 11.96 7.19 -3.95
CA ASP A 55 12.95 6.37 -4.65
C ASP A 55 12.30 5.73 -5.87
N ARG A 56 11.13 5.15 -5.62
CA ARG A 56 10.39 4.36 -6.56
C ARG A 56 9.61 5.26 -7.52
N TYR A 57 9.12 6.41 -7.04
CA TYR A 57 8.10 7.18 -7.77
C TYR A 57 8.39 8.68 -7.83
N ASN A 58 9.50 9.15 -7.24
CA ASN A 58 9.91 10.55 -7.17
C ASN A 58 8.85 11.45 -6.48
N VAL A 59 8.03 10.87 -5.58
CA VAL A 59 7.05 11.65 -4.83
C VAL A 59 7.82 12.29 -3.68
N SER A 60 7.83 13.62 -3.63
CA SER A 60 8.53 14.43 -2.64
C SER A 60 7.99 14.08 -1.25
N GLU A 61 8.79 14.26 -0.21
CA GLU A 61 8.42 13.93 1.16
C GLU A 61 7.08 14.58 1.55
N GLU A 62 6.88 15.85 1.17
CA GLU A 62 5.61 16.58 1.33
C GLU A 62 4.48 15.82 0.66
N LYS A 63 4.72 15.44 -0.60
CA LYS A 63 3.74 14.87 -1.48
C LYS A 63 3.40 13.43 -1.10
N VAL A 64 4.23 12.78 -0.27
CA VAL A 64 3.90 11.53 0.43
C VAL A 64 3.20 11.86 1.74
N GLU A 65 3.66 12.84 2.51
CA GLU A 65 3.09 13.18 3.81
C GLU A 65 1.60 13.45 3.71
N GLU A 66 1.16 14.11 2.63
CA GLU A 66 -0.26 14.32 2.41
C GLU A 66 -1.01 12.98 2.38
N LEU A 67 -0.44 11.98 1.71
CA LEU A 67 -1.03 10.66 1.52
C LEU A 67 -1.21 10.03 2.89
N ILE A 68 -0.17 10.15 3.72
CA ILE A 68 -0.15 9.68 5.07
C ILE A 68 -1.29 10.35 5.84
N ARG A 69 -1.47 11.67 5.74
CA ARG A 69 -2.49 12.33 6.57
C ARG A 69 -3.87 12.00 6.07
N ILE A 70 -4.10 12.13 4.77
CA ILE A 70 -5.39 11.88 4.12
C ILE A 70 -5.88 10.49 4.50
N LEU A 71 -5.09 9.44 4.22
CA LEU A 71 -5.54 8.10 4.50
C LEU A 71 -5.69 7.83 6.01
N LYS A 72 -4.98 8.58 6.86
CA LYS A 72 -5.10 8.50 8.32
C LYS A 72 -6.44 9.07 8.76
N ASP A 73 -6.77 10.23 8.20
CA ASP A 73 -7.94 11.04 8.49
C ASP A 73 -9.20 10.30 8.12
N LYS A 74 -9.12 9.58 7.00
CA LYS A 74 -10.15 8.68 6.51
C LYS A 74 -10.35 7.45 7.42
N GLY A 75 -9.41 7.18 8.34
CA GLY A 75 -9.37 5.91 9.03
C GLY A 75 -9.15 4.75 8.06
N ALA A 76 -8.47 4.99 6.92
CA ALA A 76 -7.98 3.93 6.05
C ALA A 76 -6.67 3.38 6.60
N ILE A 77 -5.83 4.24 7.19
CA ILE A 77 -4.60 3.82 7.85
C ILE A 77 -4.53 4.46 9.22
N PHE A 78 -3.50 4.10 9.96
CA PHE A 78 -3.26 4.59 11.30
C PHE A 78 -1.77 4.46 11.61
N GLU A 79 -1.32 5.15 12.66
CA GLU A 79 0.08 5.22 13.05
C GLU A 79 0.18 4.72 14.51
N PRO A 80 0.19 3.38 14.74
CA PRO A 80 0.18 2.80 16.08
C PRO A 80 1.38 3.15 16.95
N ALA A 81 2.48 3.61 16.34
CA ALA A 81 3.62 4.16 17.05
C ALA A 81 4.26 5.31 16.27
N ARG A 82 5.18 6.01 16.94
CA ARG A 82 5.88 7.26 16.61
C ARG A 82 6.64 7.33 15.26
N GLY A 83 6.35 6.45 14.32
CA GLY A 83 6.84 6.47 12.96
C GLY A 83 6.60 5.12 12.27
N TYR A 84 5.47 4.48 12.57
CA TYR A 84 5.18 3.11 12.22
C TYR A 84 3.69 3.04 11.90
N LEU A 85 3.36 2.84 10.62
CA LEU A 85 2.00 2.86 10.09
C LEU A 85 1.41 1.45 10.02
N LYS A 86 0.09 1.40 9.86
CA LYS A 86 -0.75 0.23 9.82
C LYS A 86 -1.98 0.55 8.97
N ILE A 87 -2.56 -0.46 8.31
CA ILE A 87 -3.85 -0.33 7.67
C ILE A 87 -4.93 -0.48 8.74
N VAL A 88 -5.73 0.58 8.88
CA VAL A 88 -6.62 0.98 9.96
C VAL A 88 -6.26 0.29 11.29
N GLY A 1 -2.60 -28.05 11.35
CA GLY A 1 -2.19 -27.98 12.76
C GLY A 1 -1.69 -26.59 13.08
N ALA A 2 -0.58 -26.48 13.82
CA ALA A 2 -0.07 -25.24 14.41
C ALA A 2 0.28 -24.15 13.38
N MET A 3 0.45 -24.49 12.09
CA MET A 3 0.68 -23.53 11.01
C MET A 3 -0.27 -23.81 9.84
N GLY A 4 -1.39 -24.50 10.10
CA GLY A 4 -2.25 -25.08 9.06
C GLY A 4 -1.56 -26.32 8.48
N GLU A 5 -0.41 -26.11 7.82
CA GLU A 5 0.62 -27.02 7.32
C GLU A 5 0.14 -28.31 6.61
N THR A 6 -1.15 -28.40 6.27
CA THR A 6 -1.82 -29.56 5.72
C THR A 6 -2.82 -29.05 4.68
N GLY A 7 -3.07 -29.84 3.62
CA GLY A 7 -3.84 -29.43 2.46
C GLY A 7 -3.11 -29.85 1.19
N LYS A 8 -3.46 -29.20 0.07
CA LYS A 8 -2.69 -29.16 -1.18
C LYS A 8 -2.78 -27.72 -1.70
N ILE A 9 -1.97 -27.38 -2.70
CA ILE A 9 -2.03 -26.11 -3.42
C ILE A 9 -1.81 -26.40 -4.91
N ASP A 10 -2.27 -25.49 -5.76
CA ASP A 10 -2.24 -25.63 -7.21
C ASP A 10 -1.51 -24.41 -7.77
N ILE A 11 -0.18 -24.48 -7.72
CA ILE A 11 0.70 -23.43 -8.19
C ILE A 11 0.43 -23.11 -9.68
N ASP A 12 0.03 -24.14 -10.42
CA ASP A 12 -0.48 -24.13 -11.78
C ASP A 12 -1.59 -23.08 -12.01
N LYS A 13 -2.29 -22.70 -10.94
CA LYS A 13 -3.51 -21.91 -11.00
C LYS A 13 -3.40 -20.65 -10.14
N VAL A 14 -2.23 -20.39 -9.53
CA VAL A 14 -2.06 -19.32 -8.55
C VAL A 14 -2.25 -17.93 -9.19
N GLU A 15 -1.89 -17.79 -10.47
CA GLU A 15 -2.09 -16.64 -11.31
C GLU A 15 -2.00 -17.18 -12.76
N GLY A 16 -2.39 -16.36 -13.74
CA GLY A 16 -2.24 -16.60 -15.16
C GLY A 16 -3.08 -15.67 -16.03
N ARG A 17 -3.89 -14.76 -15.44
CA ARG A 17 -4.64 -13.68 -16.06
C ARG A 17 -5.49 -13.02 -14.97
N THR A 18 -5.68 -11.71 -15.09
CA THR A 18 -6.53 -10.91 -14.21
C THR A 18 -7.22 -9.84 -15.06
N PRO A 19 -8.28 -9.18 -14.54
CA PRO A 19 -8.69 -7.89 -15.07
C PRO A 19 -7.57 -6.88 -14.78
N LYS A 20 -7.50 -5.79 -15.57
CA LYS A 20 -6.48 -4.78 -15.33
C LYS A 20 -6.68 -4.11 -13.97
N SER A 21 -5.62 -3.49 -13.46
CA SER A 21 -5.62 -2.73 -12.21
C SER A 21 -5.06 -1.34 -12.51
N GLU A 22 -5.15 -0.43 -11.54
CA GLU A 22 -4.80 0.97 -11.70
C GLU A 22 -4.27 1.48 -10.36
N ARG A 23 -3.46 2.55 -10.37
CA ARG A 23 -2.81 3.07 -9.18
C ARG A 23 -3.00 4.57 -9.04
N ASP A 24 -2.65 5.02 -7.84
CA ASP A 24 -2.82 6.36 -7.32
C ASP A 24 -1.71 6.52 -6.29
N LYS A 25 -1.28 7.73 -6.00
CA LYS A 25 -0.41 8.00 -4.86
C LYS A 25 -0.99 7.34 -3.59
N PHE A 26 -2.31 7.43 -3.41
CA PHE A 26 -3.02 6.77 -2.31
C PHE A 26 -2.77 5.26 -2.30
N ARG A 27 -3.01 4.60 -3.44
CA ARG A 27 -2.77 3.16 -3.58
C ARG A 27 -1.29 2.86 -3.37
N LEU A 28 -0.38 3.62 -3.99
CA LEU A 28 1.05 3.39 -3.97
C LEU A 28 1.55 3.45 -2.53
N LEU A 29 1.15 4.47 -1.76
CA LEU A 29 1.48 4.56 -0.36
C LEU A 29 0.92 3.33 0.38
N LEU A 30 -0.38 3.04 0.22
CA LEU A 30 -1.04 1.97 0.94
C LEU A 30 -0.40 0.60 0.64
N GLU A 31 0.02 0.33 -0.60
CA GLU A 31 0.72 -0.89 -0.96
C GLU A 31 2.03 -1.01 -0.18
N LEU A 32 2.79 0.09 0.00
CA LEU A 32 3.98 0.03 0.85
C LEU A 32 3.61 -0.26 2.30
N ILE A 33 2.47 0.24 2.80
CA ILE A 33 2.11 -0.01 4.19
C ILE A 33 1.91 -1.53 4.38
N LYS A 34 1.28 -2.24 3.43
CA LYS A 34 1.04 -3.67 3.65
C LYS A 34 2.31 -4.46 3.38
N GLU A 35 3.11 -4.07 2.38
CA GLU A 35 4.33 -4.80 2.07
C GLU A 35 5.35 -4.72 3.21
N TYR A 36 5.22 -3.71 4.09
CA TYR A 36 6.20 -3.46 5.14
C TYR A 36 5.61 -3.84 6.48
N GLU A 37 4.30 -3.70 6.68
CA GLU A 37 3.66 -4.37 7.79
C GLU A 37 3.95 -5.88 7.71
N ASP A 38 3.72 -6.54 6.57
CA ASP A 38 3.90 -7.98 6.46
C ASP A 38 5.35 -8.39 6.67
N ASP A 39 6.30 -7.52 6.30
CA ASP A 39 7.73 -7.72 6.50
C ASP A 39 8.09 -7.72 7.97
N TYR A 40 7.56 -6.74 8.68
CA TYR A 40 7.89 -6.51 10.08
C TYR A 40 6.97 -7.33 10.97
N GLY A 41 5.98 -8.01 10.38
CA GLY A 41 4.98 -8.76 11.15
C GLY A 41 4.00 -7.83 11.86
N GLY A 42 3.84 -6.62 11.31
CA GLY A 42 2.93 -5.56 11.71
C GLY A 42 3.69 -4.30 12.10
N ARG A 43 4.56 -3.81 11.20
CA ARG A 43 5.11 -2.45 11.33
C ARG A 43 5.60 -1.89 10.00
N ALA A 44 4.88 -0.94 9.40
CA ALA A 44 5.41 -0.18 8.28
C ALA A 44 6.01 1.15 8.78
N PRO A 45 7.35 1.26 8.91
CA PRO A 45 8.01 2.47 9.39
C PRO A 45 7.81 3.65 8.43
N THR A 46 7.26 4.75 8.94
CA THR A 46 6.78 5.90 8.18
C THR A 46 7.94 6.53 7.40
N ASN A 47 9.13 6.57 8.00
CA ASN A 47 10.28 7.16 7.34
C ASN A 47 10.71 6.33 6.12
N ILE A 48 10.53 5.01 6.17
CA ILE A 48 10.87 4.13 5.06
C ILE A 48 9.83 4.31 3.96
N LEU A 49 8.53 4.29 4.29
CA LEU A 49 7.43 4.62 3.37
C LEU A 49 7.75 5.88 2.56
N ILE A 50 8.09 6.98 3.25
CA ILE A 50 8.43 8.25 2.61
C ILE A 50 9.61 8.05 1.66
N THR A 51 10.74 7.58 2.21
CA THR A 51 11.99 7.40 1.48
C THR A 51 11.75 6.56 0.21
N GLU A 52 11.13 5.39 0.38
CA GLU A 52 10.78 4.46 -0.69
C GLU A 52 9.87 5.14 -1.71
N MET A 53 8.82 5.86 -1.31
CA MET A 53 7.96 6.55 -2.26
C MET A 53 8.76 7.55 -3.12
N MET A 54 9.75 8.28 -2.56
CA MET A 54 10.60 9.14 -3.38
C MET A 54 11.54 8.31 -4.26
N ASP A 55 11.94 7.13 -3.81
CA ASP A 55 12.91 6.29 -4.50
C ASP A 55 12.26 5.65 -5.71
N ARG A 56 11.10 5.06 -5.46
CA ARG A 56 10.35 4.25 -6.39
C ARG A 56 9.56 5.12 -7.37
N TYR A 57 9.05 6.27 -6.91
CA TYR A 57 8.04 7.03 -7.64
C TYR A 57 8.35 8.53 -7.72
N ASN A 58 9.48 8.97 -7.17
CA ASN A 58 9.94 10.37 -7.15
C ASN A 58 8.96 11.31 -6.43
N VAL A 59 8.11 10.79 -5.54
CA VAL A 59 7.12 11.61 -4.84
C VAL A 59 7.88 12.36 -3.73
N SER A 60 7.77 13.70 -3.69
CA SER A 60 8.43 14.55 -2.72
C SER A 60 7.96 14.16 -1.32
N GLU A 61 8.80 14.33 -0.29
CA GLU A 61 8.45 13.96 1.08
C GLU A 61 7.12 14.60 1.50
N GLU A 62 6.93 15.87 1.12
CA GLU A 62 5.72 16.69 1.28
C GLU A 62 4.49 15.93 0.73
N LYS A 63 4.68 15.40 -0.47
CA LYS A 63 3.70 14.85 -1.39
C LYS A 63 3.42 13.38 -1.11
N VAL A 64 4.26 12.75 -0.28
CA VAL A 64 3.95 11.53 0.44
C VAL A 64 3.26 11.87 1.76
N GLU A 65 3.74 12.85 2.51
CA GLU A 65 3.20 13.21 3.82
C GLU A 65 1.71 13.49 3.70
N GLU A 66 1.28 14.19 2.65
CA GLU A 66 -0.13 14.43 2.39
C GLU A 66 -0.91 13.11 2.37
N LEU A 67 -0.38 12.07 1.71
CA LEU A 67 -1.00 10.76 1.51
C LEU A 67 -1.20 10.14 2.87
N ILE A 68 -0.17 10.25 3.71
CA ILE A 68 -0.17 9.77 5.07
C ILE A 68 -1.32 10.45 5.81
N ARG A 69 -1.51 11.77 5.68
CA ARG A 69 -2.57 12.44 6.44
C ARG A 69 -3.93 12.05 5.89
N ILE A 70 -4.09 12.12 4.56
CA ILE A 70 -5.33 11.82 3.85
C ILE A 70 -5.80 10.42 4.27
N LEU A 71 -5.01 9.37 4.04
CA LEU A 71 -5.45 8.03 4.35
C LEU A 71 -5.67 7.81 5.86
N LYS A 72 -5.01 8.61 6.71
CA LYS A 72 -5.20 8.60 8.16
C LYS A 72 -6.58 9.17 8.51
N ASP A 73 -6.91 10.27 7.85
CA ASP A 73 -8.12 11.07 8.01
C ASP A 73 -9.34 10.29 7.54
N LYS A 74 -9.15 9.53 6.45
CA LYS A 74 -10.11 8.57 5.92
C LYS A 74 -10.37 7.40 6.87
N GLY A 75 -9.53 7.22 7.91
CA GLY A 75 -9.55 6.02 8.72
C GLY A 75 -9.18 4.79 7.89
N ALA A 76 -8.46 4.95 6.78
CA ALA A 76 -7.92 3.83 6.01
C ALA A 76 -6.65 3.32 6.69
N ILE A 77 -5.84 4.23 7.24
CA ILE A 77 -4.62 3.89 7.94
C ILE A 77 -4.57 4.69 9.24
N PHE A 78 -3.52 4.46 10.02
CA PHE A 78 -3.29 5.13 11.26
C PHE A 78 -1.80 5.18 11.54
N GLU A 79 -1.41 5.93 12.57
CA GLU A 79 -0.05 5.99 13.06
C GLU A 79 -0.07 5.61 14.55
N PRO A 80 -0.16 4.30 14.88
CA PRO A 80 -0.31 3.84 16.26
C PRO A 80 0.94 4.09 17.13
N ALA A 81 2.09 4.34 16.51
CA ALA A 81 3.33 4.68 17.21
C ALA A 81 4.10 5.75 16.43
N ARG A 82 5.19 6.23 17.04
CA ARG A 82 5.98 7.43 16.74
C ARG A 82 6.66 7.49 15.35
N GLY A 83 6.30 6.60 14.43
CA GLY A 83 6.83 6.51 13.09
C GLY A 83 6.51 5.14 12.48
N TYR A 84 5.30 4.62 12.72
CA TYR A 84 4.80 3.35 12.25
C TYR A 84 3.40 3.63 11.70
N LEU A 85 3.20 3.49 10.38
CA LEU A 85 1.85 3.48 9.81
C LEU A 85 1.29 2.08 9.81
N LYS A 86 0.03 1.97 10.22
CA LYS A 86 -0.74 0.75 10.30
C LYS A 86 -1.93 0.88 9.36
N ILE A 87 -2.23 -0.19 8.64
CA ILE A 87 -3.53 -0.28 7.96
C ILE A 87 -4.60 -0.56 9.01
N VAL A 88 -5.66 0.28 9.06
CA VAL A 88 -6.64 0.25 10.16
C VAL A 88 -7.15 -1.16 10.48
N GLY A 1 -35.97 5.81 17.31
CA GLY A 1 -35.05 5.33 16.26
C GLY A 1 -33.65 5.11 16.83
N ALA A 2 -32.69 4.73 15.98
CA ALA A 2 -31.28 4.42 16.27
C ALA A 2 -31.06 3.22 17.21
N MET A 3 -31.84 3.12 18.30
CA MET A 3 -31.90 1.96 19.18
C MET A 3 -32.27 0.72 18.36
N GLY A 4 -31.35 -0.25 18.33
CA GLY A 4 -31.52 -1.57 17.76
C GLY A 4 -30.25 -2.38 18.01
N GLU A 5 -30.36 -3.70 17.95
CA GLU A 5 -29.42 -4.66 18.51
C GLU A 5 -28.04 -4.59 17.85
N THR A 6 -27.01 -5.03 18.57
CA THR A 6 -25.60 -4.87 18.24
C THR A 6 -25.17 -5.63 16.97
N GLY A 7 -25.98 -6.58 16.48
CA GLY A 7 -25.70 -7.35 15.28
C GLY A 7 -25.97 -6.56 14.02
N LYS A 8 -25.17 -5.52 13.82
CA LYS A 8 -25.13 -4.79 12.58
C LYS A 8 -24.49 -5.67 11.50
N ILE A 9 -24.80 -5.39 10.23
CA ILE A 9 -24.23 -6.03 9.05
C ILE A 9 -24.04 -4.96 7.98
N ASP A 10 -23.41 -5.32 6.86
CA ASP A 10 -23.22 -4.49 5.68
C ASP A 10 -23.41 -5.40 4.44
N ILE A 11 -23.55 -4.79 3.27
CA ILE A 11 -23.47 -5.49 1.97
C ILE A 11 -22.63 -4.59 1.03
N ASP A 12 -21.74 -3.80 1.61
CA ASP A 12 -21.17 -2.60 1.04
C ASP A 12 -19.83 -2.92 0.42
N LYS A 13 -19.95 -3.78 -0.58
CA LYS A 13 -18.88 -4.48 -1.22
C LYS A 13 -18.02 -5.36 -0.29
N VAL A 14 -18.69 -5.94 0.70
CA VAL A 14 -18.20 -7.14 1.39
C VAL A 14 -18.07 -8.27 0.35
N GLU A 15 -18.85 -8.19 -0.75
CA GLU A 15 -18.79 -9.01 -1.96
C GLU A 15 -18.74 -8.07 -3.20
N GLY A 16 -19.20 -8.49 -4.39
CA GLY A 16 -19.51 -7.58 -5.51
C GLY A 16 -18.32 -6.86 -6.12
N ARG A 17 -17.09 -7.37 -5.93
CA ARG A 17 -15.85 -6.66 -6.26
C ARG A 17 -15.72 -6.48 -7.77
N THR A 18 -15.28 -5.30 -8.18
CA THR A 18 -14.68 -5.08 -9.49
C THR A 18 -13.19 -5.42 -9.42
N PRO A 19 -12.47 -5.36 -10.55
CA PRO A 19 -11.03 -5.21 -10.52
C PRO A 19 -10.68 -3.85 -9.86
N LYS A 20 -9.38 -3.59 -9.68
CA LYS A 20 -8.89 -2.23 -9.45
C LYS A 20 -9.09 -1.42 -10.74
N SER A 21 -9.14 -0.09 -10.61
CA SER A 21 -9.02 0.81 -11.75
C SER A 21 -7.57 0.85 -12.24
N GLU A 22 -6.70 1.48 -11.46
CA GLU A 22 -5.26 1.63 -11.68
C GLU A 22 -4.64 1.96 -10.30
N ARG A 23 -3.31 2.01 -10.22
CA ARG A 23 -2.62 2.63 -9.10
C ARG A 23 -2.90 4.14 -9.07
N ASP A 24 -2.52 4.77 -7.97
CA ASP A 24 -2.73 6.17 -7.62
C ASP A 24 -1.75 6.49 -6.49
N LYS A 25 -1.49 7.76 -6.17
CA LYS A 25 -0.66 8.12 -5.02
C LYS A 25 -1.18 7.46 -3.74
N PHE A 26 -2.51 7.45 -3.52
CA PHE A 26 -3.10 6.79 -2.36
C PHE A 26 -2.82 5.28 -2.38
N ARG A 27 -3.03 4.64 -3.54
CA ARG A 27 -2.74 3.23 -3.73
C ARG A 27 -1.25 2.97 -3.50
N LEU A 28 -0.35 3.78 -4.08
CA LEU A 28 1.10 3.61 -4.03
C LEU A 28 1.56 3.66 -2.58
N LEU A 29 1.10 4.65 -1.81
CA LEU A 29 1.40 4.71 -0.40
C LEU A 29 0.84 3.46 0.29
N LEU A 30 -0.45 3.17 0.14
CA LEU A 30 -1.11 2.10 0.87
C LEU A 30 -0.50 0.73 0.57
N GLU A 31 -0.14 0.46 -0.68
CA GLU A 31 0.46 -0.81 -1.08
C GLU A 31 1.81 -0.99 -0.37
N LEU A 32 2.61 0.08 -0.31
CA LEU A 32 3.87 0.06 0.44
C LEU A 32 3.62 -0.19 1.92
N ILE A 33 2.52 0.34 2.49
CA ILE A 33 2.21 0.07 3.89
C ILE A 33 1.98 -1.44 4.07
N LYS A 34 1.40 -2.16 3.09
CA LYS A 34 1.20 -3.61 3.23
C LYS A 34 2.56 -4.28 3.24
N GLU A 35 3.37 -3.92 2.23
CA GLU A 35 4.61 -4.61 1.91
C GLU A 35 5.75 -4.21 2.86
N TYR A 36 5.44 -3.38 3.87
CA TYR A 36 6.34 -3.01 4.94
C TYR A 36 5.73 -3.29 6.31
N GLU A 37 4.39 -3.44 6.43
CA GLU A 37 3.81 -4.09 7.58
C GLU A 37 4.28 -5.54 7.57
N ASP A 38 4.02 -6.29 6.49
CA ASP A 38 4.30 -7.73 6.43
C ASP A 38 5.79 -8.02 6.58
N ASP A 39 6.64 -7.06 6.23
CA ASP A 39 8.09 -7.13 6.33
C ASP A 39 8.54 -7.08 7.78
N TYR A 40 7.90 -6.20 8.55
CA TYR A 40 8.14 -6.02 9.97
C TYR A 40 7.25 -6.96 10.81
N GLY A 41 6.32 -7.68 10.17
CA GLY A 41 5.33 -8.51 10.84
C GLY A 41 4.20 -7.69 11.48
N GLY A 42 4.02 -6.45 11.02
CA GLY A 42 2.97 -5.52 11.38
C GLY A 42 3.55 -4.26 12.01
N ARG A 43 4.43 -3.52 11.30
CA ARG A 43 4.97 -2.27 11.84
C ARG A 43 5.49 -1.26 10.79
N ALA A 44 4.85 -1.14 9.62
CA ALA A 44 5.33 -0.35 8.47
C ALA A 44 5.88 1.04 8.87
N PRO A 45 7.20 1.24 8.86
CA PRO A 45 7.80 2.47 9.35
C PRO A 45 7.59 3.64 8.39
N THR A 46 7.07 4.77 8.89
CA THR A 46 6.65 5.95 8.14
C THR A 46 7.84 6.58 7.42
N ASN A 47 9.01 6.57 8.06
CA ASN A 47 10.25 7.07 7.46
C ASN A 47 10.58 6.31 6.18
N ILE A 48 10.44 4.99 6.24
CA ILE A 48 10.77 4.15 5.12
C ILE A 48 9.69 4.31 4.06
N LEU A 49 8.41 4.40 4.43
CA LEU A 49 7.33 4.71 3.49
C LEU A 49 7.63 5.96 2.66
N ILE A 50 8.07 7.04 3.31
CA ILE A 50 8.50 8.25 2.63
C ILE A 50 9.67 7.90 1.71
N THR A 51 10.75 7.36 2.27
CA THR A 51 12.00 7.04 1.57
C THR A 51 11.71 6.21 0.31
N GLU A 52 10.99 5.11 0.45
CA GLU A 52 10.61 4.18 -0.60
C GLU A 52 9.80 4.89 -1.67
N MET A 53 8.81 5.70 -1.28
CA MET A 53 8.03 6.47 -2.24
C MET A 53 8.95 7.38 -3.08
N MET A 54 9.95 8.05 -2.48
CA MET A 54 10.86 8.91 -3.24
C MET A 54 11.85 8.11 -4.09
N ASP A 55 12.04 6.82 -3.80
CA ASP A 55 13.07 6.00 -4.42
C ASP A 55 12.51 5.12 -5.51
N ARG A 56 11.19 4.86 -5.46
CA ARG A 56 10.53 3.90 -6.34
C ARG A 56 9.39 4.53 -7.12
N TYR A 57 8.84 5.66 -6.64
CA TYR A 57 7.79 6.41 -7.33
C TYR A 57 8.14 7.90 -7.44
N ASN A 58 9.33 8.28 -6.96
CA ASN A 58 9.90 9.63 -6.88
C ASN A 58 8.92 10.72 -6.41
N VAL A 59 8.09 10.37 -5.43
CA VAL A 59 7.16 11.30 -4.79
C VAL A 59 7.93 12.03 -3.67
N SER A 60 7.91 13.37 -3.67
CA SER A 60 8.59 14.21 -2.70
C SER A 60 7.96 14.04 -1.31
N GLU A 61 8.75 14.24 -0.26
CA GLU A 61 8.37 13.95 1.12
C GLU A 61 7.07 14.63 1.52
N GLU A 62 6.83 15.85 1.05
CA GLU A 62 5.60 16.60 1.36
C GLU A 62 4.41 15.95 0.65
N LYS A 63 4.62 15.62 -0.62
CA LYS A 63 3.70 14.97 -1.54
C LYS A 63 3.43 13.52 -1.14
N VAL A 64 4.23 12.95 -0.23
CA VAL A 64 3.94 11.71 0.50
C VAL A 64 3.26 12.01 1.84
N GLU A 65 3.76 12.94 2.66
CA GLU A 65 3.19 13.25 3.97
C GLU A 65 1.73 13.65 3.87
N GLU A 66 1.32 14.27 2.77
CA GLU A 66 -0.09 14.54 2.55
C GLU A 66 -0.88 13.22 2.44
N LEU A 67 -0.35 12.23 1.69
CA LEU A 67 -0.96 10.92 1.49
C LEU A 67 -1.08 10.25 2.85
N ILE A 68 -0.01 10.36 3.63
CA ILE A 68 0.05 9.86 4.99
C ILE A 68 -1.05 10.49 5.82
N ARG A 69 -1.33 11.81 5.72
CA ARG A 69 -2.46 12.34 6.49
C ARG A 69 -3.77 11.88 5.89
N ILE A 70 -3.97 12.03 4.58
CA ILE A 70 -5.24 11.74 3.91
C ILE A 70 -5.70 10.33 4.26
N LEU A 71 -4.85 9.32 4.09
CA LEU A 71 -5.29 7.96 4.39
C LEU A 71 -5.53 7.75 5.90
N LYS A 72 -4.89 8.53 6.77
CA LYS A 72 -5.09 8.50 8.23
C LYS A 72 -6.45 9.12 8.56
N ASP A 73 -6.73 10.23 7.89
CA ASP A 73 -7.91 11.08 7.97
C ASP A 73 -9.13 10.29 7.51
N LYS A 74 -8.95 9.48 6.44
CA LYS A 74 -9.95 8.54 5.94
C LYS A 74 -10.21 7.37 6.90
N GLY A 75 -9.37 7.15 7.91
CA GLY A 75 -9.40 5.93 8.70
C GLY A 75 -9.07 4.70 7.85
N ALA A 76 -8.31 4.88 6.75
CA ALA A 76 -7.75 3.77 5.99
C ALA A 76 -6.49 3.25 6.69
N ILE A 77 -5.70 4.18 7.25
CA ILE A 77 -4.50 3.85 8.01
C ILE A 77 -4.54 4.64 9.31
N PHE A 78 -3.54 4.40 10.15
CA PHE A 78 -3.44 4.98 11.46
C PHE A 78 -1.99 5.02 11.87
N GLU A 79 -1.67 5.77 12.92
CA GLU A 79 -0.33 5.88 13.45
C GLU A 79 -0.36 5.43 14.92
N PRO A 80 -0.35 4.11 15.19
CA PRO A 80 -0.38 3.53 16.54
C PRO A 80 0.90 3.84 17.34
N ALA A 81 2.01 4.07 16.64
CA ALA A 81 3.27 4.52 17.20
C ALA A 81 3.77 5.61 16.30
N ARG A 82 4.53 6.54 16.88
CA ARG A 82 5.13 7.62 16.13
C ARG A 82 6.16 7.01 15.21
N GLY A 83 5.86 7.07 13.92
CA GLY A 83 6.69 6.46 12.90
C GLY A 83 6.31 5.04 12.52
N TYR A 84 5.16 4.49 12.95
CA TYR A 84 4.59 3.25 12.42
C TYR A 84 3.24 3.61 11.84
N LEU A 85 3.04 3.42 10.54
CA LEU A 85 1.72 3.45 9.93
C LEU A 85 1.10 2.07 9.89
N LYS A 86 0.02 1.88 10.64
CA LYS A 86 -0.80 0.68 10.60
C LYS A 86 -1.87 0.84 9.54
N ILE A 87 -2.12 -0.22 8.79
CA ILE A 87 -3.37 -0.33 8.03
C ILE A 87 -4.49 -0.62 9.02
N VAL A 88 -5.55 0.20 9.04
CA VAL A 88 -6.60 0.10 10.08
C VAL A 88 -7.11 -1.32 10.26
N GLY A 1 -5.23 -51.10 1.70
CA GLY A 1 -5.12 -49.65 1.95
C GLY A 1 -6.50 -49.03 2.12
N ALA A 2 -6.58 -47.71 2.05
CA ALA A 2 -7.86 -47.01 1.92
C ALA A 2 -8.42 -47.22 0.51
N MET A 3 -9.63 -46.69 0.26
CA MET A 3 -10.26 -46.58 -1.04
C MET A 3 -11.09 -45.29 -1.02
N GLY A 4 -11.58 -44.85 -2.19
CA GLY A 4 -12.33 -43.61 -2.34
C GLY A 4 -11.39 -42.48 -2.75
N GLU A 5 -11.12 -42.37 -4.06
CA GLU A 5 -10.37 -41.25 -4.63
C GLU A 5 -11.17 -39.96 -4.40
N THR A 6 -10.70 -39.10 -3.49
CA THR A 6 -11.41 -37.88 -3.10
C THR A 6 -11.56 -36.87 -4.21
N GLY A 7 -10.69 -36.95 -5.21
CA GLY A 7 -10.46 -35.80 -6.03
C GLY A 7 -9.35 -36.08 -7.04
N LYS A 8 -9.08 -35.12 -7.91
CA LYS A 8 -7.83 -35.03 -8.68
C LYS A 8 -7.43 -33.56 -8.74
N ILE A 9 -6.15 -33.29 -9.00
CA ILE A 9 -5.58 -31.96 -9.02
C ILE A 9 -4.72 -31.87 -10.28
N ASP A 10 -4.81 -30.73 -10.98
CA ASP A 10 -3.81 -30.26 -11.92
C ASP A 10 -3.84 -28.72 -11.86
N ILE A 11 -2.94 -28.04 -12.57
CA ILE A 11 -2.80 -26.60 -12.79
C ILE A 11 -2.50 -25.80 -11.51
N ASP A 12 -2.91 -26.26 -10.35
CA ASP A 12 -2.76 -25.71 -9.00
C ASP A 12 -1.39 -25.07 -8.76
N LYS A 13 -0.34 -25.70 -9.29
CA LYS A 13 1.04 -25.25 -9.26
C LYS A 13 1.31 -23.92 -9.97
N VAL A 14 0.38 -23.39 -10.76
CA VAL A 14 0.59 -22.21 -11.61
C VAL A 14 -0.73 -21.49 -11.96
N GLU A 15 -0.73 -20.16 -11.96
CA GLU A 15 -1.83 -19.35 -12.45
C GLU A 15 -1.32 -18.18 -13.32
N GLY A 16 -2.25 -17.33 -13.79
CA GLY A 16 -1.96 -16.09 -14.47
C GLY A 16 -2.53 -14.94 -13.64
N ARG A 17 -1.67 -14.03 -13.17
CA ARG A 17 -2.01 -12.85 -12.39
C ARG A 17 -1.16 -11.68 -12.92
N THR A 18 -1.58 -10.45 -12.62
CA THR A 18 -0.86 -9.21 -12.94
C THR A 18 -1.06 -8.24 -11.77
N PRO A 19 -0.36 -7.09 -11.77
CA PRO A 19 -0.79 -5.94 -11.01
C PRO A 19 -2.14 -5.44 -11.56
N LYS A 20 -2.72 -4.44 -10.89
CA LYS A 20 -3.82 -3.65 -11.44
C LYS A 20 -3.29 -2.71 -12.52
N SER A 21 -4.20 -2.24 -13.38
CA SER A 21 -3.88 -1.25 -14.41
C SER A 21 -4.02 0.15 -13.82
N GLU A 22 -5.10 0.36 -13.07
CA GLU A 22 -5.36 1.55 -12.29
C GLU A 22 -4.44 1.57 -11.06
N ARG A 23 -4.04 2.77 -10.63
CA ARG A 23 -3.29 3.01 -9.41
C ARG A 23 -3.57 4.45 -8.98
N ASP A 24 -3.09 4.82 -7.79
CA ASP A 24 -3.22 6.15 -7.22
C ASP A 24 -2.03 6.38 -6.32
N LYS A 25 -1.65 7.63 -6.05
CA LYS A 25 -0.73 7.95 -4.96
C LYS A 25 -1.19 7.25 -3.68
N PHE A 26 -2.51 7.28 -3.41
CA PHE A 26 -3.13 6.61 -2.27
C PHE A 26 -2.82 5.12 -2.27
N ARG A 27 -2.96 4.45 -3.43
CA ARG A 27 -2.61 3.05 -3.59
C ARG A 27 -1.10 2.87 -3.42
N LEU A 28 -0.28 3.69 -4.09
CA LEU A 28 1.17 3.55 -4.09
C LEU A 28 1.68 3.60 -2.64
N LEU A 29 1.14 4.51 -1.82
CA LEU A 29 1.45 4.55 -0.40
C LEU A 29 0.89 3.30 0.31
N LEU A 30 -0.39 2.95 0.13
CA LEU A 30 -1.04 1.94 0.93
C LEU A 30 -0.47 0.54 0.67
N GLU A 31 -0.03 0.28 -0.56
CA GLU A 31 0.60 -0.96 -0.99
C GLU A 31 1.97 -1.08 -0.34
N LEU A 32 2.74 0.01 -0.25
CA LEU A 32 3.97 0.01 0.53
C LEU A 32 3.68 -0.24 2.00
N ILE A 33 2.56 0.28 2.54
CA ILE A 33 2.20 0.00 3.92
C ILE A 33 2.04 -1.52 4.10
N LYS A 34 1.40 -2.24 3.16
CA LYS A 34 1.15 -3.66 3.40
C LYS A 34 2.40 -4.49 3.14
N GLU A 35 3.24 -4.08 2.17
CA GLU A 35 4.47 -4.79 1.91
C GLU A 35 5.46 -4.66 3.07
N TYR A 36 5.33 -3.62 3.90
CA TYR A 36 6.28 -3.32 4.97
C TYR A 36 5.69 -3.55 6.35
N GLU A 37 4.36 -3.69 6.45
CA GLU A 37 3.71 -4.29 7.60
C GLU A 37 4.30 -5.68 7.78
N ASP A 38 4.06 -6.59 6.83
CA ASP A 38 4.38 -8.01 6.97
C ASP A 38 5.88 -8.23 7.15
N ASP A 39 6.69 -7.33 6.60
CA ASP A 39 8.15 -7.36 6.66
C ASP A 39 8.64 -7.07 8.07
N TYR A 40 7.98 -6.12 8.73
CA TYR A 40 8.26 -5.75 10.10
C TYR A 40 7.41 -6.55 11.09
N GLY A 41 6.52 -7.41 10.57
CA GLY A 41 5.67 -8.28 11.40
C GLY A 41 4.45 -7.53 11.93
N GLY A 42 4.05 -6.48 11.21
CA GLY A 42 2.86 -5.68 11.39
C GLY A 42 3.17 -4.22 11.69
N ARG A 43 4.28 -3.66 11.15
CA ARG A 43 4.58 -2.23 11.30
C ARG A 43 4.33 -1.42 10.04
N ALA A 44 5.29 -1.38 9.12
CA ALA A 44 5.43 -0.35 8.08
C ALA A 44 5.85 0.99 8.70
N PRO A 45 7.16 1.20 8.93
CA PRO A 45 7.70 2.46 9.41
C PRO A 45 7.49 3.62 8.42
N THR A 46 7.02 4.76 8.95
CA THR A 46 6.66 5.96 8.21
C THR A 46 7.89 6.52 7.48
N ASN A 47 9.05 6.46 8.12
CA ASN A 47 10.28 6.99 7.56
C ASN A 47 10.68 6.22 6.29
N ILE A 48 10.47 4.90 6.30
CA ILE A 48 10.76 4.04 5.17
C ILE A 48 9.72 4.28 4.09
N LEU A 49 8.43 4.34 4.45
CA LEU A 49 7.33 4.65 3.52
C LEU A 49 7.62 5.90 2.69
N ILE A 50 8.02 6.97 3.35
CA ILE A 50 8.38 8.23 2.70
C ILE A 50 9.56 7.96 1.75
N THR A 51 10.66 7.45 2.30
CA THR A 51 11.91 7.20 1.57
C THR A 51 11.61 6.39 0.30
N GLU A 52 10.96 5.24 0.46
CA GLU A 52 10.59 4.32 -0.62
C GLU A 52 9.71 5.00 -1.66
N MET A 53 8.73 5.81 -1.25
CA MET A 53 7.89 6.49 -2.23
C MET A 53 8.74 7.46 -3.08
N MET A 54 9.72 8.15 -2.47
CA MET A 54 10.61 9.04 -3.23
C MET A 54 11.57 8.23 -4.10
N ASP A 55 11.86 6.99 -3.72
CA ASP A 55 12.84 6.15 -4.39
C ASP A 55 12.20 5.54 -5.62
N ARG A 56 11.03 4.95 -5.40
CA ARG A 56 10.31 4.16 -6.38
C ARG A 56 9.51 5.05 -7.33
N TYR A 57 9.03 6.21 -6.86
CA TYR A 57 8.04 7.01 -7.58
C TYR A 57 8.38 8.50 -7.64
N ASN A 58 9.51 8.91 -7.04
CA ASN A 58 9.98 10.30 -6.99
C ASN A 58 8.93 11.25 -6.38
N VAL A 59 8.09 10.74 -5.47
CA VAL A 59 7.11 11.55 -4.77
C VAL A 59 7.86 12.12 -3.57
N SER A 60 8.04 13.44 -3.54
CA SER A 60 8.78 14.17 -2.53
C SER A 60 8.15 13.94 -1.16
N GLU A 61 8.93 14.08 -0.09
CA GLU A 61 8.53 13.84 1.28
C GLU A 61 7.19 14.52 1.61
N GLU A 62 7.01 15.77 1.18
CA GLU A 62 5.76 16.54 1.37
C GLU A 62 4.59 15.86 0.66
N LYS A 63 4.85 15.45 -0.57
CA LYS A 63 3.93 14.84 -1.51
C LYS A 63 3.61 13.39 -1.13
N VAL A 64 4.37 12.76 -0.22
CA VAL A 64 4.00 11.53 0.48
C VAL A 64 3.31 11.85 1.79
N GLU A 65 3.80 12.82 2.58
CA GLU A 65 3.21 13.18 3.86
C GLU A 65 1.73 13.49 3.69
N GLU A 66 1.35 14.16 2.61
CA GLU A 66 -0.06 14.42 2.31
C GLU A 66 -0.86 13.10 2.28
N LEU A 67 -0.32 12.07 1.62
CA LEU A 67 -0.94 10.75 1.46
C LEU A 67 -1.15 10.15 2.83
N ILE A 68 -0.11 10.27 3.66
CA ILE A 68 -0.14 9.80 5.02
C ILE A 68 -1.29 10.49 5.74
N ARG A 69 -1.48 11.82 5.60
CA ARG A 69 -2.54 12.49 6.37
C ARG A 69 -3.90 12.11 5.81
N ILE A 70 -4.05 12.17 4.49
CA ILE A 70 -5.29 11.84 3.77
C ILE A 70 -5.76 10.46 4.22
N LEU A 71 -4.95 9.40 4.03
CA LEU A 71 -5.40 8.06 4.38
C LEU A 71 -5.62 7.89 5.89
N LYS A 72 -4.97 8.71 6.73
CA LYS A 72 -5.21 8.70 8.19
C LYS A 72 -6.58 9.29 8.50
N ASP A 73 -6.88 10.38 7.81
CA ASP A 73 -8.09 11.19 7.93
C ASP A 73 -9.30 10.39 7.49
N LYS A 74 -9.12 9.61 6.42
CA LYS A 74 -10.10 8.65 5.92
C LYS A 74 -10.32 7.48 6.88
N GLY A 75 -9.49 7.32 7.91
CA GLY A 75 -9.49 6.12 8.74
C GLY A 75 -9.14 4.88 7.94
N ALA A 76 -8.39 5.03 6.83
CA ALA A 76 -7.86 3.91 6.07
C ALA A 76 -6.57 3.40 6.73
N ILE A 77 -5.75 4.32 7.26
CA ILE A 77 -4.54 3.98 7.99
C ILE A 77 -4.53 4.78 9.29
N PHE A 78 -3.53 4.51 10.11
CA PHE A 78 -3.31 5.19 11.36
C PHE A 78 -1.86 5.07 11.76
N GLU A 79 -1.44 5.84 12.75
CA GLU A 79 -0.07 5.89 13.23
C GLU A 79 -0.09 5.47 14.70
N PRO A 80 -0.15 4.14 15.00
CA PRO A 80 -0.29 3.63 16.36
C PRO A 80 0.94 3.90 17.23
N ALA A 81 2.09 4.20 16.61
CA ALA A 81 3.34 4.54 17.28
C ALA A 81 4.04 5.69 16.57
N ARG A 82 5.23 6.04 17.06
CA ARG A 82 5.99 7.16 16.54
C ARG A 82 6.81 6.69 15.37
N GLY A 83 6.18 6.88 14.23
CA GLY A 83 6.69 6.58 12.92
C GLY A 83 6.47 5.14 12.49
N TYR A 84 5.31 4.57 12.84
CA TYR A 84 4.83 3.29 12.32
C TYR A 84 3.39 3.52 11.85
N LEU A 85 3.08 3.21 10.58
CA LEU A 85 1.77 3.35 9.97
C LEU A 85 1.08 2.01 9.80
N LYS A 86 0.01 1.78 10.55
CA LYS A 86 -0.85 0.60 10.47
C LYS A 86 -1.98 0.87 9.49
N ILE A 87 -2.37 -0.15 8.72
CA ILE A 87 -3.65 -0.16 8.04
C ILE A 87 -4.73 -0.47 9.07
N VAL A 88 -5.78 0.37 9.14
CA VAL A 88 -6.78 0.33 10.22
C VAL A 88 -7.35 -1.07 10.42
N GLY A 1 6.57 -8.40 -48.06
CA GLY A 1 6.90 -9.08 -46.79
C GLY A 1 7.31 -8.06 -45.74
N ALA A 2 7.77 -8.52 -44.57
CA ALA A 2 8.32 -7.72 -43.51
C ALA A 2 9.35 -8.58 -42.75
N MET A 3 10.08 -7.96 -41.81
CA MET A 3 10.94 -8.61 -40.84
C MET A 3 10.99 -7.71 -39.59
N GLY A 4 11.65 -8.14 -38.53
CA GLY A 4 11.75 -7.44 -37.25
C GLY A 4 11.19 -8.25 -36.08
N GLU A 5 10.44 -9.32 -36.37
CA GLU A 5 10.10 -10.50 -35.56
C GLU A 5 9.42 -10.28 -34.19
N THR A 6 9.37 -9.05 -33.69
CA THR A 6 8.64 -8.67 -32.47
C THR A 6 7.14 -8.81 -32.58
N GLY A 7 6.64 -8.93 -33.80
CA GLY A 7 5.27 -8.62 -34.04
C GLY A 7 4.82 -9.10 -35.40
N LYS A 8 3.50 -9.13 -35.60
CA LYS A 8 2.85 -9.39 -36.87
C LYS A 8 1.55 -8.58 -36.88
N ILE A 9 0.88 -8.53 -38.02
CA ILE A 9 -0.54 -8.18 -38.08
C ILE A 9 -1.33 -9.21 -37.27
N ASP A 10 -2.25 -8.74 -36.42
CA ASP A 10 -3.29 -9.53 -35.77
C ASP A 10 -4.45 -8.57 -35.51
N ILE A 11 -5.66 -9.09 -35.33
CA ILE A 11 -6.90 -8.33 -35.19
C ILE A 11 -7.78 -9.08 -34.17
N ASP A 12 -8.94 -8.52 -33.81
CA ASP A 12 -9.98 -9.04 -32.93
C ASP A 12 -9.57 -9.22 -31.47
N LYS A 13 -8.26 -9.26 -31.17
CA LYS A 13 -7.72 -9.09 -29.82
C LYS A 13 -7.87 -7.63 -29.33
N VAL A 14 -8.19 -6.72 -30.24
CA VAL A 14 -8.20 -5.27 -30.08
C VAL A 14 -9.43 -4.83 -29.29
N GLU A 15 -9.41 -5.18 -28.00
CA GLU A 15 -10.52 -5.08 -27.07
C GLU A 15 -10.08 -4.34 -25.78
N GLY A 16 -10.57 -4.73 -24.61
CA GLY A 16 -10.34 -4.04 -23.34
C GLY A 16 -11.17 -2.77 -23.28
N ARG A 17 -10.70 -1.70 -23.95
CA ARG A 17 -11.31 -0.36 -24.01
C ARG A 17 -11.84 0.13 -22.66
N THR A 18 -11.09 -0.18 -21.63
CA THR A 18 -11.46 -0.11 -20.23
C THR A 18 -11.45 1.34 -19.69
N PRO A 19 -12.12 1.60 -18.55
CA PRO A 19 -12.06 2.87 -17.85
C PRO A 19 -10.72 3.03 -17.10
N LYS A 20 -10.57 4.12 -16.35
CA LYS A 20 -9.44 4.32 -15.45
C LYS A 20 -9.35 3.16 -14.46
N SER A 21 -8.18 2.54 -14.37
CA SER A 21 -7.95 1.33 -13.57
C SER A 21 -6.51 1.27 -13.01
N GLU A 22 -5.68 2.27 -13.31
CA GLU A 22 -4.27 2.34 -12.92
C GLU A 22 -4.11 2.64 -11.42
N ARG A 23 -2.86 2.60 -10.94
CA ARG A 23 -2.54 2.99 -9.57
C ARG A 23 -2.71 4.49 -9.35
N ASP A 24 -2.61 4.87 -8.07
CA ASP A 24 -2.98 6.16 -7.50
C ASP A 24 -2.03 6.44 -6.36
N LYS A 25 -1.77 7.71 -6.04
CA LYS A 25 -0.84 8.10 -4.98
C LYS A 25 -1.24 7.43 -3.66
N PHE A 26 -2.53 7.47 -3.34
CA PHE A 26 -3.07 6.86 -2.14
C PHE A 26 -2.79 5.35 -2.12
N ARG A 27 -2.98 4.69 -3.26
CA ARG A 27 -2.71 3.27 -3.43
C ARG A 27 -1.21 2.99 -3.34
N LEU A 28 -0.34 3.78 -4.00
CA LEU A 28 1.10 3.65 -3.97
C LEU A 28 1.59 3.69 -2.53
N LEU A 29 1.11 4.65 -1.73
CA LEU A 29 1.45 4.68 -0.32
C LEU A 29 0.92 3.43 0.39
N LEU A 30 -0.38 3.14 0.30
CA LEU A 30 -1.04 2.07 1.03
C LEU A 30 -0.45 0.70 0.72
N GLU A 31 -0.04 0.45 -0.53
CA GLU A 31 0.59 -0.80 -0.92
C GLU A 31 1.92 -0.97 -0.17
N LEU A 32 2.72 0.10 -0.06
CA LEU A 32 3.96 0.02 0.72
C LEU A 32 3.66 -0.21 2.20
N ILE A 33 2.55 0.32 2.73
CA ILE A 33 2.22 0.09 4.14
C ILE A 33 2.04 -1.42 4.38
N LYS A 34 1.28 -2.15 3.55
CA LYS A 34 1.04 -3.56 3.84
C LYS A 34 2.27 -4.38 3.51
N GLU A 35 2.94 -4.03 2.41
CA GLU A 35 4.08 -4.79 1.92
C GLU A 35 5.38 -4.46 2.66
N TYR A 36 5.26 -3.64 3.72
CA TYR A 36 6.24 -3.49 4.77
C TYR A 36 5.69 -3.98 6.10
N GLU A 37 4.41 -3.78 6.43
CA GLU A 37 3.84 -4.39 7.61
C GLU A 37 4.13 -5.89 7.63
N ASP A 38 3.83 -6.62 6.55
CA ASP A 38 4.02 -8.08 6.51
C ASP A 38 5.50 -8.45 6.68
N ASP A 39 6.39 -7.62 6.14
CA ASP A 39 7.84 -7.80 6.19
C ASP A 39 8.39 -7.57 7.60
N TYR A 40 7.84 -6.56 8.28
CA TYR A 40 8.21 -6.19 9.65
C TYR A 40 7.43 -7.05 10.65
N GLY A 41 6.47 -7.85 10.17
CA GLY A 41 5.62 -8.67 11.04
C GLY A 41 4.61 -7.80 11.78
N GLY A 42 4.33 -6.63 11.22
CA GLY A 42 3.34 -5.65 11.60
C GLY A 42 3.98 -4.31 11.96
N ARG A 43 4.90 -3.78 11.13
CA ARG A 43 5.21 -2.34 11.15
C ARG A 43 5.44 -1.82 9.73
N ALA A 44 4.98 -0.60 9.48
CA ALA A 44 5.35 0.17 8.30
C ALA A 44 5.92 1.50 8.79
N PRO A 45 7.25 1.61 8.94
CA PRO A 45 7.88 2.81 9.45
C PRO A 45 7.66 4.00 8.51
N THR A 46 7.10 5.09 9.04
CA THR A 46 6.60 6.26 8.31
C THR A 46 7.75 6.91 7.53
N ASN A 47 8.94 6.95 8.15
CA ASN A 47 10.12 7.51 7.51
C ASN A 47 10.53 6.71 6.28
N ILE A 48 10.44 5.39 6.38
CA ILE A 48 10.78 4.49 5.30
C ILE A 48 9.69 4.59 4.24
N LEU A 49 8.41 4.66 4.61
CA LEU A 49 7.31 4.91 3.68
C LEU A 49 7.55 6.14 2.81
N ILE A 50 8.00 7.24 3.41
CA ILE A 50 8.43 8.42 2.66
C ILE A 50 9.59 8.04 1.74
N THR A 51 10.69 7.56 2.32
CA THR A 51 11.94 7.26 1.63
C THR A 51 11.68 6.36 0.41
N GLU A 52 10.98 5.25 0.60
CA GLU A 52 10.62 4.27 -0.40
C GLU A 52 9.78 4.91 -1.50
N MET A 53 8.78 5.72 -1.15
CA MET A 53 7.98 6.43 -2.14
C MET A 53 8.87 7.32 -3.03
N MET A 54 9.86 8.03 -2.47
CA MET A 54 10.74 8.88 -3.28
C MET A 54 11.73 8.06 -4.11
N ASP A 55 11.94 6.77 -3.78
CA ASP A 55 12.98 5.95 -4.36
C ASP A 55 12.40 4.98 -5.39
N ARG A 56 11.10 4.71 -5.30
CA ARG A 56 10.43 3.68 -6.11
C ARG A 56 9.25 4.23 -6.89
N TYR A 57 8.70 5.39 -6.48
CA TYR A 57 7.66 6.09 -7.23
C TYR A 57 8.00 7.57 -7.43
N ASN A 58 9.17 8.01 -6.97
CA ASN A 58 9.72 9.36 -6.97
C ASN A 58 8.73 10.45 -6.60
N VAL A 59 7.92 10.18 -5.58
CA VAL A 59 7.02 11.17 -4.97
C VAL A 59 7.82 11.92 -3.89
N SER A 60 7.83 13.25 -3.94
CA SER A 60 8.54 14.13 -3.03
C SER A 60 7.96 13.97 -1.63
N GLU A 61 8.78 14.17 -0.59
CA GLU A 61 8.42 13.95 0.81
C GLU A 61 7.11 14.65 1.18
N GLU A 62 6.92 15.88 0.70
CA GLU A 62 5.71 16.67 0.95
C GLU A 62 4.49 16.00 0.31
N LYS A 63 4.68 15.54 -0.92
CA LYS A 63 3.66 14.88 -1.74
C LYS A 63 3.36 13.46 -1.27
N VAL A 64 4.22 12.90 -0.44
CA VAL A 64 3.93 11.71 0.37
C VAL A 64 3.25 12.09 1.68
N GLU A 65 3.73 13.09 2.43
CA GLU A 65 3.17 13.48 3.73
C GLU A 65 1.66 13.70 3.63
N GLU A 66 1.21 14.31 2.52
CA GLU A 66 -0.22 14.50 2.28
C GLU A 66 -0.93 13.15 2.32
N LEU A 67 -0.40 12.14 1.63
CA LEU A 67 -0.97 10.82 1.46
C LEU A 67 -1.12 10.21 2.85
N ILE A 68 -0.05 10.34 3.64
CA ILE A 68 -0.03 9.78 4.98
C ILE A 68 -1.14 10.43 5.79
N ARG A 69 -1.36 11.75 5.69
CA ARG A 69 -2.43 12.33 6.52
C ARG A 69 -3.80 11.98 5.96
N ILE A 70 -3.99 12.02 4.64
CA ILE A 70 -5.26 11.75 3.97
C ILE A 70 -5.72 10.36 4.37
N LEU A 71 -4.91 9.32 4.15
CA LEU A 71 -5.36 7.98 4.46
C LEU A 71 -5.60 7.77 5.96
N LYS A 72 -4.90 8.53 6.83
CA LYS A 72 -5.10 8.49 8.29
C LYS A 72 -6.44 9.09 8.66
N ASP A 73 -6.75 10.22 8.01
CA ASP A 73 -7.94 11.05 8.19
C ASP A 73 -9.18 10.27 7.79
N LYS A 74 -9.03 9.50 6.70
CA LYS A 74 -10.04 8.57 6.21
C LYS A 74 -10.23 7.36 7.13
N GLY A 75 -9.32 7.12 8.06
CA GLY A 75 -9.28 5.87 8.82
C GLY A 75 -9.06 4.67 7.90
N ALA A 76 -8.38 4.87 6.75
CA ALA A 76 -7.84 3.77 5.96
C ALA A 76 -6.56 3.26 6.62
N ILE A 77 -5.78 4.18 7.20
CA ILE A 77 -4.59 3.82 7.96
C ILE A 77 -4.59 4.60 9.27
N PHE A 78 -3.54 4.41 10.05
CA PHE A 78 -3.33 5.05 11.32
C PHE A 78 -1.85 5.11 11.62
N GLU A 79 -1.49 5.77 12.72
CA GLU A 79 -0.13 5.83 13.22
C GLU A 79 -0.16 5.44 14.70
N PRO A 80 -0.27 4.13 15.03
CA PRO A 80 -0.40 3.64 16.40
C PRO A 80 0.83 3.90 17.27
N ALA A 81 1.99 4.13 16.64
CA ALA A 81 3.18 4.57 17.32
C ALA A 81 3.89 5.63 16.50
N ARG A 82 4.91 6.24 17.12
CA ARG A 82 5.51 7.54 16.83
C ARG A 82 5.96 7.73 15.39
N GLY A 83 6.28 6.63 14.76
CA GLY A 83 6.65 6.55 13.35
C GLY A 83 6.34 5.19 12.76
N TYR A 84 5.22 4.58 13.14
CA TYR A 84 4.73 3.30 12.61
C TYR A 84 3.33 3.55 12.08
N LEU A 85 3.15 3.45 10.76
CA LEU A 85 1.82 3.42 10.14
C LEU A 85 1.26 2.01 10.12
N LYS A 86 -0.03 1.90 10.42
CA LYS A 86 -0.78 0.65 10.42
C LYS A 86 -1.95 0.79 9.48
N ILE A 87 -2.27 -0.29 8.77
CA ILE A 87 -3.55 -0.33 8.06
C ILE A 87 -4.68 -0.54 9.08
N VAL A 88 -5.64 0.40 9.05
CA VAL A 88 -6.61 0.78 10.06
C VAL A 88 -6.49 0.01 11.38
N GLY A 1 -15.05 -17.03 9.63
CA GLY A 1 -15.27 -18.09 10.64
C GLY A 1 -16.35 -19.05 10.17
N ALA A 2 -16.38 -20.28 10.69
CA ALA A 2 -17.27 -21.36 10.27
C ALA A 2 -17.28 -21.59 8.74
N MET A 3 -16.13 -21.35 8.10
CA MET A 3 -15.87 -21.48 6.66
C MET A 3 -14.43 -21.97 6.53
N GLY A 4 -14.05 -22.45 5.34
CA GLY A 4 -12.74 -22.99 5.03
C GLY A 4 -12.70 -23.42 3.57
N GLU A 5 -11.59 -24.03 3.17
CA GLU A 5 -11.27 -24.49 1.83
C GLU A 5 -12.39 -25.40 1.29
N THR A 6 -13.12 -24.93 0.27
CA THR A 6 -14.19 -25.65 -0.37
C THR A 6 -13.67 -26.97 -0.96
N GLY A 7 -14.42 -28.06 -0.80
CA GLY A 7 -14.01 -29.40 -1.23
C GLY A 7 -13.83 -29.55 -2.74
N LYS A 8 -14.38 -28.64 -3.54
CA LYS A 8 -14.09 -28.47 -4.95
C LYS A 8 -14.08 -26.96 -5.23
N ILE A 9 -13.42 -26.55 -6.31
CA ILE A 9 -13.47 -25.21 -6.87
C ILE A 9 -13.50 -25.33 -8.39
N ASP A 10 -13.73 -24.22 -9.08
CA ASP A 10 -13.67 -24.07 -10.53
C ASP A 10 -13.28 -22.60 -10.80
N ILE A 11 -12.87 -22.29 -12.03
CA ILE A 11 -12.60 -20.95 -12.53
C ILE A 11 -13.42 -20.60 -13.77
N ASP A 12 -13.91 -21.58 -14.52
CA ASP A 12 -14.70 -21.33 -15.73
C ASP A 12 -16.00 -20.61 -15.35
N LYS A 13 -16.63 -21.03 -14.26
CA LYS A 13 -17.80 -20.40 -13.67
C LYS A 13 -17.47 -19.20 -12.78
N VAL A 14 -16.18 -18.88 -12.59
CA VAL A 14 -15.72 -17.93 -11.57
C VAL A 14 -14.65 -17.01 -12.19
N GLU A 15 -15.13 -16.13 -13.06
CA GLU A 15 -14.43 -14.91 -13.43
C GLU A 15 -14.58 -13.87 -12.29
N GLY A 16 -14.25 -12.60 -12.55
CA GLY A 16 -14.47 -11.51 -11.60
C GLY A 16 -13.54 -10.32 -11.81
N ARG A 17 -12.65 -10.37 -12.80
CA ARG A 17 -11.55 -9.41 -12.94
C ARG A 17 -11.25 -9.23 -14.42
N THR A 18 -11.72 -8.11 -14.94
CA THR A 18 -11.64 -7.67 -16.33
C THR A 18 -10.19 -7.36 -16.74
N PRO A 19 -9.89 -7.18 -18.04
CA PRO A 19 -8.57 -6.77 -18.51
C PRO A 19 -8.31 -5.27 -18.18
N LYS A 20 -8.14 -4.97 -16.90
CA LYS A 20 -7.79 -3.65 -16.38
C LYS A 20 -6.92 -3.84 -15.13
N SER A 21 -6.00 -2.91 -14.89
CA SER A 21 -5.31 -2.68 -13.63
C SER A 21 -5.07 -1.16 -13.54
N GLU A 22 -4.75 -0.65 -12.36
CA GLU A 22 -4.60 0.77 -12.09
C GLU A 22 -3.74 0.98 -10.84
N ARG A 23 -3.25 2.22 -10.64
CA ARG A 23 -2.58 2.66 -9.42
C ARG A 23 -2.95 4.11 -9.15
N ASP A 24 -2.52 4.65 -8.01
CA ASP A 24 -2.84 5.99 -7.54
C ASP A 24 -1.78 6.33 -6.51
N LYS A 25 -1.31 7.59 -6.38
CA LYS A 25 -0.33 7.96 -5.35
C LYS A 25 -0.79 7.45 -3.97
N PHE A 26 -2.09 7.58 -3.65
CA PHE A 26 -2.66 7.06 -2.41
C PHE A 26 -2.46 5.56 -2.28
N ARG A 27 -2.64 4.82 -3.38
CA ARG A 27 -2.43 3.38 -3.46
C ARG A 27 -0.94 3.07 -3.36
N LEU A 28 -0.06 3.80 -4.06
CA LEU A 28 1.38 3.60 -3.99
C LEU A 28 1.84 3.73 -2.55
N LEU A 29 1.28 4.69 -1.77
CA LEU A 29 1.56 4.75 -0.34
C LEU A 29 0.98 3.52 0.38
N LEU A 30 -0.31 3.21 0.19
CA LEU A 30 -1.02 2.23 1.02
C LEU A 30 -0.42 0.84 0.84
N GLU A 31 0.01 0.54 -0.38
CA GLU A 31 0.54 -0.75 -0.74
C GLU A 31 1.97 -0.89 -0.21
N LEU A 32 2.72 0.22 -0.02
CA LEU A 32 3.91 0.15 0.82
C LEU A 32 3.55 -0.21 2.25
N ILE A 33 2.46 0.34 2.80
CA ILE A 33 2.11 0.06 4.19
C ILE A 33 1.90 -1.45 4.37
N LYS A 34 1.24 -2.17 3.44
CA LYS A 34 1.03 -3.61 3.62
C LYS A 34 2.32 -4.36 3.32
N GLU A 35 3.05 -3.96 2.28
CA GLU A 35 4.23 -4.67 1.83
C GLU A 35 5.44 -4.41 2.73
N TYR A 36 5.27 -3.57 3.77
CA TYR A 36 6.23 -3.40 4.84
C TYR A 36 5.66 -3.97 6.12
N GLU A 37 4.37 -3.74 6.44
CA GLU A 37 3.76 -4.37 7.59
C GLU A 37 3.98 -5.88 7.59
N ASP A 38 3.68 -6.58 6.49
CA ASP A 38 3.77 -8.03 6.46
C ASP A 38 5.21 -8.51 6.69
N ASP A 39 6.17 -7.75 6.17
CA ASP A 39 7.59 -8.01 6.31
C ASP A 39 8.08 -7.78 7.74
N TYR A 40 7.58 -6.71 8.37
CA TYR A 40 7.90 -6.34 9.74
C TYR A 40 7.07 -7.15 10.73
N GLY A 41 6.10 -7.94 10.22
CA GLY A 41 5.16 -8.67 11.06
C GLY A 41 4.19 -7.73 11.77
N GLY A 42 4.04 -6.52 11.22
CA GLY A 42 3.11 -5.48 11.59
C GLY A 42 3.81 -4.17 11.94
N ARG A 43 4.73 -3.69 11.08
CA ARG A 43 5.12 -2.28 11.08
C ARG A 43 5.41 -1.79 9.66
N ALA A 44 4.84 -0.65 9.28
CA ALA A 44 5.34 0.14 8.17
C ALA A 44 5.97 1.42 8.72
N PRO A 45 7.31 1.47 8.85
CA PRO A 45 8.00 2.63 9.38
C PRO A 45 7.87 3.83 8.42
N THR A 46 7.41 4.98 8.94
CA THR A 46 7.02 6.14 8.16
C THR A 46 8.21 6.74 7.42
N ASN A 47 9.38 6.72 8.07
CA ASN A 47 10.62 7.18 7.46
C ASN A 47 10.92 6.41 6.18
N ILE A 48 10.73 5.09 6.23
CA ILE A 48 11.01 4.23 5.09
C ILE A 48 9.96 4.47 4.03
N LEU A 49 8.65 4.51 4.38
CA LEU A 49 7.58 4.85 3.44
C LEU A 49 7.93 6.10 2.65
N ILE A 50 8.31 7.18 3.33
CA ILE A 50 8.66 8.45 2.71
C ILE A 50 9.84 8.24 1.74
N THR A 51 10.96 7.76 2.29
CA THR A 51 12.21 7.55 1.58
C THR A 51 11.98 6.71 0.30
N GLU A 52 11.36 5.55 0.48
CA GLU A 52 11.04 4.60 -0.58
C GLU A 52 10.06 5.23 -1.57
N MET A 53 9.03 5.95 -1.13
CA MET A 53 8.08 6.56 -2.05
C MET A 53 8.81 7.53 -3.01
N MET A 54 9.79 8.31 -2.51
CA MET A 54 10.59 9.18 -3.40
C MET A 54 11.39 8.39 -4.43
N ASP A 55 11.75 7.15 -4.11
CA ASP A 55 12.77 6.38 -4.82
C ASP A 55 12.17 5.27 -5.68
N ARG A 56 10.89 4.96 -5.46
CA ARG A 56 10.18 3.83 -6.04
C ARG A 56 8.97 4.33 -6.82
N TYR A 57 8.34 5.42 -6.36
CA TYR A 57 7.10 5.94 -6.93
C TYR A 57 7.16 7.45 -7.17
N ASN A 58 8.38 8.02 -7.04
CA ASN A 58 8.77 9.41 -7.04
C ASN A 58 7.68 10.36 -6.53
N VAL A 59 7.68 10.48 -5.22
CA VAL A 59 6.81 11.30 -4.41
C VAL A 59 7.71 12.03 -3.42
N SER A 60 7.82 13.35 -3.55
CA SER A 60 8.58 14.18 -2.63
C SER A 60 8.01 14.03 -1.21
N GLU A 61 8.81 14.29 -0.19
CA GLU A 61 8.41 14.13 1.21
C GLU A 61 7.11 14.88 1.51
N GLU A 62 6.96 16.08 0.94
CA GLU A 62 5.78 16.92 1.02
C GLU A 62 4.56 16.17 0.51
N LYS A 63 4.68 15.55 -0.66
CA LYS A 63 3.61 14.79 -1.24
C LYS A 63 3.32 13.59 -0.36
N VAL A 64 4.34 12.81 0.06
CA VAL A 64 4.07 11.61 0.84
C VAL A 64 3.37 12.01 2.13
N GLU A 65 3.84 13.05 2.81
CA GLU A 65 3.24 13.54 4.04
C GLU A 65 1.75 13.86 3.85
N GLU A 66 1.35 14.29 2.66
CA GLU A 66 -0.05 14.47 2.31
C GLU A 66 -0.80 13.13 2.25
N LEU A 67 -0.25 12.17 1.49
CA LEU A 67 -0.89 10.86 1.31
C LEU A 67 -1.06 10.21 2.68
N ILE A 68 -0.04 10.35 3.53
CA ILE A 68 -0.03 9.89 4.91
C ILE A 68 -1.21 10.49 5.66
N ARG A 69 -1.41 11.81 5.63
CA ARG A 69 -2.45 12.38 6.51
C ARG A 69 -3.84 12.10 5.98
N ILE A 70 -4.05 12.17 4.67
CA ILE A 70 -5.36 11.93 4.06
C ILE A 70 -5.84 10.54 4.43
N LEU A 71 -5.06 9.49 4.13
CA LEU A 71 -5.51 8.14 4.41
C LEU A 71 -5.68 7.90 5.93
N LYS A 72 -4.95 8.62 6.79
CA LYS A 72 -5.07 8.52 8.24
C LYS A 72 -6.39 9.11 8.70
N ASP A 73 -6.72 10.25 8.10
CA ASP A 73 -7.91 11.06 8.36
C ASP A 73 -9.16 10.29 7.97
N LYS A 74 -9.07 9.58 6.84
CA LYS A 74 -10.10 8.67 6.35
C LYS A 74 -10.26 7.44 7.23
N GLY A 75 -9.32 7.19 8.16
CA GLY A 75 -9.29 5.93 8.89
C GLY A 75 -9.09 4.74 7.94
N ALA A 76 -8.46 4.97 6.78
CA ALA A 76 -7.96 3.88 5.95
C ALA A 76 -6.69 3.32 6.57
N ILE A 77 -5.86 4.22 7.13
CA ILE A 77 -4.66 3.86 7.86
C ILE A 77 -4.68 4.62 9.18
N PHE A 78 -3.67 4.36 9.99
CA PHE A 78 -3.49 5.02 11.25
C PHE A 78 -2.00 5.04 11.60
N GLU A 79 -1.65 5.74 12.67
CA GLU A 79 -0.29 5.79 13.19
C GLU A 79 -0.34 5.33 14.66
N PRO A 80 -0.34 4.00 14.92
CA PRO A 80 -0.39 3.45 16.28
C PRO A 80 0.87 3.73 17.11
N ALA A 81 1.99 3.98 16.45
CA ALA A 81 3.22 4.40 17.11
C ALA A 81 3.80 5.56 16.33
N ARG A 82 4.62 6.35 17.03
CA ARG A 82 5.32 7.47 16.41
C ARG A 82 6.29 6.89 15.42
N GLY A 83 5.97 7.09 14.15
CA GLY A 83 6.76 6.59 13.05
C GLY A 83 6.45 5.16 12.62
N TYR A 84 5.30 4.59 13.02
CA TYR A 84 4.77 3.35 12.46
C TYR A 84 3.36 3.66 11.97
N LEU A 85 3.15 3.61 10.65
CA LEU A 85 1.81 3.64 10.08
C LEU A 85 1.30 2.22 9.84
N LYS A 86 0.00 2.03 10.06
CA LYS A 86 -0.72 0.77 10.07
C LYS A 86 -1.94 0.89 9.18
N ILE A 87 -2.25 -0.18 8.45
CA ILE A 87 -3.56 -0.24 7.78
C ILE A 87 -4.64 -0.56 8.82
N VAL A 88 -5.71 0.25 8.88
CA VAL A 88 -6.77 0.07 9.89
C VAL A 88 -7.33 -1.36 9.87
#